data_5HF2
# 
_entry.id   5HF2 
# 
_audit_conform.dict_name       mmcif_pdbx.dic 
_audit_conform.dict_version    5.387 
_audit_conform.dict_location   http://mmcif.pdb.org/dictionaries/ascii/mmcif_pdbx.dic 
# 
loop_
_database_2.database_id 
_database_2.database_code 
_database_2.pdbx_database_accession 
_database_2.pdbx_DOI 
PDB   5HF2         pdb_00005hf2 10.2210/pdb5hf2/pdb 
WWPDB D_1000216880 ?            ?                   
# 
loop_
_pdbx_audit_revision_history.ordinal 
_pdbx_audit_revision_history.data_content_type 
_pdbx_audit_revision_history.major_revision 
_pdbx_audit_revision_history.minor_revision 
_pdbx_audit_revision_history.revision_date 
1 'Structure model' 1 0 2017-01-18 
2 'Structure model' 1 1 2017-09-20 
3 'Structure model' 1 2 2019-12-11 
4 'Structure model' 1 3 2024-03-06 
# 
_pdbx_audit_revision_details.ordinal             1 
_pdbx_audit_revision_details.revision_ordinal    1 
_pdbx_audit_revision_details.data_content_type   'Structure model' 
_pdbx_audit_revision_details.provider            repository 
_pdbx_audit_revision_details.type                'Initial release' 
_pdbx_audit_revision_details.description         ? 
_pdbx_audit_revision_details.details             ? 
# 
loop_
_pdbx_audit_revision_group.ordinal 
_pdbx_audit_revision_group.revision_ordinal 
_pdbx_audit_revision_group.data_content_type 
_pdbx_audit_revision_group.group 
1 2 'Structure model' 'Author supporting evidence' 
2 3 'Structure model' 'Author supporting evidence' 
3 4 'Structure model' 'Data collection'            
4 4 'Structure model' 'Database references'        
# 
loop_
_pdbx_audit_revision_category.ordinal 
_pdbx_audit_revision_category.revision_ordinal 
_pdbx_audit_revision_category.data_content_type 
_pdbx_audit_revision_category.category 
1 2 'Structure model' pdbx_audit_support 
2 3 'Structure model' pdbx_audit_support 
3 4 'Structure model' chem_comp_atom     
4 4 'Structure model' chem_comp_bond     
5 4 'Structure model' database_2         
# 
loop_
_pdbx_audit_revision_item.ordinal 
_pdbx_audit_revision_item.revision_ordinal 
_pdbx_audit_revision_item.data_content_type 
_pdbx_audit_revision_item.item 
1 2 'Structure model' '_pdbx_audit_support.funding_organization' 
2 3 'Structure model' '_pdbx_audit_support.funding_organization' 
3 4 'Structure model' '_database_2.pdbx_DOI'                     
4 4 'Structure model' '_database_2.pdbx_database_accession'      
# 
_database_PDB_caveat.id     1 
_database_PDB_caveat.text   
;NADPH derivative ligand XNP should have flat Adenine ring, but the Adenine of the ligand model in this structure was built as pucker
;
# 
_pdbx_database_status.status_code                     REL 
_pdbx_database_status.status_code_sf                  REL 
_pdbx_database_status.status_code_mr                  ? 
_pdbx_database_status.entry_id                        5HF2 
_pdbx_database_status.recvd_initial_deposition_date   2016-01-06 
_pdbx_database_status.SG_entry                        N 
_pdbx_database_status.deposit_site                    RCSB 
_pdbx_database_status.process_site                    RCSB 
_pdbx_database_status.status_code_cs                  ? 
_pdbx_database_status.methods_development_category    ? 
_pdbx_database_status.pdb_format_compatible           Y 
_pdbx_database_status.status_code_nmr_data            ? 
# 
loop_
_pdbx_database_related.db_name 
_pdbx_database_related.details 
_pdbx_database_related.db_id 
_pdbx_database_related.content_type 
PDB '4XEC is the same protein complexed with a different PLA inhibitor.' 4XEC unspecified 
PDB .                                                                    5HF0 unspecified 
# 
loop_
_audit_author.name 
_audit_author.pdbx_ordinal 
_audit_author.identifier_ORCID 
'Reeve, S.M.'    1 ? 
'Anderson, A.C.' 2 ? 
# 
_citation.abstract                  ? 
_citation.abstract_id_CAS           ? 
_citation.book_id_ISBN              ? 
_citation.book_publisher            ? 
_citation.book_publisher_city       ? 
_citation.book_title                ? 
_citation.coordinate_linkage        ? 
_citation.country                   ? 
_citation.database_id_Medline       ? 
_citation.details                   ? 
_citation.id                        primary 
_citation.journal_abbrev            'To Be Published' 
_citation.journal_id_ASTM           ? 
_citation.journal_id_CSD            0353 
_citation.journal_id_ISSN           ? 
_citation.journal_full              ? 
_citation.journal_issue             ? 
_citation.journal_volume            ? 
_citation.language                  ? 
_citation.page_first                ? 
_citation.page_last                 ? 
_citation.title                     
;Staphylococcus aureus Dihydrofolate Reductase complexed with cyclized alpha-NADPH anomer and 3'-(3-(2,4-diamino-6-ethylpyrimidin-5-yl)prop-2-yn-1-yl)-5'-methoxy-[1,1'-biphenyl]-4-carboxylic acid (UCP1175)
;
_citation.year                      ? 
_citation.database_id_CSD           ? 
_citation.pdbx_database_id_DOI      ? 
_citation.pdbx_database_id_PubMed   ? 
_citation.unpublished_flag          ? 
# 
loop_
_citation_author.citation_id 
_citation_author.name 
_citation_author.ordinal 
_citation_author.identifier_ORCID 
primary 'Reeve, S.M.'    1 ? 
primary 'Anderson, A.C.' 2 ? 
# 
loop_
_entity.id 
_entity.type 
_entity.src_method 
_entity.pdbx_description 
_entity.formula_weight 
_entity.pdbx_number_of_molecules 
_entity.pdbx_ec 
_entity.pdbx_mutation 
_entity.pdbx_fragment 
_entity.details 
1 polymer     man 'Dihydrofolate reductase'                                                                    18015.557 1   
1.5.1.3 ? ? ? 
2 non-polymer syn 'Tricyclic NADPH'                                                                            745.421   1   ? ? ? 
? 
3 non-polymer syn '4-[3-[3-[2,4-bis(azanyl)-6-ethyl-pyrimidin-5-yl]prop-2-ynyl]-5-methoxy-phenyl]benzoic acid' 402.446   1   ? ? ? 
? 
4 non-polymer syn GLYCEROL                                                                                     92.094    1   ? ? ? 
? 
5 water       nat water                                                                                        18.015    120 ? ? ? 
? 
# 
_entity_name_com.entity_id   1 
_entity_name_com.name        DHFR 
# 
_entity_poly.entity_id                      1 
_entity_poly.type                           'polypeptide(L)' 
_entity_poly.nstd_linkage                   no 
_entity_poly.nstd_monomer                   no 
_entity_poly.pdbx_seq_one_letter_code       
;TLSILVAHDLQRVIGFENQLPWHLPNDLKHVKKLSTGHTLVMGRKTFESIGKPLPNRRNVVLTSDTSFNVEGVDVIHSIE
DIYQLPGHVFIFGGQTLFEEMIDKVDDMYITVIEGKFRGDTFFPPYTFEDWEVASSVEGKLDEKNTIPHTFLHLIRK
;
_entity_poly.pdbx_seq_one_letter_code_can   
;TLSILVAHDLQRVIGFENQLPWHLPNDLKHVKKLSTGHTLVMGRKTFESIGKPLPNRRNVVLTSDTSFNVEGVDVIHSIE
DIYQLPGHVFIFGGQTLFEEMIDKVDDMYITVIEGKFRGDTFFPPYTFEDWEVASSVEGKLDEKNTIPHTFLHLIRK
;
_entity_poly.pdbx_strand_id                 X 
_entity_poly.pdbx_target_identifier         ? 
# 
loop_
_pdbx_entity_nonpoly.entity_id 
_pdbx_entity_nonpoly.name 
_pdbx_entity_nonpoly.comp_id 
2 'Tricyclic NADPH'                                                                            XNP 
3 '4-[3-[3-[2,4-bis(azanyl)-6-ethyl-pyrimidin-5-yl]prop-2-ynyl]-5-methoxy-phenyl]benzoic acid' U75 
4 GLYCEROL                                                                                     GOL 
5 water                                                                                        HOH 
# 
loop_
_entity_poly_seq.entity_id 
_entity_poly_seq.num 
_entity_poly_seq.mon_id 
_entity_poly_seq.hetero 
1 1   THR n 
1 2   LEU n 
1 3   SER n 
1 4   ILE n 
1 5   LEU n 
1 6   VAL n 
1 7   ALA n 
1 8   HIS n 
1 9   ASP n 
1 10  LEU n 
1 11  GLN n 
1 12  ARG n 
1 13  VAL n 
1 14  ILE n 
1 15  GLY n 
1 16  PHE n 
1 17  GLU n 
1 18  ASN n 
1 19  GLN n 
1 20  LEU n 
1 21  PRO n 
1 22  TRP n 
1 23  HIS n 
1 24  LEU n 
1 25  PRO n 
1 26  ASN n 
1 27  ASP n 
1 28  LEU n 
1 29  LYS n 
1 30  HIS n 
1 31  VAL n 
1 32  LYS n 
1 33  LYS n 
1 34  LEU n 
1 35  SER n 
1 36  THR n 
1 37  GLY n 
1 38  HIS n 
1 39  THR n 
1 40  LEU n 
1 41  VAL n 
1 42  MET n 
1 43  GLY n 
1 44  ARG n 
1 45  LYS n 
1 46  THR n 
1 47  PHE n 
1 48  GLU n 
1 49  SER n 
1 50  ILE n 
1 51  GLY n 
1 52  LYS n 
1 53  PRO n 
1 54  LEU n 
1 55  PRO n 
1 56  ASN n 
1 57  ARG n 
1 58  ARG n 
1 59  ASN n 
1 60  VAL n 
1 61  VAL n 
1 62  LEU n 
1 63  THR n 
1 64  SER n 
1 65  ASP n 
1 66  THR n 
1 67  SER n 
1 68  PHE n 
1 69  ASN n 
1 70  VAL n 
1 71  GLU n 
1 72  GLY n 
1 73  VAL n 
1 74  ASP n 
1 75  VAL n 
1 76  ILE n 
1 77  HIS n 
1 78  SER n 
1 79  ILE n 
1 80  GLU n 
1 81  ASP n 
1 82  ILE n 
1 83  TYR n 
1 84  GLN n 
1 85  LEU n 
1 86  PRO n 
1 87  GLY n 
1 88  HIS n 
1 89  VAL n 
1 90  PHE n 
1 91  ILE n 
1 92  PHE n 
1 93  GLY n 
1 94  GLY n 
1 95  GLN n 
1 96  THR n 
1 97  LEU n 
1 98  PHE n 
1 99  GLU n 
1 100 GLU n 
1 101 MET n 
1 102 ILE n 
1 103 ASP n 
1 104 LYS n 
1 105 VAL n 
1 106 ASP n 
1 107 ASP n 
1 108 MET n 
1 109 TYR n 
1 110 ILE n 
1 111 THR n 
1 112 VAL n 
1 113 ILE n 
1 114 GLU n 
1 115 GLY n 
1 116 LYS n 
1 117 PHE n 
1 118 ARG n 
1 119 GLY n 
1 120 ASP n 
1 121 THR n 
1 122 PHE n 
1 123 PHE n 
1 124 PRO n 
1 125 PRO n 
1 126 TYR n 
1 127 THR n 
1 128 PHE n 
1 129 GLU n 
1 130 ASP n 
1 131 TRP n 
1 132 GLU n 
1 133 VAL n 
1 134 ALA n 
1 135 SER n 
1 136 SER n 
1 137 VAL n 
1 138 GLU n 
1 139 GLY n 
1 140 LYS n 
1 141 LEU n 
1 142 ASP n 
1 143 GLU n 
1 144 LYS n 
1 145 ASN n 
1 146 THR n 
1 147 ILE n 
1 148 PRO n 
1 149 HIS n 
1 150 THR n 
1 151 PHE n 
1 152 LEU n 
1 153 HIS n 
1 154 LEU n 
1 155 ILE n 
1 156 ARG n 
1 157 LYS n 
# 
_entity_src_gen.entity_id                          1 
_entity_src_gen.pdbx_src_id                        1 
_entity_src_gen.pdbx_alt_source_flag               sample 
_entity_src_gen.pdbx_seq_type                      'Biological sequence' 
_entity_src_gen.pdbx_beg_seq_num                   1 
_entity_src_gen.pdbx_end_seq_num                   157 
_entity_src_gen.gene_src_common_name               ? 
_entity_src_gen.gene_src_genus                     ? 
_entity_src_gen.pdbx_gene_src_gene                 folA 
_entity_src_gen.gene_src_species                   ? 
_entity_src_gen.gene_src_strain                    ? 
_entity_src_gen.gene_src_tissue                    ? 
_entity_src_gen.gene_src_tissue_fraction           ? 
_entity_src_gen.gene_src_details                   ? 
_entity_src_gen.pdbx_gene_src_fragment             ? 
_entity_src_gen.pdbx_gene_src_scientific_name      'Staphylococcus aureus' 
_entity_src_gen.pdbx_gene_src_ncbi_taxonomy_id     1280 
_entity_src_gen.pdbx_gene_src_variant              ? 
_entity_src_gen.pdbx_gene_src_cell_line            ? 
_entity_src_gen.pdbx_gene_src_atcc                 43300 
_entity_src_gen.pdbx_gene_src_organ                ? 
_entity_src_gen.pdbx_gene_src_organelle            ? 
_entity_src_gen.pdbx_gene_src_cell                 ? 
_entity_src_gen.pdbx_gene_src_cellular_location    ? 
_entity_src_gen.host_org_common_name               ? 
_entity_src_gen.pdbx_host_org_scientific_name      'Escherichia coli' 
_entity_src_gen.pdbx_host_org_ncbi_taxonomy_id     469008 
_entity_src_gen.host_org_genus                     ? 
_entity_src_gen.pdbx_host_org_gene                 ? 
_entity_src_gen.pdbx_host_org_organ                ? 
_entity_src_gen.host_org_species                   ? 
_entity_src_gen.pdbx_host_org_tissue               ? 
_entity_src_gen.pdbx_host_org_tissue_fraction      ? 
_entity_src_gen.pdbx_host_org_strain               'BL21 (DE3)' 
_entity_src_gen.pdbx_host_org_variant              ? 
_entity_src_gen.pdbx_host_org_cell_line            ? 
_entity_src_gen.pdbx_host_org_atcc                 ? 
_entity_src_gen.pdbx_host_org_culture_collection   ? 
_entity_src_gen.pdbx_host_org_cell                 ? 
_entity_src_gen.pdbx_host_org_organelle            ? 
_entity_src_gen.pdbx_host_org_cellular_location    ? 
_entity_src_gen.pdbx_host_org_vector_type          Plasmid 
_entity_src_gen.pdbx_host_org_vector               ? 
_entity_src_gen.host_org_details                   ? 
_entity_src_gen.expression_system_id               ? 
_entity_src_gen.plasmid_name                       pET-41 
_entity_src_gen.plasmid_details                    ? 
_entity_src_gen.pdbx_description                   ? 
# 
loop_
_chem_comp.id 
_chem_comp.type 
_chem_comp.mon_nstd_flag 
_chem_comp.name 
_chem_comp.pdbx_synonyms 
_chem_comp.formula 
_chem_comp.formula_weight 
ALA 'L-peptide linking' y ALANINE                                                                                      ? 
'C3 H7 N O2'        89.093  
ARG 'L-peptide linking' y ARGININE                                                                                     ? 
'C6 H15 N4 O2 1'    175.209 
ASN 'L-peptide linking' y ASPARAGINE                                                                                   ? 
'C4 H8 N2 O3'       132.118 
ASP 'L-peptide linking' y 'ASPARTIC ACID'                                                                              ? 
'C4 H7 N O4'        133.103 
GLN 'L-peptide linking' y GLUTAMINE                                                                                    ? 
'C5 H10 N2 O3'      146.144 
GLU 'L-peptide linking' y 'GLUTAMIC ACID'                                                                              ? 
'C5 H9 N O4'        147.129 
GLY 'peptide linking'   y GLYCINE                                                                                      ? 
'C2 H5 N O2'        75.067  
GOL non-polymer         . GLYCEROL                                                                                     
'GLYCERIN; PROPANE-1,2,3-TRIOL'                                                                                  'C3 H8 O3' 92.094 
HIS 'L-peptide linking' y HISTIDINE                                                                                    ? 
'C6 H10 N3 O2 1'    156.162 
HOH non-polymer         . WATER                                                                                        ? 'H2 O' 
18.015  
ILE 'L-peptide linking' y ISOLEUCINE                                                                                   ? 
'C6 H13 N O2'       131.173 
LEU 'L-peptide linking' y LEUCINE                                                                                      ? 
'C6 H13 N O2'       131.173 
LYS 'L-peptide linking' y LYSINE                                                                                       ? 
'C6 H15 N2 O2 1'    147.195 
MET 'L-peptide linking' y METHIONINE                                                                                   ? 
'C5 H11 N O2 S'     149.211 
PHE 'L-peptide linking' y PHENYLALANINE                                                                                ? 
'C9 H11 N O2'       165.189 
PRO 'L-peptide linking' y PROLINE                                                                                      ? 
'C5 H9 N O2'        115.130 
SER 'L-peptide linking' y SERINE                                                                                       ? 
'C3 H7 N O3'        105.093 
THR 'L-peptide linking' y THREONINE                                                                                    ? 
'C4 H9 N O3'        119.119 
TRP 'L-peptide linking' y TRYPTOPHAN                                                                                   ? 
'C11 H12 N2 O2'     204.225 
TYR 'L-peptide linking' y TYROSINE                                                                                     ? 
'C9 H11 N O3'       181.189 
U75 non-polymer         . '4-[3-[3-[2,4-bis(azanyl)-6-ethyl-pyrimidin-5-yl]prop-2-ynyl]-5-methoxy-phenyl]benzoic acid' 
;3'-(3-(2,4-diamino-6-ethylpyrimidin-5-yl)prop-2-yn-1-yl)-5'-methoxy-[1,1'-biphenyl]-4-carboxylic acid; UCP1175
;
'C23 H22 N4 O3'     402.446 
VAL 'L-peptide linking' y VALINE                                                                                       ? 
'C5 H11 N O2'       117.146 
XNP non-polymer         . 'Tricyclic NADPH'                                                                            ? 
'C21 H30 N7 O17 P3' 745.421 
# 
loop_
_pdbx_poly_seq_scheme.asym_id 
_pdbx_poly_seq_scheme.entity_id 
_pdbx_poly_seq_scheme.seq_id 
_pdbx_poly_seq_scheme.mon_id 
_pdbx_poly_seq_scheme.ndb_seq_num 
_pdbx_poly_seq_scheme.pdb_seq_num 
_pdbx_poly_seq_scheme.auth_seq_num 
_pdbx_poly_seq_scheme.pdb_mon_id 
_pdbx_poly_seq_scheme.auth_mon_id 
_pdbx_poly_seq_scheme.pdb_strand_id 
_pdbx_poly_seq_scheme.pdb_ins_code 
_pdbx_poly_seq_scheme.hetero 
A 1 1   THR 1   1   1   THR THR X . n 
A 1 2   LEU 2   2   2   LEU LEU X . n 
A 1 3   SER 3   3   3   SER SER X . n 
A 1 4   ILE 4   4   4   ILE ILE X . n 
A 1 5   LEU 5   5   5   LEU LEU X . n 
A 1 6   VAL 6   6   6   VAL VAL X . n 
A 1 7   ALA 7   7   7   ALA ALA X . n 
A 1 8   HIS 8   8   8   HIS HIS X . n 
A 1 9   ASP 9   9   9   ASP ASP X . n 
A 1 10  LEU 10  10  10  LEU LEU X . n 
A 1 11  GLN 11  11  11  GLN GLN X . n 
A 1 12  ARG 12  12  12  ARG ARG X . n 
A 1 13  VAL 13  13  13  VAL VAL X . n 
A 1 14  ILE 14  14  14  ILE ILE X . n 
A 1 15  GLY 15  15  15  GLY GLY X . n 
A 1 16  PHE 16  16  16  PHE PHE X . n 
A 1 17  GLU 17  17  17  GLU GLU X . n 
A 1 18  ASN 18  18  18  ASN ASN X . n 
A 1 19  GLN 19  19  19  GLN GLN X . n 
A 1 20  LEU 20  20  20  LEU LEU X . n 
A 1 21  PRO 21  21  21  PRO PRO X . n 
A 1 22  TRP 22  22  22  TRP TRP X . n 
A 1 23  HIS 23  23  23  HIS HIS X . n 
A 1 24  LEU 24  24  24  LEU LEU X . n 
A 1 25  PRO 25  25  25  PRO PRO X . n 
A 1 26  ASN 26  26  26  ASN ASN X . n 
A 1 27  ASP 27  27  27  ASP ASP X . n 
A 1 28  LEU 28  28  28  LEU LEU X . n 
A 1 29  LYS 29  29  29  LYS LYS X . n 
A 1 30  HIS 30  30  30  HIS HIS X . n 
A 1 31  VAL 31  31  31  VAL VAL X . n 
A 1 32  LYS 32  32  32  LYS LYS X . n 
A 1 33  LYS 33  33  33  LYS LYS X . n 
A 1 34  LEU 34  34  34  LEU LEU X . n 
A 1 35  SER 35  35  35  SER SER X . n 
A 1 36  THR 36  36  36  THR THR X . n 
A 1 37  GLY 37  37  37  GLY GLY X . n 
A 1 38  HIS 38  38  38  HIS HIS X . n 
A 1 39  THR 39  39  39  THR THR X . n 
A 1 40  LEU 40  40  40  LEU LEU X . n 
A 1 41  VAL 41  41  41  VAL VAL X . n 
A 1 42  MET 42  42  42  MET MET X . n 
A 1 43  GLY 43  43  43  GLY GLY X . n 
A 1 44  ARG 44  44  44  ARG ARG X . n 
A 1 45  LYS 45  45  45  LYS LYS X . n 
A 1 46  THR 46  46  46  THR THR X . n 
A 1 47  PHE 47  47  47  PHE PHE X . n 
A 1 48  GLU 48  48  48  GLU GLU X . n 
A 1 49  SER 49  49  49  SER SER X . n 
A 1 50  ILE 50  50  50  ILE ILE X . n 
A 1 51  GLY 51  51  51  GLY GLY X . n 
A 1 52  LYS 52  52  52  LYS LYS X . n 
A 1 53  PRO 53  53  53  PRO PRO X . n 
A 1 54  LEU 54  54  54  LEU LEU X . n 
A 1 55  PRO 55  55  55  PRO PRO X . n 
A 1 56  ASN 56  56  56  ASN ASN X . n 
A 1 57  ARG 57  57  57  ARG ARG X . n 
A 1 58  ARG 58  58  58  ARG ARG X . n 
A 1 59  ASN 59  59  59  ASN ASN X . n 
A 1 60  VAL 60  60  60  VAL VAL X . n 
A 1 61  VAL 61  61  61  VAL VAL X . n 
A 1 62  LEU 62  62  62  LEU LEU X . n 
A 1 63  THR 63  63  63  THR THR X . n 
A 1 64  SER 64  64  64  SER SER X . n 
A 1 65  ASP 65  65  65  ASP ASP X . n 
A 1 66  THR 66  66  66  THR THR X . n 
A 1 67  SER 67  67  67  SER SER X . n 
A 1 68  PHE 68  68  68  PHE PHE X . n 
A 1 69  ASN 69  69  69  ASN ASN X . n 
A 1 70  VAL 70  70  70  VAL VAL X . n 
A 1 71  GLU 71  71  71  GLU GLU X . n 
A 1 72  GLY 72  72  72  GLY GLY X . n 
A 1 73  VAL 73  73  73  VAL VAL X . n 
A 1 74  ASP 74  74  74  ASP ASP X . n 
A 1 75  VAL 75  75  75  VAL VAL X . n 
A 1 76  ILE 76  76  76  ILE ILE X . n 
A 1 77  HIS 77  77  77  HIS HIS X . n 
A 1 78  SER 78  78  78  SER SER X . n 
A 1 79  ILE 79  79  79  ILE ILE X . n 
A 1 80  GLU 80  80  80  GLU GLU X . n 
A 1 81  ASP 81  81  81  ASP ASP X . n 
A 1 82  ILE 82  82  82  ILE ILE X . n 
A 1 83  TYR 83  83  83  TYR TYR X . n 
A 1 84  GLN 84  84  84  GLN GLN X . n 
A 1 85  LEU 85  85  85  LEU LEU X . n 
A 1 86  PRO 86  86  86  PRO PRO X . n 
A 1 87  GLY 87  87  87  GLY GLY X . n 
A 1 88  HIS 88  88  88  HIS HIS X . n 
A 1 89  VAL 89  89  89  VAL VAL X . n 
A 1 90  PHE 90  90  90  PHE PHE X . n 
A 1 91  ILE 91  91  91  ILE ILE X . n 
A 1 92  PHE 92  92  92  PHE PHE X . n 
A 1 93  GLY 93  93  93  GLY GLY X . n 
A 1 94  GLY 94  94  94  GLY GLY X . n 
A 1 95  GLN 95  95  95  GLN GLN X . n 
A 1 96  THR 96  96  96  THR THR X . n 
A 1 97  LEU 97  97  97  LEU LEU X . n 
A 1 98  PHE 98  98  98  PHE PHE X . n 
A 1 99  GLU 99  99  99  GLU GLU X . n 
A 1 100 GLU 100 100 100 GLU GLU X . n 
A 1 101 MET 101 101 101 MET MET X . n 
A 1 102 ILE 102 102 102 ILE ILE X . n 
A 1 103 ASP 103 103 103 ASP ASP X . n 
A 1 104 LYS 104 104 104 LYS LYS X . n 
A 1 105 VAL 105 105 105 VAL VAL X . n 
A 1 106 ASP 106 106 106 ASP ASP X . n 
A 1 107 ASP 107 107 107 ASP ASP X . n 
A 1 108 MET 108 108 108 MET MET X . n 
A 1 109 TYR 109 109 109 TYR TYR X . n 
A 1 110 ILE 110 110 110 ILE ILE X . n 
A 1 111 THR 111 111 111 THR THR X . n 
A 1 112 VAL 112 112 112 VAL VAL X . n 
A 1 113 ILE 113 113 113 ILE ILE X . n 
A 1 114 GLU 114 114 114 GLU GLU X . n 
A 1 115 GLY 115 115 115 GLY GLY X . n 
A 1 116 LYS 116 116 116 LYS LYS X . n 
A 1 117 PHE 117 117 117 PHE PHE X . n 
A 1 118 ARG 118 118 118 ARG ARG X . n 
A 1 119 GLY 119 119 119 GLY GLY X . n 
A 1 120 ASP 120 120 120 ASP ASP X . n 
A 1 121 THR 121 121 121 THR THR X . n 
A 1 122 PHE 122 122 122 PHE PHE X . n 
A 1 123 PHE 123 123 123 PHE PHE X . n 
A 1 124 PRO 124 124 124 PRO PRO X . n 
A 1 125 PRO 125 125 125 PRO PRO X . n 
A 1 126 TYR 126 126 126 TYR TYR X . n 
A 1 127 THR 127 127 127 THR THR X . n 
A 1 128 PHE 128 128 128 PHE PHE X . n 
A 1 129 GLU 129 129 129 GLU GLU X . n 
A 1 130 ASP 130 130 130 ASP ASP X . n 
A 1 131 TRP 131 131 131 TRP TRP X . n 
A 1 132 GLU 132 132 132 GLU GLU X . n 
A 1 133 VAL 133 133 133 VAL VAL X . n 
A 1 134 ALA 134 134 134 ALA ALA X . n 
A 1 135 SER 135 135 135 SER SER X . n 
A 1 136 SER 136 136 136 SER SER X . n 
A 1 137 VAL 137 137 137 VAL VAL X . n 
A 1 138 GLU 138 138 138 GLU GLU X . n 
A 1 139 GLY 139 139 139 GLY GLY X . n 
A 1 140 LYS 140 140 140 LYS LYS X . n 
A 1 141 LEU 141 141 141 LEU LEU X . n 
A 1 142 ASP 142 142 142 ASP ASP X . n 
A 1 143 GLU 143 143 143 GLU GLU X . n 
A 1 144 LYS 144 144 144 LYS LYS X . n 
A 1 145 ASN 145 145 145 ASN ASN X . n 
A 1 146 THR 146 146 146 THR THR X . n 
A 1 147 ILE 147 147 147 ILE ILE X . n 
A 1 148 PRO 148 148 148 PRO PRO X . n 
A 1 149 HIS 149 149 149 HIS HIS X . n 
A 1 150 THR 150 150 150 THR THR X . n 
A 1 151 PHE 151 151 151 PHE PHE X . n 
A 1 152 LEU 152 152 152 LEU LEU X . n 
A 1 153 HIS 153 153 153 HIS HIS X . n 
A 1 154 LEU 154 154 154 LEU LEU X . n 
A 1 155 ILE 155 155 155 ILE ILE X . n 
A 1 156 ARG 156 156 156 ARG ARG X . n 
A 1 157 LYS 157 157 157 LYS LYS X . n 
# 
loop_
_pdbx_nonpoly_scheme.asym_id 
_pdbx_nonpoly_scheme.entity_id 
_pdbx_nonpoly_scheme.mon_id 
_pdbx_nonpoly_scheme.ndb_seq_num 
_pdbx_nonpoly_scheme.pdb_seq_num 
_pdbx_nonpoly_scheme.auth_seq_num 
_pdbx_nonpoly_scheme.pdb_mon_id 
_pdbx_nonpoly_scheme.auth_mon_id 
_pdbx_nonpoly_scheme.pdb_strand_id 
_pdbx_nonpoly_scheme.pdb_ins_code 
B 2 XNP 1   201 1   XNP ANH X . 
C 3 U75 1   202 1   U75 DRG X . 
D 4 GOL 1   203 221 GOL GOL X . 
E 5 HOH 1   301 72  HOH HOH X . 
E 5 HOH 2   302 78  HOH HOH X . 
E 5 HOH 3   303 49  HOH HOH X . 
E 5 HOH 4   304 8   HOH HOH X . 
E 5 HOH 5   305 51  HOH HOH X . 
E 5 HOH 6   306 43  HOH HOH X . 
E 5 HOH 7   307 66  HOH HOH X . 
E 5 HOH 8   308 62  HOH HOH X . 
E 5 HOH 9   309 98  HOH HOH X . 
E 5 HOH 10  310 18  HOH HOH X . 
E 5 HOH 11  311 71  HOH HOH X . 
E 5 HOH 12  312 79  HOH HOH X . 
E 5 HOH 13  313 96  HOH HOH X . 
E 5 HOH 14  314 42  HOH HOH X . 
E 5 HOH 15  315 99  HOH HOH X . 
E 5 HOH 16  316 24  HOH HOH X . 
E 5 HOH 17  317 85  HOH HOH X . 
E 5 HOH 18  318 88  HOH HOH X . 
E 5 HOH 19  319 4   HOH HOH X . 
E 5 HOH 20  320 28  HOH HOH X . 
E 5 HOH 21  321 41  HOH HOH X . 
E 5 HOH 22  322 32  HOH HOH X . 
E 5 HOH 23  323 111 HOH HOH X . 
E 5 HOH 24  324 34  HOH HOH X . 
E 5 HOH 25  325 106 HOH HOH X . 
E 5 HOH 26  326 105 HOH HOH X . 
E 5 HOH 27  327 113 HOH HOH X . 
E 5 HOH 28  328 48  HOH HOH X . 
E 5 HOH 29  329 17  HOH HOH X . 
E 5 HOH 30  330 60  HOH HOH X . 
E 5 HOH 31  331 7   HOH HOH X . 
E 5 HOH 32  332 44  HOH HOH X . 
E 5 HOH 33  333 80  HOH HOH X . 
E 5 HOH 34  334 83  HOH HOH X . 
E 5 HOH 35  335 6   HOH HOH X . 
E 5 HOH 36  336 29  HOH HOH X . 
E 5 HOH 37  337 46  HOH HOH X . 
E 5 HOH 38  338 12  HOH HOH X . 
E 5 HOH 39  339 116 HOH HOH X . 
E 5 HOH 40  340 27  HOH HOH X . 
E 5 HOH 41  341 55  HOH HOH X . 
E 5 HOH 42  342 15  HOH HOH X . 
E 5 HOH 43  343 58  HOH HOH X . 
E 5 HOH 44  344 47  HOH HOH X . 
E 5 HOH 45  345 37  HOH HOH X . 
E 5 HOH 46  346 40  HOH HOH X . 
E 5 HOH 47  347 59  HOH HOH X . 
E 5 HOH 48  348 50  HOH HOH X . 
E 5 HOH 49  349 109 HOH HOH X . 
E 5 HOH 50  350 19  HOH HOH X . 
E 5 HOH 51  351 90  HOH HOH X . 
E 5 HOH 52  352 119 HOH HOH X . 
E 5 HOH 53  353 115 HOH HOH X . 
E 5 HOH 54  354 82  HOH HOH X . 
E 5 HOH 55  355 84  HOH HOH X . 
E 5 HOH 56  356 70  HOH HOH X . 
E 5 HOH 57  357 100 HOH HOH X . 
E 5 HOH 58  358 77  HOH HOH X . 
E 5 HOH 59  359 11  HOH HOH X . 
E 5 HOH 60  360 16  HOH HOH X . 
E 5 HOH 61  361 81  HOH HOH X . 
E 5 HOH 62  362 10  HOH HOH X . 
E 5 HOH 63  363 125 HOH HOH X . 
E 5 HOH 64  364 65  HOH HOH X . 
E 5 HOH 65  365 35  HOH HOH X . 
E 5 HOH 66  366 107 HOH HOH X . 
E 5 HOH 67  367 3   HOH HOH X . 
E 5 HOH 68  368 13  HOH HOH X . 
E 5 HOH 69  369 64  HOH HOH X . 
E 5 HOH 70  370 20  HOH HOH X . 
E 5 HOH 71  371 33  HOH HOH X . 
E 5 HOH 72  372 39  HOH HOH X . 
E 5 HOH 73  373 103 HOH HOH X . 
E 5 HOH 74  374 5   HOH HOH X . 
E 5 HOH 75  375 36  HOH HOH X . 
E 5 HOH 76  376 38  HOH HOH X . 
E 5 HOH 77  377 117 HOH HOH X . 
E 5 HOH 78  378 1   HOH HOH X . 
E 5 HOH 79  379 2   HOH HOH X . 
E 5 HOH 80  380 25  HOH HOH X . 
E 5 HOH 81  381 126 HOH HOH X . 
E 5 HOH 82  382 23  HOH HOH X . 
E 5 HOH 83  383 67  HOH HOH X . 
E 5 HOH 84  384 104 HOH HOH X . 
E 5 HOH 85  385 22  HOH HOH X . 
E 5 HOH 86  386 76  HOH HOH X . 
E 5 HOH 87  387 86  HOH HOH X . 
E 5 HOH 88  388 9   HOH HOH X . 
E 5 HOH 89  389 68  HOH HOH X . 
E 5 HOH 90  390 63  HOH HOH X . 
E 5 HOH 91  391 56  HOH HOH X . 
E 5 HOH 92  392 122 HOH HOH X . 
E 5 HOH 93  393 73  HOH HOH X . 
E 5 HOH 94  394 95  HOH HOH X . 
E 5 HOH 95  395 121 HOH HOH X . 
E 5 HOH 96  396 93  HOH HOH X . 
E 5 HOH 97  397 21  HOH HOH X . 
E 5 HOH 98  398 130 HOH HOH X . 
E 5 HOH 99  399 54  HOH HOH X . 
E 5 HOH 100 400 110 HOH HOH X . 
E 5 HOH 101 401 14  HOH HOH X . 
E 5 HOH 102 402 120 HOH HOH X . 
E 5 HOH 103 403 74  HOH HOH X . 
E 5 HOH 104 404 87  HOH HOH X . 
E 5 HOH 105 405 61  HOH HOH X . 
E 5 HOH 106 406 89  HOH HOH X . 
E 5 HOH 107 407 75  HOH HOH X . 
E 5 HOH 108 408 26  HOH HOH X . 
E 5 HOH 109 409 97  HOH HOH X . 
E 5 HOH 110 410 91  HOH HOH X . 
E 5 HOH 111 411 101 HOH HOH X . 
E 5 HOH 112 412 132 HOH HOH X . 
E 5 HOH 113 413 31  HOH HOH X . 
E 5 HOH 114 414 45  HOH HOH X . 
E 5 HOH 115 415 30  HOH HOH X . 
E 5 HOH 116 416 52  HOH HOH X . 
E 5 HOH 117 417 123 HOH HOH X . 
E 5 HOH 118 418 128 HOH HOH X . 
E 5 HOH 119 419 69  HOH HOH X . 
E 5 HOH 120 420 102 HOH HOH X . 
# 
loop_
_software.citation_id 
_software.classification 
_software.compiler_name 
_software.compiler_version 
_software.contact_author 
_software.contact_author_email 
_software.date 
_software.description 
_software.dependencies 
_software.hardware 
_software.language 
_software.location 
_software.mods 
_software.name 
_software.os 
_software.os_version 
_software.type 
_software.version 
_software.pdbx_ordinal 
? refinement        ? ? ? ? ? ? ? ? ? ? ? PHENIX          ? ? ? 1.9_1692 1 
? 'data reduction'  ? ? ? ? ? ? ? ? ? ? ? d*TREK          ? ? ? .        2 
? 'data collection' ? ? ? ? ? ? ? ? ? ? ? StructureStudio ? ? ? .        3 
# 
_cell.angle_alpha                  90.00 
_cell.angle_alpha_esd              ? 
_cell.angle_beta                   90.00 
_cell.angle_beta_esd               ? 
_cell.angle_gamma                  120.00 
_cell.angle_gamma_esd              ? 
_cell.entry_id                     5HF2 
_cell.details                      ? 
_cell.formula_units_Z              ? 
_cell.length_a                     79.022 
_cell.length_a_esd                 ? 
_cell.length_b                     79.022 
_cell.length_b_esd                 ? 
_cell.length_c                     108.247 
_cell.length_c_esd                 ? 
_cell.volume                       ? 
_cell.volume_esd                   ? 
_cell.Z_PDB                        12 
_cell.reciprocal_angle_alpha       ? 
_cell.reciprocal_angle_beta        ? 
_cell.reciprocal_angle_gamma       ? 
_cell.reciprocal_angle_alpha_esd   ? 
_cell.reciprocal_angle_beta_esd    ? 
_cell.reciprocal_angle_gamma_esd   ? 
_cell.reciprocal_length_a          ? 
_cell.reciprocal_length_b          ? 
_cell.reciprocal_length_c          ? 
_cell.reciprocal_length_a_esd      ? 
_cell.reciprocal_length_b_esd      ? 
_cell.reciprocal_length_c_esd      ? 
_cell.pdbx_unique_axis             ? 
# 
_symmetry.entry_id                         5HF2 
_symmetry.cell_setting                     ? 
_symmetry.Int_Tables_number                178 
_symmetry.space_group_name_Hall            ? 
_symmetry.space_group_name_H-M             'P 61 2 2' 
_symmetry.pdbx_full_space_group_name_H-M   ? 
# 
_exptl.absorpt_coefficient_mu     ? 
_exptl.absorpt_correction_T_max   ? 
_exptl.absorpt_correction_T_min   ? 
_exptl.absorpt_correction_type    ? 
_exptl.absorpt_process_details    ? 
_exptl.entry_id                   5HF2 
_exptl.crystals_number            ? 
_exptl.details                    ? 
_exptl.method                     'X-RAY DIFFRACTION' 
_exptl.method_details             ? 
# 
_exptl_crystal.colour                      ? 
_exptl_crystal.density_diffrn              ? 
_exptl_crystal.density_Matthews            2.71 
_exptl_crystal.density_method              ? 
_exptl_crystal.density_percent_sol         54.58 
_exptl_crystal.description                 ? 
_exptl_crystal.F_000                       ? 
_exptl_crystal.id                          1 
_exptl_crystal.preparation                 ? 
_exptl_crystal.size_max                    ? 
_exptl_crystal.size_mid                    ? 
_exptl_crystal.size_min                    ? 
_exptl_crystal.size_rad                    ? 
_exptl_crystal.colour_lustre               ? 
_exptl_crystal.colour_modifier             ? 
_exptl_crystal.colour_primary              ? 
_exptl_crystal.density_meas                ? 
_exptl_crystal.density_meas_esd            ? 
_exptl_crystal.density_meas_gt             ? 
_exptl_crystal.density_meas_lt             ? 
_exptl_crystal.density_meas_temp           ? 
_exptl_crystal.density_meas_temp_esd       ? 
_exptl_crystal.density_meas_temp_gt        ? 
_exptl_crystal.density_meas_temp_lt        ? 
_exptl_crystal.pdbx_crystal_image_url      ? 
_exptl_crystal.pdbx_crystal_image_format   ? 
_exptl_crystal.pdbx_mosaicity              ? 
_exptl_crystal.pdbx_mosaicity_esd          ? 
# 
_exptl_crystal_grow.apparatus       ? 
_exptl_crystal_grow.atmosphere      ? 
_exptl_crystal_grow.crystal_id      1 
_exptl_crystal_grow.details         ? 
_exptl_crystal_grow.method          'VAPOR DIFFUSION, HANGING DROP' 
_exptl_crystal_grow.method_ref      ? 
_exptl_crystal_grow.pH              5.0 
_exptl_crystal_grow.pressure        ? 
_exptl_crystal_grow.pressure_esd    ? 
_exptl_crystal_grow.seeding         ? 
_exptl_crystal_grow.seeding_ref     ? 
_exptl_crystal_grow.temp            277 
_exptl_crystal_grow.temp_details    ? 
_exptl_crystal_grow.temp_esd        ? 
_exptl_crystal_grow.time            ? 
_exptl_crystal_grow.pdbx_details    '0.1M MES pH 5.0, 0.1M Sodium acetate, 17% PEG 10,000 and 1% gamma-butyrolactone' 
_exptl_crystal_grow.pdbx_pH_range   ? 
# 
_diffrn.ambient_environment    ? 
_diffrn.ambient_temp           100 
_diffrn.ambient_temp_details   ? 
_diffrn.ambient_temp_esd       ? 
_diffrn.crystal_id             1 
_diffrn.crystal_support        ? 
_diffrn.crystal_treatment      ? 
_diffrn.details                ? 
_diffrn.id                     1 
_diffrn.ambient_pressure       ? 
_diffrn.ambient_pressure_esd   ? 
_diffrn.ambient_pressure_gt    ? 
_diffrn.ambient_pressure_lt    ? 
_diffrn.ambient_temp_gt        ? 
_diffrn.ambient_temp_lt        ? 
# 
_diffrn_detector.details                      ? 
_diffrn_detector.detector                     'IMAGE PLATE' 
_diffrn_detector.diffrn_id                    1 
_diffrn_detector.type                         'RIGAKU RAXIS IV++' 
_diffrn_detector.area_resol_mean              ? 
_diffrn_detector.dtime                        ? 
_diffrn_detector.pdbx_frames_total            ? 
_diffrn_detector.pdbx_collection_time_total   ? 
_diffrn_detector.pdbx_collection_date         2015-07-19 
# 
_diffrn_radiation.collimation                      ? 
_diffrn_radiation.diffrn_id                        1 
_diffrn_radiation.filter_edge                      ? 
_diffrn_radiation.inhomogeneity                    ? 
_diffrn_radiation.monochromator                    ? 
_diffrn_radiation.polarisn_norm                    ? 
_diffrn_radiation.polarisn_ratio                   ? 
_diffrn_radiation.probe                            ? 
_diffrn_radiation.type                             ? 
_diffrn_radiation.xray_symbol                      ? 
_diffrn_radiation.wavelength_id                    1 
_diffrn_radiation.pdbx_monochromatic_or_laue_m_l   M 
_diffrn_radiation.pdbx_wavelength_list             ? 
_diffrn_radiation.pdbx_wavelength                  ? 
_diffrn_radiation.pdbx_diffrn_protocol             'SINGLE WAVELENGTH' 
_diffrn_radiation.pdbx_analyzer                    ? 
_diffrn_radiation.pdbx_scattering_type             x-ray 
# 
_diffrn_radiation_wavelength.id           1 
_diffrn_radiation_wavelength.wavelength   1.5417 
_diffrn_radiation_wavelength.wt           1.0 
# 
_diffrn_source.current                     ? 
_diffrn_source.details                     ? 
_diffrn_source.diffrn_id                   1 
_diffrn_source.power                       ? 
_diffrn_source.size                        ? 
_diffrn_source.source                      'ROTATING ANODE' 
_diffrn_source.target                      ? 
_diffrn_source.type                        'RIGAKU MICROMAX-007 HF' 
_diffrn_source.voltage                     ? 
_diffrn_source.take-off_angle              ? 
_diffrn_source.pdbx_wavelength_list        1.5417 
_diffrn_source.pdbx_wavelength             ? 
_diffrn_source.pdbx_synchrotron_beamline   ? 
_diffrn_source.pdbx_synchrotron_site       ? 
# 
_reflns.B_iso_Wilson_estimate            ? 
_reflns.entry_id                         5HF2 
_reflns.data_reduction_details           ? 
_reflns.data_reduction_method            ? 
_reflns.d_resolution_high                1.81 
_reflns.d_resolution_low                 25.17 
_reflns.details                          ? 
_reflns.limit_h_max                      ? 
_reflns.limit_h_min                      ? 
_reflns.limit_k_max                      ? 
_reflns.limit_k_min                      ? 
_reflns.limit_l_max                      ? 
_reflns.limit_l_min                      ? 
_reflns.number_all                       ? 
_reflns.number_obs                       18798 
_reflns.observed_criterion               ? 
_reflns.observed_criterion_F_max         ? 
_reflns.observed_criterion_F_min         ? 
_reflns.observed_criterion_I_max         ? 
_reflns.observed_criterion_I_min         ? 
_reflns.observed_criterion_sigma_F       ? 
_reflns.observed_criterion_sigma_I       ? 
_reflns.percent_possible_obs             99.9 
_reflns.R_free_details                   ? 
_reflns.Rmerge_F_all                     ? 
_reflns.Rmerge_F_obs                     ? 
_reflns.Friedel_coverage                 ? 
_reflns.number_gt                        ? 
_reflns.threshold_expression             ? 
_reflns.pdbx_redundancy                  12.32 
_reflns.pdbx_Rmerge_I_obs                0.110 
_reflns.pdbx_Rmerge_I_all                ? 
_reflns.pdbx_Rsym_value                  ? 
_reflns.pdbx_netI_over_av_sigmaI         ? 
_reflns.pdbx_netI_over_sigmaI            11.7 
_reflns.pdbx_res_netI_over_av_sigmaI_2   ? 
_reflns.pdbx_res_netI_over_sigmaI_2      ? 
_reflns.pdbx_chi_squared                 ? 
_reflns.pdbx_scaling_rejects             ? 
_reflns.pdbx_d_res_high_opt              ? 
_reflns.pdbx_d_res_low_opt               ? 
_reflns.pdbx_d_res_opt_method            ? 
_reflns.phase_calculation_details        ? 
_reflns.pdbx_Rrim_I_all                  ? 
_reflns.pdbx_Rpim_I_all                  ? 
_reflns.pdbx_d_opt                       ? 
_reflns.pdbx_number_measured_all         ? 
_reflns.pdbx_diffrn_id                   1 
_reflns.pdbx_ordinal                     1 
_reflns.pdbx_CC_half                     ? 
_reflns.pdbx_R_split                     ? 
# 
_reflns_shell.d_res_high                  1.81 
_reflns_shell.d_res_low                   1.87 
_reflns_shell.meanI_over_sigI_all         ? 
_reflns_shell.meanI_over_sigI_obs         2.3 
_reflns_shell.number_measured_all         ? 
_reflns_shell.number_measured_obs         ? 
_reflns_shell.number_possible             ? 
_reflns_shell.number_unique_all           ? 
_reflns_shell.number_unique_obs           ? 
_reflns_shell.percent_possible_all        99.9 
_reflns_shell.percent_possible_obs        ? 
_reflns_shell.Rmerge_F_all                ? 
_reflns_shell.Rmerge_F_obs                ? 
_reflns_shell.Rmerge_I_all                ? 
_reflns_shell.Rmerge_I_obs                0.644 
_reflns_shell.meanI_over_sigI_gt          ? 
_reflns_shell.meanI_over_uI_all           ? 
_reflns_shell.meanI_over_uI_gt            ? 
_reflns_shell.number_measured_gt          ? 
_reflns_shell.number_unique_gt            ? 
_reflns_shell.percent_possible_gt         ? 
_reflns_shell.Rmerge_F_gt                 ? 
_reflns_shell.Rmerge_I_gt                 ? 
_reflns_shell.pdbx_redundancy             12.03 
_reflns_shell.pdbx_Rsym_value             ? 
_reflns_shell.pdbx_chi_squared            ? 
_reflns_shell.pdbx_netI_over_sigmaI_all   ? 
_reflns_shell.pdbx_netI_over_sigmaI_obs   ? 
_reflns_shell.pdbx_Rrim_I_all             ? 
_reflns_shell.pdbx_Rpim_I_all             ? 
_reflns_shell.pdbx_rejects                ? 
_reflns_shell.pdbx_ordinal                1 
_reflns_shell.pdbx_diffrn_id              1 
_reflns_shell.pdbx_CC_half                ? 
_reflns_shell.pdbx_R_split                ? 
# 
_refine.aniso_B[1][1]                            ? 
_refine.aniso_B[1][2]                            ? 
_refine.aniso_B[1][3]                            ? 
_refine.aniso_B[2][2]                            ? 
_refine.aniso_B[2][3]                            ? 
_refine.aniso_B[3][3]                            ? 
_refine.B_iso_max                                ? 
_refine.B_iso_mean                               ? 
_refine.B_iso_min                                ? 
_refine.correlation_coeff_Fo_to_Fc               ? 
_refine.correlation_coeff_Fo_to_Fc_free          ? 
_refine.details                                  ? 
_refine.diff_density_max                         ? 
_refine.diff_density_max_esd                     ? 
_refine.diff_density_min                         ? 
_refine.diff_density_min_esd                     ? 
_refine.diff_density_rms                         ? 
_refine.diff_density_rms_esd                     ? 
_refine.entry_id                                 5HF2 
_refine.pdbx_refine_id                           'X-RAY DIFFRACTION' 
_refine.ls_abs_structure_details                 ? 
_refine.ls_abs_structure_Flack                   ? 
_refine.ls_abs_structure_Flack_esd               ? 
_refine.ls_abs_structure_Rogers                  ? 
_refine.ls_abs_structure_Rogers_esd              ? 
_refine.ls_d_res_high                            1.810 
_refine.ls_d_res_low                             25.166 
_refine.ls_extinction_coef                       ? 
_refine.ls_extinction_coef_esd                   ? 
_refine.ls_extinction_expression                 ? 
_refine.ls_extinction_method                     ? 
_refine.ls_goodness_of_fit_all                   ? 
_refine.ls_goodness_of_fit_all_esd               ? 
_refine.ls_goodness_of_fit_obs                   ? 
_refine.ls_goodness_of_fit_obs_esd               ? 
_refine.ls_hydrogen_treatment                    ? 
_refine.ls_matrix_type                           ? 
_refine.ls_number_constraints                    ? 
_refine.ls_number_parameters                     ? 
_refine.ls_number_reflns_all                     ? 
_refine.ls_number_reflns_obs                     18798 
_refine.ls_number_reflns_R_free                  1880 
_refine.ls_number_reflns_R_work                  ? 
_refine.ls_number_restraints                     ? 
_refine.ls_percent_reflns_obs                    99.80 
_refine.ls_percent_reflns_R_free                 10.00 
_refine.ls_R_factor_all                          ? 
_refine.ls_R_factor_obs                          0.2025 
_refine.ls_R_factor_R_free                       0.2322 
_refine.ls_R_factor_R_free_error                 ? 
_refine.ls_R_factor_R_free_error_details         ? 
_refine.ls_R_factor_R_work                       0.1991 
_refine.ls_R_Fsqd_factor_obs                     ? 
_refine.ls_R_I_factor_obs                        ? 
_refine.ls_redundancy_reflns_all                 ? 
_refine.ls_redundancy_reflns_obs                 ? 
_refine.ls_restrained_S_all                      ? 
_refine.ls_restrained_S_obs                      ? 
_refine.ls_shift_over_esd_max                    ? 
_refine.ls_shift_over_esd_mean                   ? 
_refine.ls_structure_factor_coef                 ? 
_refine.ls_weighting_details                     ? 
_refine.ls_weighting_scheme                      ? 
_refine.ls_wR_factor_all                         ? 
_refine.ls_wR_factor_obs                         ? 
_refine.ls_wR_factor_R_free                      ? 
_refine.ls_wR_factor_R_work                      ? 
_refine.occupancy_max                            ? 
_refine.occupancy_min                            ? 
_refine.solvent_model_details                    'FLAT BULK SOLVENT MODEL' 
_refine.solvent_model_param_bsol                 ? 
_refine.solvent_model_param_ksol                 ? 
_refine.ls_R_factor_gt                           ? 
_refine.ls_goodness_of_fit_gt                    ? 
_refine.ls_goodness_of_fit_ref                   ? 
_refine.ls_shift_over_su_max                     ? 
_refine.ls_shift_over_su_max_lt                  ? 
_refine.ls_shift_over_su_mean                    ? 
_refine.ls_shift_over_su_mean_lt                 ? 
_refine.pdbx_ls_sigma_I                          ? 
_refine.pdbx_ls_sigma_F                          1.33 
_refine.pdbx_ls_sigma_Fsqd                       ? 
_refine.pdbx_data_cutoff_high_absF               ? 
_refine.pdbx_data_cutoff_high_rms_absF           ? 
_refine.pdbx_data_cutoff_low_absF                ? 
_refine.pdbx_isotropic_thermal_model             ? 
_refine.pdbx_ls_cross_valid_method               'FREE R-VALUE' 
_refine.pdbx_method_to_determine_struct          ? 
_refine.pdbx_starting_model                      ? 
_refine.pdbx_stereochemistry_target_values       ML 
_refine.pdbx_R_Free_selection_details            Random 
_refine.pdbx_stereochem_target_val_spec_case     ? 
_refine.pdbx_overall_ESU_R                       ? 
_refine.pdbx_overall_ESU_R_Free                  ? 
_refine.pdbx_solvent_vdw_probe_radii             1.11 
_refine.pdbx_solvent_ion_probe_radii             ? 
_refine.pdbx_solvent_shrinkage_radii             0.90 
_refine.pdbx_real_space_R                        ? 
_refine.pdbx_density_correlation                 ? 
_refine.pdbx_pd_number_of_powder_patterns        ? 
_refine.pdbx_pd_number_of_points                 ? 
_refine.pdbx_pd_meas_number_of_points            ? 
_refine.pdbx_pd_proc_ls_prof_R_factor            ? 
_refine.pdbx_pd_proc_ls_prof_wR_factor           ? 
_refine.pdbx_pd_Marquardt_correlation_coeff      ? 
_refine.pdbx_pd_Fsqrd_R_factor                   ? 
_refine.pdbx_pd_ls_matrix_band_width             ? 
_refine.pdbx_overall_phase_error                 24.35 
_refine.pdbx_overall_SU_R_free_Cruickshank_DPI   ? 
_refine.pdbx_overall_SU_R_free_Blow_DPI          ? 
_refine.pdbx_overall_SU_R_Blow_DPI               ? 
_refine.pdbx_TLS_residual_ADP_flag               ? 
_refine.pdbx_diffrn_id                           1 
_refine.overall_SU_B                             ? 
_refine.overall_SU_ML                            0.20 
_refine.overall_SU_R_Cruickshank_DPI             ? 
_refine.overall_SU_R_free                        ? 
_refine.overall_FOM_free_R_set                   ? 
_refine.overall_FOM_work_R_set                   ? 
_refine.pdbx_average_fsc_overall                 ? 
_refine.pdbx_average_fsc_work                    ? 
_refine.pdbx_average_fsc_free                    ? 
# 
_refine_hist.pdbx_refine_id                   'X-RAY DIFFRACTION' 
_refine_hist.cycle_id                         LAST 
_refine_hist.pdbx_number_atoms_protein        1273 
_refine_hist.pdbx_number_atoms_nucleic_acid   0 
_refine_hist.pdbx_number_atoms_ligand         84 
_refine_hist.number_atoms_solvent             120 
_refine_hist.number_atoms_total               1477 
_refine_hist.d_res_high                       1.810 
_refine_hist.d_res_low                        25.166 
# 
loop_
_refine_ls_restr.pdbx_refine_id 
_refine_ls_restr.criterion 
_refine_ls_restr.dev_ideal 
_refine_ls_restr.dev_ideal_target 
_refine_ls_restr.number 
_refine_ls_restr.rejects 
_refine_ls_restr.type 
_refine_ls_restr.weight 
_refine_ls_restr.pdbx_restraint_function 
'X-RAY DIFFRACTION' ? 0.009  ? 1410 ? f_bond_d           ? ? 
'X-RAY DIFFRACTION' ? 1.810  ? 1926 ? f_angle_d          ? ? 
'X-RAY DIFFRACTION' ? 16.577 ? 609  ? f_dihedral_angle_d ? ? 
'X-RAY DIFFRACTION' ? 0.209  ? 215  ? f_chiral_restr     ? ? 
'X-RAY DIFFRACTION' ? 0.006  ? 237  ? f_plane_restr      ? ? 
# 
loop_
_refine_ls_shell.pdbx_refine_id 
_refine_ls_shell.d_res_high 
_refine_ls_shell.d_res_low 
_refine_ls_shell.number_reflns_all 
_refine_ls_shell.number_reflns_obs 
_refine_ls_shell.number_reflns_R_free 
_refine_ls_shell.number_reflns_R_work 
_refine_ls_shell.percent_reflns_obs 
_refine_ls_shell.percent_reflns_R_free 
_refine_ls_shell.R_factor_all 
_refine_ls_shell.R_factor_obs 
_refine_ls_shell.R_factor_R_free 
_refine_ls_shell.R_factor_R_free_error 
_refine_ls_shell.R_factor_R_work 
_refine_ls_shell.redundancy_reflns_all 
_refine_ls_shell.redundancy_reflns_obs 
_refine_ls_shell.wR_factor_all 
_refine_ls_shell.wR_factor_obs 
_refine_ls_shell.wR_factor_R_free 
_refine_ls_shell.wR_factor_R_work 
_refine_ls_shell.pdbx_total_number_of_bins_used 
_refine_ls_shell.pdbx_phase_error 
_refine_ls_shell.pdbx_fsc_work 
_refine_ls_shell.pdbx_fsc_free 
'X-RAY DIFFRACTION' 1.8100 1.8589  . . 142 1280 100.00 . . . 0.3027 . 0.2763 . . . . . . . . . . 
'X-RAY DIFFRACTION' 1.8589 1.9136  . . 141 1272 100.00 . . . 0.3555 . 0.2711 . . . . . . . . . . 
'X-RAY DIFFRACTION' 1.9136 1.9754  . . 143 1280 100.00 . . . 0.2985 . 0.2420 . . . . . . . . . . 
'X-RAY DIFFRACTION' 1.9754 2.0459  . . 140 1257 100.00 . . . 0.2831 . 0.2445 . . . . . . . . . . 
'X-RAY DIFFRACTION' 2.0459 2.1278  . . 142 1285 100.00 . . . 0.2513 . 0.2231 . . . . . . . . . . 
'X-RAY DIFFRACTION' 2.1278 2.2246  . . 142 1273 100.00 . . . 0.2716 . 0.2287 . . . . . . . . . . 
'X-RAY DIFFRACTION' 2.2246 2.3418  . . 142 1284 100.00 . . . 0.2517 . 0.2409 . . . . . . . . . . 
'X-RAY DIFFRACTION' 2.3418 2.4884  . . 145 1301 100.00 . . . 0.2610 . 0.2290 . . . . . . . . . . 
'X-RAY DIFFRACTION' 2.4884 2.6803  . . 144 1296 100.00 . . . 0.2885 . 0.2274 . . . . . . . . . . 
'X-RAY DIFFRACTION' 2.6803 2.9497  . . 145 1307 100.00 . . . 0.2526 . 0.2243 . . . . . . . . . . 
'X-RAY DIFFRACTION' 2.9497 3.3756  . . 147 1320 100.00 . . . 0.2132 . 0.2047 . . . . . . . . . . 
'X-RAY DIFFRACTION' 3.3756 4.2496  . . 150 1341 100.00 . . . 0.1934 . 0.1555 . . . . . . . . . . 
'X-RAY DIFFRACTION' 4.2496 25.1680 . . 157 1422 98.00  . . . 0.1779 . 0.1513 . . . . . . . . . . 
# 
_struct.entry_id                     5HF2 
_struct.title                        
;Staphylococcus aureus Dihydrofolate Reductase complexed with cyclized alpha-NADPH anomer and 3'-(3-(2,4-diamino-6-ethylpyrimidin-5-yl)prop-2-yn-1-yl)-5'-methoxy-[1,1'-biphenyl]-4-carboxylic acid (UCP1175)
;
_struct.pdbx_model_details           ? 
_struct.pdbx_formula_weight          ? 
_struct.pdbx_formula_weight_method   ? 
_struct.pdbx_model_type_details      ? 
_struct.pdbx_CASP_flag               ? 
# 
_struct_keywords.entry_id        5HF2 
_struct_keywords.text            'Oxidoreductase, NADPH, Propargyl-linked antifolates, Dihydrofolate Reductase, Antibiotics' 
_struct_keywords.pdbx_keywords   OXIDOREDUCTASE 
# 
loop_
_struct_asym.id 
_struct_asym.pdbx_blank_PDB_chainid_flag 
_struct_asym.pdbx_modified 
_struct_asym.entity_id 
_struct_asym.details 
A N N 1 ? 
B N N 2 ? 
C N N 3 ? 
D N N 4 ? 
E N N 5 ? 
# 
_struct_ref.id                         1 
_struct_ref.db_name                    UNP 
_struct_ref.db_code                    DYR_STAAU 
_struct_ref.pdbx_db_accession          P0A017 
_struct_ref.pdbx_db_isoform            ? 
_struct_ref.entity_id                  1 
_struct_ref.pdbx_seq_one_letter_code   
;TLSILVAHDLQRVIGFENQLPWHLPNDLKHVKKLSTGHTLVMGRKTFESIGKPLPNRRNVVLTSDTSFNVEGVDVIHSIE
DIYQLPGHVFIFGGQTLFEEMIDKVDDMYITVIEGKFRGDTFFPPYTFEDWEVASSVEGKLDEKNTIPHTFLHLIRK
;
_struct_ref.pdbx_align_begin           2 
# 
_struct_ref_seq.align_id                      1 
_struct_ref_seq.ref_id                        1 
_struct_ref_seq.pdbx_PDB_id_code              5HF2 
_struct_ref_seq.pdbx_strand_id                X 
_struct_ref_seq.seq_align_beg                 1 
_struct_ref_seq.pdbx_seq_align_beg_ins_code   ? 
_struct_ref_seq.seq_align_end                 157 
_struct_ref_seq.pdbx_seq_align_end_ins_code   ? 
_struct_ref_seq.pdbx_db_accession             P0A017 
_struct_ref_seq.db_align_beg                  2 
_struct_ref_seq.pdbx_db_align_beg_ins_code    ? 
_struct_ref_seq.db_align_end                  158 
_struct_ref_seq.pdbx_db_align_end_ins_code    ? 
_struct_ref_seq.pdbx_auth_seq_align_beg       1 
_struct_ref_seq.pdbx_auth_seq_align_end       157 
# 
_pdbx_struct_assembly.id                   1 
_pdbx_struct_assembly.details              author_and_software_defined_assembly 
_pdbx_struct_assembly.method_details       PISA 
_pdbx_struct_assembly.oligomeric_details   monomeric 
_pdbx_struct_assembly.oligomeric_count     1 
# 
_pdbx_struct_assembly_gen.assembly_id       1 
_pdbx_struct_assembly_gen.oper_expression   1 
_pdbx_struct_assembly_gen.asym_id_list      A,B,C,D,E 
# 
_pdbx_struct_oper_list.id                   1 
_pdbx_struct_oper_list.type                 'identity operation' 
_pdbx_struct_oper_list.name                 1_555 
_pdbx_struct_oper_list.symmetry_operation   x,y,z 
_pdbx_struct_oper_list.matrix[1][1]         1.0000000000 
_pdbx_struct_oper_list.matrix[1][2]         0.0000000000 
_pdbx_struct_oper_list.matrix[1][3]         0.0000000000 
_pdbx_struct_oper_list.vector[1]            0.0000000000 
_pdbx_struct_oper_list.matrix[2][1]         0.0000000000 
_pdbx_struct_oper_list.matrix[2][2]         1.0000000000 
_pdbx_struct_oper_list.matrix[2][3]         0.0000000000 
_pdbx_struct_oper_list.vector[2]            0.0000000000 
_pdbx_struct_oper_list.matrix[3][1]         0.0000000000 
_pdbx_struct_oper_list.matrix[3][2]         0.0000000000 
_pdbx_struct_oper_list.matrix[3][3]         1.0000000000 
_pdbx_struct_oper_list.vector[3]            0.0000000000 
# 
loop_
_struct_conf.conf_type_id 
_struct_conf.id 
_struct_conf.pdbx_PDB_helix_id 
_struct_conf.beg_label_comp_id 
_struct_conf.beg_label_asym_id 
_struct_conf.beg_label_seq_id 
_struct_conf.pdbx_beg_PDB_ins_code 
_struct_conf.end_label_comp_id 
_struct_conf.end_label_asym_id 
_struct_conf.end_label_seq_id 
_struct_conf.pdbx_end_PDB_ins_code 
_struct_conf.beg_auth_comp_id 
_struct_conf.beg_auth_asym_id 
_struct_conf.beg_auth_seq_id 
_struct_conf.end_auth_comp_id 
_struct_conf.end_auth_asym_id 
_struct_conf.end_auth_seq_id 
_struct_conf.pdbx_PDB_helix_class 
_struct_conf.details 
_struct_conf.pdbx_PDB_helix_length 
HELX_P HELX_P1 AA1 LEU A 24 ? THR A 36  ? LEU X 24 THR X 36  1 ? 13 
HELX_P HELX_P2 AA2 ARG A 44 ? GLY A 51  ? ARG X 44 GLY X 51  1 ? 8  
HELX_P HELX_P3 AA3 SER A 78 ? LEU A 85  ? SER X 78 LEU X 85  5 ? 8  
HELX_P HELX_P4 AA4 GLY A 94 ? ILE A 102 ? GLY X 94 ILE X 102 1 ? 9  
# 
_struct_conf_type.id          HELX_P 
_struct_conf_type.criteria    ? 
_struct_conf_type.reference   ? 
# 
_struct_mon_prot_cis.pdbx_id                1 
_struct_mon_prot_cis.label_comp_id          GLY 
_struct_mon_prot_cis.label_seq_id           93 
_struct_mon_prot_cis.label_asym_id          A 
_struct_mon_prot_cis.label_alt_id           . 
_struct_mon_prot_cis.pdbx_PDB_ins_code      ? 
_struct_mon_prot_cis.auth_comp_id           GLY 
_struct_mon_prot_cis.auth_seq_id            93 
_struct_mon_prot_cis.auth_asym_id           X 
_struct_mon_prot_cis.pdbx_label_comp_id_2   GLY 
_struct_mon_prot_cis.pdbx_label_seq_id_2    94 
_struct_mon_prot_cis.pdbx_label_asym_id_2   A 
_struct_mon_prot_cis.pdbx_PDB_ins_code_2    ? 
_struct_mon_prot_cis.pdbx_auth_comp_id_2    GLY 
_struct_mon_prot_cis.pdbx_auth_seq_id_2     94 
_struct_mon_prot_cis.pdbx_auth_asym_id_2    X 
_struct_mon_prot_cis.pdbx_PDB_model_num     1 
_struct_mon_prot_cis.pdbx_omega_angle       3.12 
# 
loop_
_struct_sheet.id 
_struct_sheet.type 
_struct_sheet.number_strands 
_struct_sheet.details 
AA1 ? 8 ? 
AA2 ? 2 ? 
# 
loop_
_struct_sheet_order.sheet_id 
_struct_sheet_order.range_id_1 
_struct_sheet_order.range_id_2 
_struct_sheet_order.offset 
_struct_sheet_order.sense 
AA1 1 2 ? parallel      
AA1 2 3 ? parallel      
AA1 3 4 ? parallel      
AA1 4 5 ? parallel      
AA1 5 6 ? parallel      
AA1 6 7 ? anti-parallel 
AA1 7 8 ? anti-parallel 
AA2 1 2 ? anti-parallel 
# 
loop_
_struct_sheet_range.sheet_id 
_struct_sheet_range.id 
_struct_sheet_range.beg_label_comp_id 
_struct_sheet_range.beg_label_asym_id 
_struct_sheet_range.beg_label_seq_id 
_struct_sheet_range.pdbx_beg_PDB_ins_code 
_struct_sheet_range.end_label_comp_id 
_struct_sheet_range.end_label_asym_id 
_struct_sheet_range.end_label_seq_id 
_struct_sheet_range.pdbx_end_PDB_ins_code 
_struct_sheet_range.beg_auth_comp_id 
_struct_sheet_range.beg_auth_asym_id 
_struct_sheet_range.beg_auth_seq_id 
_struct_sheet_range.end_auth_comp_id 
_struct_sheet_range.end_auth_asym_id 
_struct_sheet_range.end_auth_seq_id 
AA1 1 VAL A 73  ? ILE A 76  ? VAL X 73  ILE X 76  
AA1 2 ARG A 58  ? LEU A 62  ? ARG X 58  LEU X 62  
AA1 3 THR A 39  ? GLY A 43  ? THR X 39  GLY X 43  
AA1 4 VAL A 89  ? GLY A 93  ? VAL X 89  GLY X 93  
AA1 5 LEU A 2   ? HIS A 8   ? LEU X 2   HIS X 8   
AA1 6 ASP A 107 ? ILE A 113 ? ASP X 107 ILE X 113 
AA1 7 HIS A 149 ? ARG A 156 ? HIS X 149 ARG X 156 
AA1 8 TRP A 131 ? GLU A 138 ? TRP X 131 GLU X 138 
AA2 1 VAL A 13  ? GLY A 15  ? VAL X 13  GLY X 15  
AA2 2 THR A 121 ? PHE A 122 ? THR X 121 PHE X 122 
# 
loop_
_pdbx_struct_sheet_hbond.sheet_id 
_pdbx_struct_sheet_hbond.range_id_1 
_pdbx_struct_sheet_hbond.range_id_2 
_pdbx_struct_sheet_hbond.range_1_label_atom_id 
_pdbx_struct_sheet_hbond.range_1_label_comp_id 
_pdbx_struct_sheet_hbond.range_1_label_asym_id 
_pdbx_struct_sheet_hbond.range_1_label_seq_id 
_pdbx_struct_sheet_hbond.range_1_PDB_ins_code 
_pdbx_struct_sheet_hbond.range_1_auth_atom_id 
_pdbx_struct_sheet_hbond.range_1_auth_comp_id 
_pdbx_struct_sheet_hbond.range_1_auth_asym_id 
_pdbx_struct_sheet_hbond.range_1_auth_seq_id 
_pdbx_struct_sheet_hbond.range_2_label_atom_id 
_pdbx_struct_sheet_hbond.range_2_label_comp_id 
_pdbx_struct_sheet_hbond.range_2_label_asym_id 
_pdbx_struct_sheet_hbond.range_2_label_seq_id 
_pdbx_struct_sheet_hbond.range_2_PDB_ins_code 
_pdbx_struct_sheet_hbond.range_2_auth_atom_id 
_pdbx_struct_sheet_hbond.range_2_auth_comp_id 
_pdbx_struct_sheet_hbond.range_2_auth_asym_id 
_pdbx_struct_sheet_hbond.range_2_auth_seq_id 
AA1 1 2 O ASP A 74  ? O ASP X 74  N ASN A 59  ? N ASN X 59  
AA1 2 3 O VAL A 60  ? O VAL X 60  N LEU A 40  ? N LEU X 40  
AA1 3 4 N THR A 39  ? N THR X 39  O PHE A 90  ? O PHE X 90  
AA1 4 5 O ILE A 91  ? O ILE X 91  N SER A 3   ? N SER X 3   
AA1 5 6 N HIS A 8   ? N HIS X 8   O ILE A 113 ? O ILE X 113 
AA1 6 7 N ILE A 110 ? N ILE X 110 O LEU A 152 ? O LEU X 152 
AA1 7 8 O PHE A 151 ? O PHE X 151 N VAL A 137 ? N VAL X 137 
AA2 1 2 N ILE A 14  ? N ILE X 14  O THR A 121 ? O THR X 121 
# 
loop_
_struct_site.id 
_struct_site.pdbx_evidence_code 
_struct_site.pdbx_auth_asym_id 
_struct_site.pdbx_auth_comp_id 
_struct_site.pdbx_auth_seq_id 
_struct_site.pdbx_auth_ins_code 
_struct_site.pdbx_num_residues 
_struct_site.details 
AC1 Software X XNP 201 ? 28 'binding site for residue XNP X 201' 
AC2 Software X U75 202 ? 17 'binding site for residue U75 X 202' 
AC3 Software X GOL 203 ? 4  'binding site for residue GOL X 203' 
# 
loop_
_struct_site_gen.id 
_struct_site_gen.site_id 
_struct_site_gen.pdbx_num_res 
_struct_site_gen.label_comp_id 
_struct_site_gen.label_asym_id 
_struct_site_gen.label_seq_id 
_struct_site_gen.pdbx_auth_ins_code 
_struct_site_gen.auth_comp_id 
_struct_site_gen.auth_asym_id 
_struct_site_gen.auth_seq_id 
_struct_site_gen.label_atom_id 
_struct_site_gen.label_alt_id 
_struct_site_gen.symmetry 
_struct_site_gen.details 
1  AC1 28 ILE A 14  ? ILE X 14  . ? 1_555  ? 
2  AC1 28 ASN A 18  ? ASN X 18  . ? 1_555  ? 
3  AC1 28 LEU A 20  ? LEU X 20  . ? 1_555  ? 
4  AC1 28 GLY A 43  ? GLY X 43  . ? 1_555  ? 
5  AC1 28 ARG A 44  ? ARG X 44  . ? 1_555  ? 
6  AC1 28 LYS A 45  ? LYS X 45  . ? 1_555  ? 
7  AC1 28 THR A 46  ? THR X 46  . ? 1_555  ? 
8  AC1 28 SER A 49  ? SER X 49  . ? 1_555  ? 
9  AC1 28 LEU A 62  ? LEU X 62  . ? 1_555  ? 
10 AC1 28 THR A 63  ? THR X 63  . ? 1_555  ? 
11 AC1 28 SER A 64  ? SER X 64  . ? 1_555  ? 
12 AC1 28 SER A 67  ? SER X 67  . ? 12_565 ? 
13 AC1 28 HIS A 77  ? HIS X 77  . ? 1_555  ? 
14 AC1 28 ILE A 79  ? ILE X 79  . ? 1_555  ? 
15 AC1 28 GLY A 94  ? GLY X 94  . ? 1_555  ? 
16 AC1 28 GLN A 95  ? GLN X 95  . ? 1_555  ? 
17 AC1 28 THR A 96  ? THR X 96  . ? 1_555  ? 
18 AC1 28 LEU A 97  ? LEU X 97  . ? 1_555  ? 
19 AC1 28 GLU A 100 ? GLU X 100 . ? 1_555  ? 
20 AC1 28 THR A 121 ? THR X 121 . ? 1_555  ? 
21 AC1 28 HOH E .   ? HOH X 303 . ? 12_565 ? 
22 AC1 28 HOH E .   ? HOH X 304 . ? 1_555  ? 
23 AC1 28 HOH E .   ? HOH X 305 . ? 1_555  ? 
24 AC1 28 HOH E .   ? HOH X 319 . ? 1_555  ? 
25 AC1 28 HOH E .   ? HOH X 332 . ? 1_555  ? 
26 AC1 28 HOH E .   ? HOH X 347 . ? 1_555  ? 
27 AC1 28 HOH E .   ? HOH X 360 . ? 1_555  ? 
28 AC1 28 HOH E .   ? HOH X 364 . ? 1_555  ? 
29 AC2 17 LEU A 5   ? LEU X 5   . ? 1_555  ? 
30 AC2 17 VAL A 6   ? VAL X 6   . ? 1_555  ? 
31 AC2 17 ALA A 7   ? ALA X 7   . ? 1_555  ? 
32 AC2 17 ASN A 18  ? ASN X 18  . ? 1_555  ? 
33 AC2 17 GLN A 19  ? GLN X 19  . ? 1_555  ? 
34 AC2 17 LEU A 20  ? LEU X 20  . ? 1_555  ? 
35 AC2 17 ASP A 27  ? ASP X 27  . ? 1_555  ? 
36 AC2 17 LEU A 28  ? LEU X 28  . ? 1_555  ? 
37 AC2 17 VAL A 31  ? VAL X 31  . ? 1_555  ? 
38 AC2 17 THR A 46  ? THR X 46  . ? 1_555  ? 
39 AC2 17 SER A 49  ? SER X 49  . ? 1_555  ? 
40 AC2 17 ILE A 50  ? ILE X 50  . ? 1_555  ? 
41 AC2 17 PHE A 92  ? PHE X 92  . ? 1_555  ? 
42 AC2 17 THR A 111 ? THR X 111 . ? 1_555  ? 
43 AC2 17 HOH E .   ? HOH X 328 . ? 1_555  ? 
44 AC2 17 HOH E .   ? HOH X 334 . ? 1_555  ? 
45 AC2 17 HOH E .   ? HOH X 378 . ? 1_555  ? 
46 AC3 4  ARG A 12  ? ARG X 12  . ? 1_555  ? 
47 AC3 4  PRO A 125 ? PRO X 125 . ? 1_555  ? 
48 AC3 4  TYR A 126 ? TYR X 126 . ? 1_555  ? 
49 AC3 4  GLU A 132 ? GLU X 132 . ? 6_555  ? 
# 
_pdbx_validate_close_contact.id               1 
_pdbx_validate_close_contact.PDB_model_num    1 
_pdbx_validate_close_contact.auth_atom_id_1   OG 
_pdbx_validate_close_contact.auth_asym_id_1   X 
_pdbx_validate_close_contact.auth_comp_id_1   SER 
_pdbx_validate_close_contact.auth_seq_id_1    78 
_pdbx_validate_close_contact.PDB_ins_code_1   ? 
_pdbx_validate_close_contact.label_alt_id_1   A 
_pdbx_validate_close_contact.auth_atom_id_2   OE1 
_pdbx_validate_close_contact.auth_asym_id_2   X 
_pdbx_validate_close_contact.auth_comp_id_2   GLU 
_pdbx_validate_close_contact.auth_seq_id_2    80 
_pdbx_validate_close_contact.PDB_ins_code_2   ? 
_pdbx_validate_close_contact.label_alt_id_2   ? 
_pdbx_validate_close_contact.dist             2.09 
# 
loop_
_pdbx_validate_torsion.id 
_pdbx_validate_torsion.PDB_model_num 
_pdbx_validate_torsion.auth_comp_id 
_pdbx_validate_torsion.auth_asym_id 
_pdbx_validate_torsion.auth_seq_id 
_pdbx_validate_torsion.PDB_ins_code 
_pdbx_validate_torsion.label_alt_id 
_pdbx_validate_torsion.phi 
_pdbx_validate_torsion.psi 
1 1 HIS X 38  ? ? -130.01 -152.28 
2 1 ASP X 142 ? ? -161.11 -160.51 
# 
loop_
_chem_comp_atom.comp_id 
_chem_comp_atom.atom_id 
_chem_comp_atom.type_symbol 
_chem_comp_atom.pdbx_aromatic_flag 
_chem_comp_atom.pdbx_stereo_config 
_chem_comp_atom.pdbx_ordinal 
ALA N     N N N 1   
ALA CA    C N S 2   
ALA C     C N N 3   
ALA O     O N N 4   
ALA CB    C N N 5   
ALA OXT   O N N 6   
ALA H     H N N 7   
ALA H2    H N N 8   
ALA HA    H N N 9   
ALA HB1   H N N 10  
ALA HB2   H N N 11  
ALA HB3   H N N 12  
ALA HXT   H N N 13  
ARG N     N N N 14  
ARG CA    C N S 15  
ARG C     C N N 16  
ARG O     O N N 17  
ARG CB    C N N 18  
ARG CG    C N N 19  
ARG CD    C N N 20  
ARG NE    N N N 21  
ARG CZ    C N N 22  
ARG NH1   N N N 23  
ARG NH2   N N N 24  
ARG OXT   O N N 25  
ARG H     H N N 26  
ARG H2    H N N 27  
ARG HA    H N N 28  
ARG HB2   H N N 29  
ARG HB3   H N N 30  
ARG HG2   H N N 31  
ARG HG3   H N N 32  
ARG HD2   H N N 33  
ARG HD3   H N N 34  
ARG HE    H N N 35  
ARG HH11  H N N 36  
ARG HH12  H N N 37  
ARG HH21  H N N 38  
ARG HH22  H N N 39  
ARG HXT   H N N 40  
ASN N     N N N 41  
ASN CA    C N S 42  
ASN C     C N N 43  
ASN O     O N N 44  
ASN CB    C N N 45  
ASN CG    C N N 46  
ASN OD1   O N N 47  
ASN ND2   N N N 48  
ASN OXT   O N N 49  
ASN H     H N N 50  
ASN H2    H N N 51  
ASN HA    H N N 52  
ASN HB2   H N N 53  
ASN HB3   H N N 54  
ASN HD21  H N N 55  
ASN HD22  H N N 56  
ASN HXT   H N N 57  
ASP N     N N N 58  
ASP CA    C N S 59  
ASP C     C N N 60  
ASP O     O N N 61  
ASP CB    C N N 62  
ASP CG    C N N 63  
ASP OD1   O N N 64  
ASP OD2   O N N 65  
ASP OXT   O N N 66  
ASP H     H N N 67  
ASP H2    H N N 68  
ASP HA    H N N 69  
ASP HB2   H N N 70  
ASP HB3   H N N 71  
ASP HD2   H N N 72  
ASP HXT   H N N 73  
GLN N     N N N 74  
GLN CA    C N S 75  
GLN C     C N N 76  
GLN O     O N N 77  
GLN CB    C N N 78  
GLN CG    C N N 79  
GLN CD    C N N 80  
GLN OE1   O N N 81  
GLN NE2   N N N 82  
GLN OXT   O N N 83  
GLN H     H N N 84  
GLN H2    H N N 85  
GLN HA    H N N 86  
GLN HB2   H N N 87  
GLN HB3   H N N 88  
GLN HG2   H N N 89  
GLN HG3   H N N 90  
GLN HE21  H N N 91  
GLN HE22  H N N 92  
GLN HXT   H N N 93  
GLU N     N N N 94  
GLU CA    C N S 95  
GLU C     C N N 96  
GLU O     O N N 97  
GLU CB    C N N 98  
GLU CG    C N N 99  
GLU CD    C N N 100 
GLU OE1   O N N 101 
GLU OE2   O N N 102 
GLU OXT   O N N 103 
GLU H     H N N 104 
GLU H2    H N N 105 
GLU HA    H N N 106 
GLU HB2   H N N 107 
GLU HB3   H N N 108 
GLU HG2   H N N 109 
GLU HG3   H N N 110 
GLU HE2   H N N 111 
GLU HXT   H N N 112 
GLY N     N N N 113 
GLY CA    C N N 114 
GLY C     C N N 115 
GLY O     O N N 116 
GLY OXT   O N N 117 
GLY H     H N N 118 
GLY H2    H N N 119 
GLY HA2   H N N 120 
GLY HA3   H N N 121 
GLY HXT   H N N 122 
GOL C1    C N N 123 
GOL O1    O N N 124 
GOL C2    C N N 125 
GOL O2    O N N 126 
GOL C3    C N N 127 
GOL O3    O N N 128 
GOL H11   H N N 129 
GOL H12   H N N 130 
GOL HO1   H N N 131 
GOL H2    H N N 132 
GOL HO2   H N N 133 
GOL H31   H N N 134 
GOL H32   H N N 135 
GOL HO3   H N N 136 
HIS N     N N N 137 
HIS CA    C N S 138 
HIS C     C N N 139 
HIS O     O N N 140 
HIS CB    C N N 141 
HIS CG    C Y N 142 
HIS ND1   N Y N 143 
HIS CD2   C Y N 144 
HIS CE1   C Y N 145 
HIS NE2   N Y N 146 
HIS OXT   O N N 147 
HIS H     H N N 148 
HIS H2    H N N 149 
HIS HA    H N N 150 
HIS HB2   H N N 151 
HIS HB3   H N N 152 
HIS HD1   H N N 153 
HIS HD2   H N N 154 
HIS HE1   H N N 155 
HIS HE2   H N N 156 
HIS HXT   H N N 157 
HOH O     O N N 158 
HOH H1    H N N 159 
HOH H2    H N N 160 
ILE N     N N N 161 
ILE CA    C N S 162 
ILE C     C N N 163 
ILE O     O N N 164 
ILE CB    C N S 165 
ILE CG1   C N N 166 
ILE CG2   C N N 167 
ILE CD1   C N N 168 
ILE OXT   O N N 169 
ILE H     H N N 170 
ILE H2    H N N 171 
ILE HA    H N N 172 
ILE HB    H N N 173 
ILE HG12  H N N 174 
ILE HG13  H N N 175 
ILE HG21  H N N 176 
ILE HG22  H N N 177 
ILE HG23  H N N 178 
ILE HD11  H N N 179 
ILE HD12  H N N 180 
ILE HD13  H N N 181 
ILE HXT   H N N 182 
LEU N     N N N 183 
LEU CA    C N S 184 
LEU C     C N N 185 
LEU O     O N N 186 
LEU CB    C N N 187 
LEU CG    C N N 188 
LEU CD1   C N N 189 
LEU CD2   C N N 190 
LEU OXT   O N N 191 
LEU H     H N N 192 
LEU H2    H N N 193 
LEU HA    H N N 194 
LEU HB2   H N N 195 
LEU HB3   H N N 196 
LEU HG    H N N 197 
LEU HD11  H N N 198 
LEU HD12  H N N 199 
LEU HD13  H N N 200 
LEU HD21  H N N 201 
LEU HD22  H N N 202 
LEU HD23  H N N 203 
LEU HXT   H N N 204 
LYS N     N N N 205 
LYS CA    C N S 206 
LYS C     C N N 207 
LYS O     O N N 208 
LYS CB    C N N 209 
LYS CG    C N N 210 
LYS CD    C N N 211 
LYS CE    C N N 212 
LYS NZ    N N N 213 
LYS OXT   O N N 214 
LYS H     H N N 215 
LYS H2    H N N 216 
LYS HA    H N N 217 
LYS HB2   H N N 218 
LYS HB3   H N N 219 
LYS HG2   H N N 220 
LYS HG3   H N N 221 
LYS HD2   H N N 222 
LYS HD3   H N N 223 
LYS HE2   H N N 224 
LYS HE3   H N N 225 
LYS HZ1   H N N 226 
LYS HZ2   H N N 227 
LYS HZ3   H N N 228 
LYS HXT   H N N 229 
MET N     N N N 230 
MET CA    C N S 231 
MET C     C N N 232 
MET O     O N N 233 
MET CB    C N N 234 
MET CG    C N N 235 
MET SD    S N N 236 
MET CE    C N N 237 
MET OXT   O N N 238 
MET H     H N N 239 
MET H2    H N N 240 
MET HA    H N N 241 
MET HB2   H N N 242 
MET HB3   H N N 243 
MET HG2   H N N 244 
MET HG3   H N N 245 
MET HE1   H N N 246 
MET HE2   H N N 247 
MET HE3   H N N 248 
MET HXT   H N N 249 
PHE N     N N N 250 
PHE CA    C N S 251 
PHE C     C N N 252 
PHE O     O N N 253 
PHE CB    C N N 254 
PHE CG    C Y N 255 
PHE CD1   C Y N 256 
PHE CD2   C Y N 257 
PHE CE1   C Y N 258 
PHE CE2   C Y N 259 
PHE CZ    C Y N 260 
PHE OXT   O N N 261 
PHE H     H N N 262 
PHE H2    H N N 263 
PHE HA    H N N 264 
PHE HB2   H N N 265 
PHE HB3   H N N 266 
PHE HD1   H N N 267 
PHE HD2   H N N 268 
PHE HE1   H N N 269 
PHE HE2   H N N 270 
PHE HZ    H N N 271 
PHE HXT   H N N 272 
PRO N     N N N 273 
PRO CA    C N S 274 
PRO C     C N N 275 
PRO O     O N N 276 
PRO CB    C N N 277 
PRO CG    C N N 278 
PRO CD    C N N 279 
PRO OXT   O N N 280 
PRO H     H N N 281 
PRO HA    H N N 282 
PRO HB2   H N N 283 
PRO HB3   H N N 284 
PRO HG2   H N N 285 
PRO HG3   H N N 286 
PRO HD2   H N N 287 
PRO HD3   H N N 288 
PRO HXT   H N N 289 
SER N     N N N 290 
SER CA    C N S 291 
SER C     C N N 292 
SER O     O N N 293 
SER CB    C N N 294 
SER OG    O N N 295 
SER OXT   O N N 296 
SER H     H N N 297 
SER H2    H N N 298 
SER HA    H N N 299 
SER HB2   H N N 300 
SER HB3   H N N 301 
SER HG    H N N 302 
SER HXT   H N N 303 
THR N     N N N 304 
THR CA    C N S 305 
THR C     C N N 306 
THR O     O N N 307 
THR CB    C N R 308 
THR OG1   O N N 309 
THR CG2   C N N 310 
THR OXT   O N N 311 
THR H     H N N 312 
THR H2    H N N 313 
THR HA    H N N 314 
THR HB    H N N 315 
THR HG1   H N N 316 
THR HG21  H N N 317 
THR HG22  H N N 318 
THR HG23  H N N 319 
THR HXT   H N N 320 
TRP N     N N N 321 
TRP CA    C N S 322 
TRP C     C N N 323 
TRP O     O N N 324 
TRP CB    C N N 325 
TRP CG    C Y N 326 
TRP CD1   C Y N 327 
TRP CD2   C Y N 328 
TRP NE1   N Y N 329 
TRP CE2   C Y N 330 
TRP CE3   C Y N 331 
TRP CZ2   C Y N 332 
TRP CZ3   C Y N 333 
TRP CH2   C Y N 334 
TRP OXT   O N N 335 
TRP H     H N N 336 
TRP H2    H N N 337 
TRP HA    H N N 338 
TRP HB2   H N N 339 
TRP HB3   H N N 340 
TRP HD1   H N N 341 
TRP HE1   H N N 342 
TRP HE3   H N N 343 
TRP HZ2   H N N 344 
TRP HZ3   H N N 345 
TRP HH2   H N N 346 
TRP HXT   H N N 347 
TYR N     N N N 348 
TYR CA    C N S 349 
TYR C     C N N 350 
TYR O     O N N 351 
TYR CB    C N N 352 
TYR CG    C Y N 353 
TYR CD1   C Y N 354 
TYR CD2   C Y N 355 
TYR CE1   C Y N 356 
TYR CE2   C Y N 357 
TYR CZ    C Y N 358 
TYR OH    O N N 359 
TYR OXT   O N N 360 
TYR H     H N N 361 
TYR H2    H N N 362 
TYR HA    H N N 363 
TYR HB2   H N N 364 
TYR HB3   H N N 365 
TYR HD1   H N N 366 
TYR HD2   H N N 367 
TYR HE1   H N N 368 
TYR HE2   H N N 369 
TYR HH    H N N 370 
TYR HXT   H N N 371 
U75 C4    C Y N 372 
U75 C5    C Y N 373 
U75 C6    C Y N 374 
U75 N1    N Y N 375 
U75 N3    N Y N 376 
U75 CAI   C N N 377 
U75 CAH   C N N 378 
U75 C2    C Y N 379 
U75 NAJ   N N N 380 
U75 NAG   N N N 381 
U75 CAK   C N N 382 
U75 CAL   C N N 383 
U75 CAM   C N N 384 
U75 CAN   C Y N 385 
U75 CAO   C Y N 386 
U75 CAS   C Y N 387 
U75 CAR   C Y N 388 
U75 OBB   O N N 389 
U75 CBC   C N N 390 
U75 CAQ   C Y N 391 
U75 CAP   C Y N 392 
U75 CAT   C Y N 393 
U75 CAU   C Y N 394 
U75 CAV   C Y N 395 
U75 CAW   C Y N 396 
U75 CAZ   C N N 397 
U75 OBD   O N N 398 
U75 OBA   O N N 399 
U75 CAX   C Y N 400 
U75 CAY   C Y N 401 
U75 H1    H N N 402 
U75 H2    H N N 403 
U75 H3    H N N 404 
U75 H4    H N N 405 
U75 H5    H N N 406 
U75 H6    H N N 407 
U75 H7    H N N 408 
U75 H8    H N N 409 
U75 H9    H N N 410 
U75 H10   H N N 411 
U75 H11   H N N 412 
U75 H12   H N N 413 
U75 H13   H N N 414 
U75 H14   H N N 415 
U75 H15   H N N 416 
U75 H16   H N N 417 
U75 H17   H N N 418 
U75 H18   H N N 419 
U75 H19   H N N 420 
U75 H20   H N N 421 
U75 H21   H N N 422 
U75 H22   H N N 423 
VAL N     N N N 424 
VAL CA    C N S 425 
VAL C     C N N 426 
VAL O     O N N 427 
VAL CB    C N N 428 
VAL CG1   C N N 429 
VAL CG2   C N N 430 
VAL OXT   O N N 431 
VAL H     H N N 432 
VAL H2    H N N 433 
VAL HA    H N N 434 
VAL HB    H N N 435 
VAL HG11  H N N 436 
VAL HG12  H N N 437 
VAL HG13  H N N 438 
VAL HG21  H N N 439 
VAL HG22  H N N 440 
VAL HG23  H N N 441 
VAL HXT   H N N 442 
XNP "O3'" O N N 443 
XNP "C3'" C N R 444 
XNP "C2'" C N R 445 
XNP "O2'" O N N 446 
XNP CAA   C N R 447 
XNP CAB   C N N 448 
XNP CAC   C N N 449 
XNP CAD   C N N 450 
XNP CBT   C N N 451 
XNP OBV   O N N 452 
XNP NBU   N N N 453 
XNP CAE   C N N 454 
XNP NAF   N N N 455 
XNP "C1'" C N R 456 
XNP "O4'" O N N 457 
XNP "C4'" C N R 458 
XNP "C5'" C N N 459 
XNP "O5'" O N N 460 
XNP PAN   P N N 461 
XNP OBP   O N N 462 
XNP OBO   O N N 463 
XNP OAO   O N N 464 
XNP PAP   P N N 465 
XNP OBQ   O N N 466 
XNP OBR   O N N 467 
XNP OAQ   O N N 468 
XNP CAR   C N N 469 
XNP CAS   C N R 470 
XNP OAW   O N N 471 
XNP CAT   C N R 472 
XNP OAZ   O N N 473 
XNP CAU   C N R 474 
XNP OAY   O N N 475 
XNP PBA   P N N 476 
XNP OBB   O N N 477 
XNP OBC   O N N 478 
XNP OBD   O N N 479 
XNP CAV   C N R 480 
XNP NAX   N Y N 481 
XNP CBE   C Y N 482 
XNP NBF   N Y N 483 
XNP CBG   C Y N 484 
XNP CBH   C Y N 485 
XNP NBL   N Y N 486 
XNP CBK   C Y N 487 
XNP NBJ   N Y N 488 
XNP CBI   C Y N 489 
XNP NBM   N N N 490 
XNP H1    H N N 491 
XNP H2    H N N 492 
XNP H3    H N N 493 
XNP H4    H N N 494 
XNP H5    H N N 495 
XNP H6    H N N 496 
XNP H7    H N N 497 
XNP H8    H N N 498 
XNP H9    H N N 499 
XNP H10   H N N 500 
XNP H11   H N N 501 
XNP H12   H N N 502 
XNP H13   H N N 503 
XNP H14   H N N 504 
XNP H15   H N N 505 
XNP H16   H N N 506 
XNP H17   H N N 507 
XNP H18   H N N 508 
XNP H19   H N N 509 
XNP H20   H N N 510 
XNP H21   H N N 511 
XNP H22   H N N 512 
XNP H23   H N N 513 
XNP H24   H N N 514 
XNP H25   H N N 515 
XNP H26   H N N 516 
XNP H27   H N N 517 
XNP H30   H N N 518 
XNP H31   H N N 519 
XNP H32   H N N 520 
# 
loop_
_chem_comp_bond.comp_id 
_chem_comp_bond.atom_id_1 
_chem_comp_bond.atom_id_2 
_chem_comp_bond.value_order 
_chem_comp_bond.pdbx_aromatic_flag 
_chem_comp_bond.pdbx_stereo_config 
_chem_comp_bond.pdbx_ordinal 
ALA N     CA    sing N N 1   
ALA N     H     sing N N 2   
ALA N     H2    sing N N 3   
ALA CA    C     sing N N 4   
ALA CA    CB    sing N N 5   
ALA CA    HA    sing N N 6   
ALA C     O     doub N N 7   
ALA C     OXT   sing N N 8   
ALA CB    HB1   sing N N 9   
ALA CB    HB2   sing N N 10  
ALA CB    HB3   sing N N 11  
ALA OXT   HXT   sing N N 12  
ARG N     CA    sing N N 13  
ARG N     H     sing N N 14  
ARG N     H2    sing N N 15  
ARG CA    C     sing N N 16  
ARG CA    CB    sing N N 17  
ARG CA    HA    sing N N 18  
ARG C     O     doub N N 19  
ARG C     OXT   sing N N 20  
ARG CB    CG    sing N N 21  
ARG CB    HB2   sing N N 22  
ARG CB    HB3   sing N N 23  
ARG CG    CD    sing N N 24  
ARG CG    HG2   sing N N 25  
ARG CG    HG3   sing N N 26  
ARG CD    NE    sing N N 27  
ARG CD    HD2   sing N N 28  
ARG CD    HD3   sing N N 29  
ARG NE    CZ    sing N N 30  
ARG NE    HE    sing N N 31  
ARG CZ    NH1   sing N N 32  
ARG CZ    NH2   doub N N 33  
ARG NH1   HH11  sing N N 34  
ARG NH1   HH12  sing N N 35  
ARG NH2   HH21  sing N N 36  
ARG NH2   HH22  sing N N 37  
ARG OXT   HXT   sing N N 38  
ASN N     CA    sing N N 39  
ASN N     H     sing N N 40  
ASN N     H2    sing N N 41  
ASN CA    C     sing N N 42  
ASN CA    CB    sing N N 43  
ASN CA    HA    sing N N 44  
ASN C     O     doub N N 45  
ASN C     OXT   sing N N 46  
ASN CB    CG    sing N N 47  
ASN CB    HB2   sing N N 48  
ASN CB    HB3   sing N N 49  
ASN CG    OD1   doub N N 50  
ASN CG    ND2   sing N N 51  
ASN ND2   HD21  sing N N 52  
ASN ND2   HD22  sing N N 53  
ASN OXT   HXT   sing N N 54  
ASP N     CA    sing N N 55  
ASP N     H     sing N N 56  
ASP N     H2    sing N N 57  
ASP CA    C     sing N N 58  
ASP CA    CB    sing N N 59  
ASP CA    HA    sing N N 60  
ASP C     O     doub N N 61  
ASP C     OXT   sing N N 62  
ASP CB    CG    sing N N 63  
ASP CB    HB2   sing N N 64  
ASP CB    HB3   sing N N 65  
ASP CG    OD1   doub N N 66  
ASP CG    OD2   sing N N 67  
ASP OD2   HD2   sing N N 68  
ASP OXT   HXT   sing N N 69  
GLN N     CA    sing N N 70  
GLN N     H     sing N N 71  
GLN N     H2    sing N N 72  
GLN CA    C     sing N N 73  
GLN CA    CB    sing N N 74  
GLN CA    HA    sing N N 75  
GLN C     O     doub N N 76  
GLN C     OXT   sing N N 77  
GLN CB    CG    sing N N 78  
GLN CB    HB2   sing N N 79  
GLN CB    HB3   sing N N 80  
GLN CG    CD    sing N N 81  
GLN CG    HG2   sing N N 82  
GLN CG    HG3   sing N N 83  
GLN CD    OE1   doub N N 84  
GLN CD    NE2   sing N N 85  
GLN NE2   HE21  sing N N 86  
GLN NE2   HE22  sing N N 87  
GLN OXT   HXT   sing N N 88  
GLU N     CA    sing N N 89  
GLU N     H     sing N N 90  
GLU N     H2    sing N N 91  
GLU CA    C     sing N N 92  
GLU CA    CB    sing N N 93  
GLU CA    HA    sing N N 94  
GLU C     O     doub N N 95  
GLU C     OXT   sing N N 96  
GLU CB    CG    sing N N 97  
GLU CB    HB2   sing N N 98  
GLU CB    HB3   sing N N 99  
GLU CG    CD    sing N N 100 
GLU CG    HG2   sing N N 101 
GLU CG    HG3   sing N N 102 
GLU CD    OE1   doub N N 103 
GLU CD    OE2   sing N N 104 
GLU OE2   HE2   sing N N 105 
GLU OXT   HXT   sing N N 106 
GLY N     CA    sing N N 107 
GLY N     H     sing N N 108 
GLY N     H2    sing N N 109 
GLY CA    C     sing N N 110 
GLY CA    HA2   sing N N 111 
GLY CA    HA3   sing N N 112 
GLY C     O     doub N N 113 
GLY C     OXT   sing N N 114 
GLY OXT   HXT   sing N N 115 
GOL C1    O1    sing N N 116 
GOL C1    C2    sing N N 117 
GOL C1    H11   sing N N 118 
GOL C1    H12   sing N N 119 
GOL O1    HO1   sing N N 120 
GOL C2    O2    sing N N 121 
GOL C2    C3    sing N N 122 
GOL C2    H2    sing N N 123 
GOL O2    HO2   sing N N 124 
GOL C3    O3    sing N N 125 
GOL C3    H31   sing N N 126 
GOL C3    H32   sing N N 127 
GOL O3    HO3   sing N N 128 
HIS N     CA    sing N N 129 
HIS N     H     sing N N 130 
HIS N     H2    sing N N 131 
HIS CA    C     sing N N 132 
HIS CA    CB    sing N N 133 
HIS CA    HA    sing N N 134 
HIS C     O     doub N N 135 
HIS C     OXT   sing N N 136 
HIS CB    CG    sing N N 137 
HIS CB    HB2   sing N N 138 
HIS CB    HB3   sing N N 139 
HIS CG    ND1   sing Y N 140 
HIS CG    CD2   doub Y N 141 
HIS ND1   CE1   doub Y N 142 
HIS ND1   HD1   sing N N 143 
HIS CD2   NE2   sing Y N 144 
HIS CD2   HD2   sing N N 145 
HIS CE1   NE2   sing Y N 146 
HIS CE1   HE1   sing N N 147 
HIS NE2   HE2   sing N N 148 
HIS OXT   HXT   sing N N 149 
HOH O     H1    sing N N 150 
HOH O     H2    sing N N 151 
ILE N     CA    sing N N 152 
ILE N     H     sing N N 153 
ILE N     H2    sing N N 154 
ILE CA    C     sing N N 155 
ILE CA    CB    sing N N 156 
ILE CA    HA    sing N N 157 
ILE C     O     doub N N 158 
ILE C     OXT   sing N N 159 
ILE CB    CG1   sing N N 160 
ILE CB    CG2   sing N N 161 
ILE CB    HB    sing N N 162 
ILE CG1   CD1   sing N N 163 
ILE CG1   HG12  sing N N 164 
ILE CG1   HG13  sing N N 165 
ILE CG2   HG21  sing N N 166 
ILE CG2   HG22  sing N N 167 
ILE CG2   HG23  sing N N 168 
ILE CD1   HD11  sing N N 169 
ILE CD1   HD12  sing N N 170 
ILE CD1   HD13  sing N N 171 
ILE OXT   HXT   sing N N 172 
LEU N     CA    sing N N 173 
LEU N     H     sing N N 174 
LEU N     H2    sing N N 175 
LEU CA    C     sing N N 176 
LEU CA    CB    sing N N 177 
LEU CA    HA    sing N N 178 
LEU C     O     doub N N 179 
LEU C     OXT   sing N N 180 
LEU CB    CG    sing N N 181 
LEU CB    HB2   sing N N 182 
LEU CB    HB3   sing N N 183 
LEU CG    CD1   sing N N 184 
LEU CG    CD2   sing N N 185 
LEU CG    HG    sing N N 186 
LEU CD1   HD11  sing N N 187 
LEU CD1   HD12  sing N N 188 
LEU CD1   HD13  sing N N 189 
LEU CD2   HD21  sing N N 190 
LEU CD2   HD22  sing N N 191 
LEU CD2   HD23  sing N N 192 
LEU OXT   HXT   sing N N 193 
LYS N     CA    sing N N 194 
LYS N     H     sing N N 195 
LYS N     H2    sing N N 196 
LYS CA    C     sing N N 197 
LYS CA    CB    sing N N 198 
LYS CA    HA    sing N N 199 
LYS C     O     doub N N 200 
LYS C     OXT   sing N N 201 
LYS CB    CG    sing N N 202 
LYS CB    HB2   sing N N 203 
LYS CB    HB3   sing N N 204 
LYS CG    CD    sing N N 205 
LYS CG    HG2   sing N N 206 
LYS CG    HG3   sing N N 207 
LYS CD    CE    sing N N 208 
LYS CD    HD2   sing N N 209 
LYS CD    HD3   sing N N 210 
LYS CE    NZ    sing N N 211 
LYS CE    HE2   sing N N 212 
LYS CE    HE3   sing N N 213 
LYS NZ    HZ1   sing N N 214 
LYS NZ    HZ2   sing N N 215 
LYS NZ    HZ3   sing N N 216 
LYS OXT   HXT   sing N N 217 
MET N     CA    sing N N 218 
MET N     H     sing N N 219 
MET N     H2    sing N N 220 
MET CA    C     sing N N 221 
MET CA    CB    sing N N 222 
MET CA    HA    sing N N 223 
MET C     O     doub N N 224 
MET C     OXT   sing N N 225 
MET CB    CG    sing N N 226 
MET CB    HB2   sing N N 227 
MET CB    HB3   sing N N 228 
MET CG    SD    sing N N 229 
MET CG    HG2   sing N N 230 
MET CG    HG3   sing N N 231 
MET SD    CE    sing N N 232 
MET CE    HE1   sing N N 233 
MET CE    HE2   sing N N 234 
MET CE    HE3   sing N N 235 
MET OXT   HXT   sing N N 236 
PHE N     CA    sing N N 237 
PHE N     H     sing N N 238 
PHE N     H2    sing N N 239 
PHE CA    C     sing N N 240 
PHE CA    CB    sing N N 241 
PHE CA    HA    sing N N 242 
PHE C     O     doub N N 243 
PHE C     OXT   sing N N 244 
PHE CB    CG    sing N N 245 
PHE CB    HB2   sing N N 246 
PHE CB    HB3   sing N N 247 
PHE CG    CD1   doub Y N 248 
PHE CG    CD2   sing Y N 249 
PHE CD1   CE1   sing Y N 250 
PHE CD1   HD1   sing N N 251 
PHE CD2   CE2   doub Y N 252 
PHE CD2   HD2   sing N N 253 
PHE CE1   CZ    doub Y N 254 
PHE CE1   HE1   sing N N 255 
PHE CE2   CZ    sing Y N 256 
PHE CE2   HE2   sing N N 257 
PHE CZ    HZ    sing N N 258 
PHE OXT   HXT   sing N N 259 
PRO N     CA    sing N N 260 
PRO N     CD    sing N N 261 
PRO N     H     sing N N 262 
PRO CA    C     sing N N 263 
PRO CA    CB    sing N N 264 
PRO CA    HA    sing N N 265 
PRO C     O     doub N N 266 
PRO C     OXT   sing N N 267 
PRO CB    CG    sing N N 268 
PRO CB    HB2   sing N N 269 
PRO CB    HB3   sing N N 270 
PRO CG    CD    sing N N 271 
PRO CG    HG2   sing N N 272 
PRO CG    HG3   sing N N 273 
PRO CD    HD2   sing N N 274 
PRO CD    HD3   sing N N 275 
PRO OXT   HXT   sing N N 276 
SER N     CA    sing N N 277 
SER N     H     sing N N 278 
SER N     H2    sing N N 279 
SER CA    C     sing N N 280 
SER CA    CB    sing N N 281 
SER CA    HA    sing N N 282 
SER C     O     doub N N 283 
SER C     OXT   sing N N 284 
SER CB    OG    sing N N 285 
SER CB    HB2   sing N N 286 
SER CB    HB3   sing N N 287 
SER OG    HG    sing N N 288 
SER OXT   HXT   sing N N 289 
THR N     CA    sing N N 290 
THR N     H     sing N N 291 
THR N     H2    sing N N 292 
THR CA    C     sing N N 293 
THR CA    CB    sing N N 294 
THR CA    HA    sing N N 295 
THR C     O     doub N N 296 
THR C     OXT   sing N N 297 
THR CB    OG1   sing N N 298 
THR CB    CG2   sing N N 299 
THR CB    HB    sing N N 300 
THR OG1   HG1   sing N N 301 
THR CG2   HG21  sing N N 302 
THR CG2   HG22  sing N N 303 
THR CG2   HG23  sing N N 304 
THR OXT   HXT   sing N N 305 
TRP N     CA    sing N N 306 
TRP N     H     sing N N 307 
TRP N     H2    sing N N 308 
TRP CA    C     sing N N 309 
TRP CA    CB    sing N N 310 
TRP CA    HA    sing N N 311 
TRP C     O     doub N N 312 
TRP C     OXT   sing N N 313 
TRP CB    CG    sing N N 314 
TRP CB    HB2   sing N N 315 
TRP CB    HB3   sing N N 316 
TRP CG    CD1   doub Y N 317 
TRP CG    CD2   sing Y N 318 
TRP CD1   NE1   sing Y N 319 
TRP CD1   HD1   sing N N 320 
TRP CD2   CE2   doub Y N 321 
TRP CD2   CE3   sing Y N 322 
TRP NE1   CE2   sing Y N 323 
TRP NE1   HE1   sing N N 324 
TRP CE2   CZ2   sing Y N 325 
TRP CE3   CZ3   doub Y N 326 
TRP CE3   HE3   sing N N 327 
TRP CZ2   CH2   doub Y N 328 
TRP CZ2   HZ2   sing N N 329 
TRP CZ3   CH2   sing Y N 330 
TRP CZ3   HZ3   sing N N 331 
TRP CH2   HH2   sing N N 332 
TRP OXT   HXT   sing N N 333 
TYR N     CA    sing N N 334 
TYR N     H     sing N N 335 
TYR N     H2    sing N N 336 
TYR CA    C     sing N N 337 
TYR CA    CB    sing N N 338 
TYR CA    HA    sing N N 339 
TYR C     O     doub N N 340 
TYR C     OXT   sing N N 341 
TYR CB    CG    sing N N 342 
TYR CB    HB2   sing N N 343 
TYR CB    HB3   sing N N 344 
TYR CG    CD1   doub Y N 345 
TYR CG    CD2   sing Y N 346 
TYR CD1   CE1   sing Y N 347 
TYR CD1   HD1   sing N N 348 
TYR CD2   CE2   doub Y N 349 
TYR CD2   HD2   sing N N 350 
TYR CE1   CZ    doub Y N 351 
TYR CE1   HE1   sing N N 352 
TYR CE2   CZ    sing Y N 353 
TYR CE2   HE2   sing N N 354 
TYR CZ    OH    sing N N 355 
TYR OH    HH    sing N N 356 
TYR OXT   HXT   sing N N 357 
U75 NAG   C6    sing N N 358 
U75 N1    C6    doub Y N 359 
U75 N1    C2    sing Y N 360 
U75 NAJ   C2    sing N N 361 
U75 C6    C5    sing Y N 362 
U75 C2    N3    doub Y N 363 
U75 OBA   CAZ   doub N N 364 
U75 C5    CAK   sing N N 365 
U75 C5    C4    doub Y N 366 
U75 N3    C4    sing Y N 367 
U75 CAX   CAY   doub Y N 368 
U75 CAX   CAW   sing Y N 369 
U75 CAK   CAL   trip N N 370 
U75 C4    CAH   sing N N 371 
U75 CAY   CAT   sing Y N 372 
U75 CAL   CAM   sing N N 373 
U75 CAZ   CAW   sing N N 374 
U75 CAZ   OBD   sing N N 375 
U75 CAI   CAH   sing N N 376 
U75 CAW   CAV   doub Y N 377 
U75 CAM   CAN   sing N N 378 
U75 CAO   CAN   doub Y N 379 
U75 CAO   CAP   sing Y N 380 
U75 CAN   CAS   sing Y N 381 
U75 CAT   CAP   sing N N 382 
U75 CAT   CAU   doub Y N 383 
U75 CAP   CAQ   doub Y N 384 
U75 CAV   CAU   sing Y N 385 
U75 CAS   CAR   doub Y N 386 
U75 CAQ   CAR   sing Y N 387 
U75 CAR   OBB   sing N N 388 
U75 OBB   CBC   sing N N 389 
U75 CAI   H1    sing N N 390 
U75 CAI   H2    sing N N 391 
U75 CAI   H3    sing N N 392 
U75 CAH   H4    sing N N 393 
U75 CAH   H5    sing N N 394 
U75 NAJ   H6    sing N N 395 
U75 NAJ   H7    sing N N 396 
U75 NAG   H8    sing N N 397 
U75 NAG   H9    sing N N 398 
U75 CAM   H10   sing N N 399 
U75 CAM   H11   sing N N 400 
U75 CAO   H12   sing N N 401 
U75 CAS   H13   sing N N 402 
U75 CBC   H14   sing N N 403 
U75 CBC   H15   sing N N 404 
U75 CBC   H16   sing N N 405 
U75 CAQ   H17   sing N N 406 
U75 CAU   H18   sing N N 407 
U75 CAV   H19   sing N N 408 
U75 OBD   H20   sing N N 409 
U75 CAX   H21   sing N N 410 
U75 CAY   H22   sing N N 411 
VAL N     CA    sing N N 412 
VAL N     H     sing N N 413 
VAL N     H2    sing N N 414 
VAL CA    C     sing N N 415 
VAL CA    CB    sing N N 416 
VAL CA    HA    sing N N 417 
VAL C     O     doub N N 418 
VAL C     OXT   sing N N 419 
VAL CB    CG1   sing N N 420 
VAL CB    CG2   sing N N 421 
VAL CB    HB    sing N N 422 
VAL CG1   HG11  sing N N 423 
VAL CG1   HG12  sing N N 424 
VAL CG1   HG13  sing N N 425 
VAL CG2   HG21  sing N N 426 
VAL CG2   HG22  sing N N 427 
VAL CG2   HG23  sing N N 428 
VAL OXT   HXT   sing N N 429 
XNP "O3'" "C3'" sing N N 430 
XNP "C3'" "C2'" sing N N 431 
XNP "C3'" "C4'" sing N N 432 
XNP "C2'" "O2'" sing N N 433 
XNP "C2'" "C1'" sing N N 434 
XNP "O2'" CAA   sing N N 435 
XNP CAA   CAB   sing N N 436 
XNP CAA   NAF   sing N N 437 
XNP CAB   CAC   sing N N 438 
XNP CAC   CAD   sing N N 439 
XNP CAD   CBT   sing N N 440 
XNP CAD   CAE   doub N N 441 
XNP CBT   OBV   doub N N 442 
XNP CBT   NBU   sing N N 443 
XNP CAE   NAF   sing N N 444 
XNP NAF   "C1'" sing N N 445 
XNP "C1'" "O4'" sing N N 446 
XNP "O4'" "C4'" sing N N 447 
XNP "C4'" "C5'" sing N N 448 
XNP "C5'" "O5'" sing N N 449 
XNP "O5'" PAN   sing N N 450 
XNP PAN   OBP   doub N N 451 
XNP PAN   OBO   sing N N 452 
XNP PAN   OAO   sing N N 453 
XNP OAO   PAP   sing N N 454 
XNP PAP   OBQ   doub N N 455 
XNP PAP   OBR   sing N N 456 
XNP PAP   OAQ   sing N N 457 
XNP OAQ   CAR   sing N N 458 
XNP CAR   CAS   sing N N 459 
XNP CAS   OAW   sing N N 460 
XNP CAS   CAT   sing N N 461 
XNP OAW   CAV   sing N N 462 
XNP CAT   OAZ   sing N N 463 
XNP CAT   CAU   sing N N 464 
XNP CAU   OAY   sing N N 465 
XNP CAU   CAV   sing N N 466 
XNP OAY   PBA   sing N N 467 
XNP PBA   OBB   doub N N 468 
XNP PBA   OBC   sing N N 469 
XNP PBA   OBD   sing N N 470 
XNP CAV   NAX   sing N N 471 
XNP NAX   CBE   sing Y N 472 
XNP NAX   CBH   sing Y N 473 
XNP CBE   NBF   doub Y N 474 
XNP NBF   CBG   sing Y N 475 
XNP CBG   CBH   doub Y N 476 
XNP CBG   CBI   sing Y N 477 
XNP CBH   NBL   sing Y N 478 
XNP NBL   CBK   doub Y N 479 
XNP CBK   NBJ   sing Y N 480 
XNP NBJ   CBI   doub Y N 481 
XNP CBI   NBM   sing N N 482 
XNP "O3'" H1    sing N N 483 
XNP "C3'" H2    sing N N 484 
XNP "C2'" H3    sing N N 485 
XNP CAA   H4    sing N N 486 
XNP CAB   H5    sing N N 487 
XNP CAB   H6    sing N N 488 
XNP CAC   H7    sing N N 489 
XNP CAC   H8    sing N N 490 
XNP NBU   H9    sing N N 491 
XNP NBU   H10   sing N N 492 
XNP CAE   H11   sing N N 493 
XNP "C1'" H12   sing N N 494 
XNP "C4'" H13   sing N N 495 
XNP "C5'" H14   sing N N 496 
XNP "C5'" H15   sing N N 497 
XNP OBO   H16   sing N N 498 
XNP OBR   H17   sing N N 499 
XNP CAR   H18   sing N N 500 
XNP CAR   H19   sing N N 501 
XNP CAS   H20   sing N N 502 
XNP CAT   H21   sing N N 503 
XNP OAZ   H22   sing N N 504 
XNP CAU   H23   sing N N 505 
XNP OBC   H24   sing N N 506 
XNP OBD   H25   sing N N 507 
XNP CAV   H26   sing N N 508 
XNP CBE   H27   sing N N 509 
XNP CBK   H30   sing N N 510 
XNP NBM   H31   sing N N 511 
XNP NBM   H32   sing N N 512 
# 
_pdbx_audit_support.funding_organization   
'National Institutes of Health/National Institute Of Allergy and Infectious Diseases (NIH/NIAID)' 
_pdbx_audit_support.country                'United States' 
_pdbx_audit_support.grant_number           AI111957 
_pdbx_audit_support.ordinal                1 
# 
_atom_sites.entry_id                    5HF2 
_atom_sites.fract_transf_matrix[1][1]   0.01315689 
_atom_sites.fract_transf_matrix[1][2]   0.00293859 
_atom_sites.fract_transf_matrix[1][3]   0.00563804 
_atom_sites.fract_transf_matrix[2][1]   0.00337234 
_atom_sites.fract_transf_matrix[2][2]   0.01365895 
_atom_sites.fract_transf_matrix[2][3]   0.00394602 
_atom_sites.fract_transf_matrix[3][1]   -0.00326796 
_atom_sites.fract_transf_matrix[3][2]   -0.00164382 
_atom_sites.fract_transf_matrix[3][3]   0.00848286 
_atom_sites.fract_transf_vector[1]      0.227272 
_atom_sites.fract_transf_vector[2]      0.402541 
_atom_sites.fract_transf_vector[3]      0.022916 
# 
loop_
_atom_type.symbol 
C 
N 
O 
P 
S 
# 
loop_
_atom_site.group_PDB 
_atom_site.id 
_atom_site.type_symbol 
_atom_site.label_atom_id 
_atom_site.label_alt_id 
_atom_site.label_comp_id 
_atom_site.label_asym_id 
_atom_site.label_entity_id 
_atom_site.label_seq_id 
_atom_site.pdbx_PDB_ins_code 
_atom_site.Cartn_x 
_atom_site.Cartn_y 
_atom_site.Cartn_z 
_atom_site.occupancy 
_atom_site.B_iso_or_equiv 
_atom_site.pdbx_formal_charge 
_atom_site.auth_seq_id 
_atom_site.auth_comp_id 
_atom_site.auth_asym_id 
_atom_site.auth_atom_id 
_atom_site.pdbx_PDB_model_num 
ATOM   1    N N     . THR A 1 1   ? 4.505   0.750   -15.075 1.00 39.88 ? 1   THR X N     1 
ATOM   2    C CA    . THR A 1 1   ? 3.898   -0.336  -14.309 1.00 39.44 ? 1   THR X CA    1 
ATOM   3    C C     . THR A 1 1   ? 2.958   0.204   -13.223 1.00 36.17 ? 1   THR X C     1 
ATOM   4    O O     . THR A 1 1   ? 3.274   1.190   -12.554 1.00 30.76 ? 1   THR X O     1 
ATOM   5    C CB    . THR A 1 1   ? 4.978   -1.227  -13.653 1.00 38.59 ? 1   THR X CB    1 
ATOM   6    O OG1   . THR A 1 1   ? 5.927   -1.646  -14.643 1.00 49.32 ? 1   THR X OG1   1 
ATOM   7    C CG2   . THR A 1 1   ? 4.356   -2.451  -12.995 1.00 35.68 ? 1   THR X CG2   1 
ATOM   8    N N     . LEU A 1 2   ? 1.803   -0.440  -13.066 1.00 29.86 ? 2   LEU X N     1 
ATOM   9    C CA    . LEU A 1 2   ? 0.874   -0.145  -11.975 1.00 27.37 ? 2   LEU X CA    1 
ATOM   10   C C     . LEU A 1 2   ? 0.857   -1.301  -10.964 1.00 22.19 ? 2   LEU X C     1 
ATOM   11   O O     . LEU A 1 2   ? 0.458   -2.403  -11.308 1.00 23.23 ? 2   LEU X O     1 
ATOM   12   C CB    . LEU A 1 2   ? -0.530  0.089   -12.523 1.00 24.40 ? 2   LEU X CB    1 
ATOM   13   C CG    . LEU A 1 2   ? -1.550  0.621   -11.525 1.00 30.57 ? 2   LEU X CG    1 
ATOM   14   C CD1   . LEU A 1 2   ? -1.096  1.967   -10.995 1.00 31.80 ? 2   LEU X CD1   1 
ATOM   15   C CD2   . LEU A 1 2   ? -2.928  0.731   -12.177 1.00 33.03 ? 2   LEU X CD2   1 
ATOM   16   N N     . SER A 1 3   ? 1.275   -1.048  -9.727  1.00 24.03 ? 3   SER X N     1 
ATOM   17   C CA    . SER A 1 3   ? 1.376   -2.120  -8.721  1.00 20.48 ? 3   SER X CA    1 
ATOM   18   C C     . SER A 1 3   ? 0.584   -1.772  -7.464  1.00 23.77 ? 3   SER X C     1 
ATOM   19   O O     . SER A 1 3   ? 0.408   -0.593  -7.145  1.00 25.19 ? 3   SER X O     1 
ATOM   20   C CB    . SER A 1 3   ? 2.838   -2.378  -8.318  1.00 23.16 ? 3   SER X CB    1 
ATOM   21   O OG    . SER A 1 3   ? 3.724   -2.425  -9.437  1.00 23.73 ? 3   SER X OG    1 
ATOM   22   N N     . ILE A 1 4   ? 0.119   -2.797  -6.749  1.00 17.84 ? 4   ILE X N     1 
ATOM   23   C CA    . ILE A 1 4   ? -0.319  -2.601  -5.371  1.00 19.27 ? 4   ILE X CA    1 
ATOM   24   C C     . ILE A 1 4   ? 0.868   -2.794  -4.422  1.00 23.23 ? 4   ILE X C     1 
ATOM   25   O O     . ILE A 1 4   ? 1.758   -3.624  -4.670  1.00 20.84 ? 4   ILE X O     1 
ATOM   26   C CB    . ILE A 1 4   ? -1.493  -3.554  -5.033  1.00 17.91 ? 4   ILE X CB    1 
ATOM   27   C CG1   . ILE A 1 4   ? -2.821  -2.852  -5.382  1.00 20.15 ? 4   ILE X CG1   1 
ATOM   28   C CG2   . ILE A 1 4   ? -1.533  -3.932  -3.564  1.00 19.17 ? 4   ILE X CG2   1 
ATOM   29   C CD1   . ILE A 1 4   ? -4.062  -3.751  -5.265  1.00 16.20 ? 4   ILE X CD1   1 
ATOM   30   N N     . LEU A 1 5   ? 0.912   -1.978  -3.372  1.00 18.58 ? 5   LEU X N     1 
ATOM   31   C CA    . LEU A 1 5   ? 1.877   -2.132  -2.281  1.00 19.57 ? 5   LEU X CA    1 
ATOM   32   C C     . LEU A 1 5   ? 1.122   -2.152  -0.962  1.00 19.07 ? 5   LEU X C     1 
ATOM   33   O O     . LEU A 1 5   ? 0.470   -1.180  -0.618  1.00 19.27 ? 5   LEU X O     1 
ATOM   34   C CB    . LEU A 1 5   ? 2.889   -0.987  -2.305  1.00 19.37 ? 5   LEU X CB    1 
ATOM   35   C CG    . LEU A 1 5   ? 3.969   -0.871  -1.229  1.00 19.24 ? 5   LEU X CG    1 
ATOM   36   C CD1   . LEU A 1 5   ? 4.822   -2.141  -1.178  1.00 23.00 ? 5   LEU X CD1   1 
ATOM   37   C CD2   . LEU A 1 5   ? 4.844   0.370   -1.493  1.00 19.79 ? 5   LEU X CD2   1 
ATOM   38   N N     . VAL A 1 6   ? 1.200   -3.248  -0.216  1.00 16.83 ? 6   VAL X N     1 
ATOM   39   C CA    . VAL A 1 6   ? 0.356   -3.387  0.975   1.00 15.65 ? 6   VAL X CA    1 
ATOM   40   C C     . VAL A 1 6   ? 0.995   -4.341  1.983   1.00 17.74 ? 6   VAL X C     1 
ATOM   41   O O     . VAL A 1 6   ? 1.703   -5.288  1.613   1.00 16.18 ? 6   VAL X O     1 
ATOM   42   C CB    . VAL A 1 6   ? -1.079  -3.887  0.605   1.00 16.91 ? 6   VAL X CB    1 
ATOM   43   C CG1   . VAL A 1 6   ? -1.032  -5.299  -0.031  1.00 17.91 ? 6   VAL X CG1   1 
ATOM   44   C CG2   . VAL A 1 6   ? -2.013  -3.905  1.821   1.00 15.23 ? 6   VAL X CG2   1 
ATOM   45   N N     . ALA A 1 7   ? 0.743   -4.074  3.261   1.00 17.84 ? 7   ALA X N     1 
ATOM   46   C CA    . ALA A 1 7   ? 1.057   -5.002  4.334   1.00 16.61 ? 7   ALA X CA    1 
ATOM   47   C C     . ALA A 1 7   ? -0.265  -5.431  4.963   1.00 21.05 ? 7   ALA X C     1 
ATOM   48   O O     . ALA A 1 7   ? -1.032  -4.567  5.390   1.00 18.10 ? 7   ALA X O     1 
ATOM   49   C CB    . ALA A 1 7   ? 1.956   -4.345  5.387   1.00 17.72 ? 7   ALA X CB    1 
ATOM   50   N N     . HIS A 1 8   ? -0.555  -6.737  5.002   1.00 19.28 ? 8   HIS X N     1 
ATOM   51   C CA    . HIS A 1 8   ? -1.776  -7.188  5.688   1.00 19.96 ? 8   HIS X CA    1 
ATOM   52   C C     . HIS A 1 8   ? -1.529  -8.430  6.531   1.00 21.80 ? 8   HIS X C     1 
ATOM   53   O O     . HIS A 1 8   ? -0.586  -9.180  6.279   1.00 20.08 ? 8   HIS X O     1 
ATOM   54   C CB    . HIS A 1 8   ? -2.930  -7.411  4.693   1.00 17.16 ? 8   HIS X CB    1 
ATOM   55   C CG    . HIS A 1 8   ? -2.785  -8.604  3.790   1.00 16.48 ? 8   HIS X CG    1 
ATOM   56   N ND1   . HIS A 1 8   ? -2.828  -9.901  4.253   1.00 18.67 ? 8   HIS X ND1   1 
ATOM   57   C CD2   . HIS A 1 8   ? -2.677  -8.691  2.443   1.00 18.95 ? 8   HIS X CD2   1 
ATOM   58   C CE1   . HIS A 1 8   ? -2.717  -10.734 3.235   1.00 22.11 ? 8   HIS X CE1   1 
ATOM   59   N NE2   . HIS A 1 8   ? -2.622  -10.026 2.124   1.00 20.53 ? 8   HIS X NE2   1 
ATOM   60   N N     . ASP A 1 9   ? -2.371  -8.632  7.549   1.00 16.23 ? 9   ASP X N     1 
ATOM   61   C CA    . ASP A 1 9   ? -2.172  -9.745  8.458   1.00 17.74 ? 9   ASP X CA    1 
ATOM   62   C C     . ASP A 1 9   ? -2.883  -10.999 7.930   1.00 19.63 ? 9   ASP X C     1 
ATOM   63   O O     . ASP A 1 9   ? -3.311  -11.017 6.794   1.00 18.27 ? 9   ASP X O     1 
ATOM   64   C CB    . ASP A 1 9   ? -2.604  -9.361  9.893   1.00 19.70 ? 9   ASP X CB    1 
ATOM   65   C CG    . ASP A 1 9   ? -4.111  -9.442  10.140  1.00 19.06 ? 9   ASP X CG    1 
ATOM   66   O OD1   . ASP A 1 9   ? -4.908  -9.720  9.222   1.00 20.02 ? 9   ASP X OD1   1 
ATOM   67   O OD2   . ASP A 1 9   ? -4.502  -9.197  11.303  1.00 20.40 ? 9   ASP X OD2   1 
ATOM   68   N N     . LEU A 1 10  ? -2.984  -12.041 8.751   1.00 20.00 ? 10  LEU X N     1 
ATOM   69   C CA    . LEU A 1 10  ? -3.544  -13.309 8.311   1.00 22.03 ? 10  LEU X CA    1 
ATOM   70   C C     . LEU A 1 10  ? -5.006  -13.215 7.910   1.00 24.54 ? 10  LEU X C     1 
ATOM   71   O O     . LEU A 1 10  ? -5.508  -14.068 7.165   1.00 25.07 ? 10  LEU X O     1 
ATOM   72   C CB    . LEU A 1 10  ? -3.384  -14.371 9.401   1.00 21.60 ? 10  LEU X CB    1 
ATOM   73   C CG    . LEU A 1 10  ? -1.928  -14.743 9.701   1.00 20.83 ? 10  LEU X CG    1 
ATOM   74   C CD1   . LEU A 1 10  ? -1.838  -15.608 10.917  1.00 28.48 ? 10  LEU X CD1   1 
ATOM   75   C CD2   . LEU A 1 10  ? -1.290  -15.432 8.504   1.00 24.25 ? 10  LEU X CD2   1 
ATOM   76   N N     . GLN A 1 11  ? -5.695  -12.189 8.391   1.00 20.19 ? 11  GLN X N     1 
ATOM   77   C CA    . GLN A 1 11  ? -7.096  -12.026 8.042   1.00 20.27 ? 11  GLN X CA    1 
ATOM   78   C C     . GLN A 1 11  ? -7.312  -10.771 7.189   1.00 23.82 ? 11  GLN X C     1 
ATOM   79   O O     . GLN A 1 11  ? -8.419  -10.270 7.085   1.00 23.20 ? 11  GLN X O     1 
ATOM   80   C CB    . GLN A 1 11  ? -7.947  -12.006 9.317   1.00 24.08 ? 11  GLN X CB    1 
ATOM   81   C CG    . GLN A 1 11  ? -7.930  -13.375 9.995   1.00 27.81 ? 11  GLN X CG    1 
ATOM   82   C CD    . GLN A 1 11  ? -8.607  -13.416 11.356  1.00 38.85 ? 11  GLN X CD    1 
ATOM   83   O OE1   . GLN A 1 11  ? -8.494  -12.485 12.165  1.00 30.58 ? 11  GLN X OE1   1 
ATOM   84   N NE2   . GLN A 1 11  ? -9.316  -14.512 11.615  1.00 35.90 ? 11  GLN X NE2   1 
ATOM   85   N N     . ARG A 1 12  ? -6.223  -10.312 6.573   1.00 19.41 ? 12  ARG X N     1 
ATOM   86   C CA    . ARG A 1 12  ? -6.174  -9.156  5.678   1.00 18.31 ? 12  ARG X CA    1 
ATOM   87   C C     . ARG A 1 12  ? -6.419  -7.801  6.352   1.00 18.46 ? 12  ARG X C     1 
ATOM   88   O O     . ARG A 1 12  ? -6.732  -6.831  5.675   1.00 20.34 ? 12  ARG X O     1 
ATOM   89   C CB    . ARG A 1 12  ? -7.155  -9.340  4.504   1.00 17.95 ? 12  ARG X CB    1 
ATOM   90   C CG    . ARG A 1 12  ? -6.582  -10.195 3.360   1.00 18.96 ? 12  ARG X CG    1 
ATOM   91   C CD    . ARG A 1 12  ? -7.633  -10.477 2.288   1.00 23.67 ? 12  ARG X CD    1 
ATOM   92   N NE    . ARG A 1 12  ? -8.670  -11.354 2.818   1.00 23.59 ? 12  ARG X NE    1 
ATOM   93   C CZ    . ARG A 1 12  ? -9.857  -10.946 3.259   1.00 25.90 ? 12  ARG X CZ    1 
ATOM   94   N NH1   . ARG A 1 12  ? -10.194 -9.654  3.209   1.00 21.76 ? 12  ARG X NH1   1 
ATOM   95   N NH2   . ARG A 1 12  ? -10.712 -11.837 3.751   1.00 26.15 ? 12  ARG X NH2   1 
ATOM   96   N N     . VAL A 1 13  ? -6.244  -7.718  7.663   1.00 17.23 ? 13  VAL X N     1 
ATOM   97   C CA    . VAL A 1 13  ? -6.287  -6.416  8.323   1.00 16.89 ? 13  VAL X CA    1 
ATOM   98   C C     . VAL A 1 13  ? -5.148  -5.533  7.828   1.00 20.00 ? 13  VAL X C     1 
ATOM   99   O O     . VAL A 1 13  ? -4.023  -6.001  7.701   1.00 17.82 ? 13  VAL X O     1 
ATOM   100  C CB    . VAL A 1 13  ? -6.188  -6.562  9.847   1.00 20.22 ? 13  VAL X CB    1 
ATOM   101  C CG1   . VAL A 1 13  ? -5.898  -5.191  10.501  1.00 16.44 ? 13  VAL X CG1   1 
ATOM   102  C CG2   . VAL A 1 13  ? -7.474  -7.173  10.389  1.00 22.65 ? 13  VAL X CG2   1 
ATOM   103  N N     . ILE A 1 14  ? -5.428  -4.270  7.494   1.00 19.35 ? 14  ILE X N     1 
ATOM   104  C CA    . ILE A 1 14  ? -4.326  -3.358  7.184   1.00 18.44 ? 14  ILE X CA    1 
ATOM   105  C C     . ILE A 1 14  ? -4.281  -2.152  8.131   1.00 21.00 ? 14  ILE X C     1 
ATOM   106  O O     . ILE A 1 14  ? -3.300  -1.407  8.151   1.00 18.86 ? 14  ILE X O     1 
ATOM   107  C CB    . ILE A 1 14  ? -4.381  -2.854  5.703   1.00 17.89 ? 14  ILE X CB    1 
ATOM   108  C CG1   . ILE A 1 14  ? -5.666  -2.061  5.446   1.00 18.25 ? 14  ILE X CG1   1 
ATOM   109  C CG2   . ILE A 1 14  ? -4.318  -4.026  4.732   1.00 16.29 ? 14  ILE X CG2   1 
ATOM   110  C CD1   . ILE A 1 14  ? -5.681  -1.372  4.072   1.00 19.61 ? 14  ILE X CD1   1 
ATOM   111  N N     . GLY A 1 15  ? -5.319  -1.954  8.931   1.00 17.96 ? 15  GLY X N     1 
ATOM   112  C CA    . GLY A 1 15  ? -5.349  -0.758  9.762   1.00 21.90 ? 15  GLY X CA    1 
ATOM   113  C C     . GLY A 1 15  ? -6.301  -0.861  10.932  1.00 22.20 ? 15  GLY X C     1 
ATOM   114  O O     . GLY A 1 15  ? -7.211  -1.692  10.925  1.00 16.43 ? 15  GLY X O     1 
ATOM   115  N N     . PHE A 1 16  ? -6.070  -0.044  11.953  1.00 18.55 ? 16  PHE X N     1 
ATOM   116  C CA    . PHE A 1 16  ? -6.992  0.049   13.092  1.00 20.08 ? 16  PHE X CA    1 
ATOM   117  C C     . PHE A 1 16  ? -6.899  1.438   13.679  1.00 24.66 ? 16  PHE X C     1 
ATOM   118  O O     . PHE A 1 16  ? -5.818  1.854   14.093  1.00 22.67 ? 16  PHE X O     1 
ATOM   119  C CB    . PHE A 1 16  ? -6.665  -0.994  14.163  1.00 20.13 ? 16  PHE X CB    1 
ATOM   120  C CG    . PHE A 1 16  ? -7.607  -0.967  15.348  1.00 25.12 ? 16  PHE X CG    1 
ATOM   121  C CD1   . PHE A 1 16  ? -8.921  -1.406  15.210  1.00 24.63 ? 16  PHE X CD1   1 
ATOM   122  C CD2   . PHE A 1 16  ? -7.188  -0.488  16.584  1.00 31.39 ? 16  PHE X CD2   1 
ATOM   123  C CE1   . PHE A 1 16  ? -9.797  -1.384  16.295  1.00 28.38 ? 16  PHE X CE1   1 
ATOM   124  C CE2   . PHE A 1 16  ? -8.059  -0.463  17.668  1.00 35.33 ? 16  PHE X CE2   1 
ATOM   125  C CZ    . PHE A 1 16  ? -9.366  -0.916  17.519  1.00 30.33 ? 16  PHE X CZ    1 
ATOM   126  N N     . GLU A 1 17  ? -8.029  2.138   13.720  1.00 22.34 ? 17  GLU X N     1 
ATOM   127  C CA    . GLU A 1 17  ? -8.100  3.479   14.301  1.00 24.66 ? 17  GLU X CA    1 
ATOM   128  C C     . GLU A 1 17  ? -6.969  4.384   13.826  1.00 26.86 ? 17  GLU X C     1 
ATOM   129  O O     . GLU A 1 17  ? -6.232  4.957   14.630  1.00 24.64 ? 17  GLU X O     1 
ATOM   130  C CB    . GLU A 1 17  ? -8.121  3.385   15.823  1.00 29.74 ? 17  GLU X CB    1 
ATOM   131  C CG    . GLU A 1 17  ? -9.494  2.957   16.316  1.00 31.95 ? 17  GLU X CG    1 
ATOM   132  C CD    . GLU A 1 17  ? -9.568  2.803   17.813  1.00 39.07 ? 17  GLU X CD    1 
ATOM   133  O OE1   . GLU A 1 17  ? -8.539  2.991   18.488  1.00 41.51 ? 17  GLU X OE1   1 
ATOM   134  O OE2   . GLU A 1 17  ? -10.663 2.475   18.307  1.00 42.91 ? 17  GLU X OE2   1 
ATOM   135  N N     . ASN A 1 18  ? -6.869  4.483   12.508  1.00 23.42 ? 18  ASN X N     1 
ATOM   136  C CA    . ASN A 1 18  ? -5.931  5.356   11.795  1.00 29.42 ? 18  ASN X CA    1 
ATOM   137  C C     . ASN A 1 18  ? -4.475  5.012   11.990  1.00 33.51 ? 18  ASN X C     1 
ATOM   138  O O     . ASN A 1 18  ? -3.605  5.865   11.805  1.00 33.32 ? 18  ASN X O     1 
ATOM   139  C CB    . ASN A 1 18  ? -6.144  6.823   12.200  1.00 31.41 ? 18  ASN X CB    1 
ATOM   140  C CG    . ASN A 1 18  ? -7.407  7.413   11.614  1.00 36.18 ? 18  ASN X CG    1 
ATOM   141  O OD1   . ASN A 1 18  ? -8.012  6.841   10.699  1.00 37.09 ? 18  ASN X OD1   1 
ATOM   142  N ND2   . ASN A 1 18  ? -7.812  8.573   12.132  1.00 36.67 ? 18  ASN X ND2   1 
ATOM   143  N N     . GLN A 1 19  ? -4.201  3.772   12.378  1.00 28.08 ? 19  GLN X N     1 
ATOM   144  C CA    . GLN A 1 19  ? -2.828  3.354   12.640  1.00 29.93 ? 19  GLN X CA    1 
ATOM   145  C C     . GLN A 1 19  ? -2.535  2.025   11.970  1.00 30.19 ? 19  GLN X C     1 
ATOM   146  O O     . GLN A 1 19  ? -3.451  1.255   11.705  1.00 26.33 ? 19  GLN X O     1 
ATOM   147  C CB    . GLN A 1 19  ? -2.572  3.209   14.142  1.00 34.97 ? 19  GLN X CB    1 
ATOM   148  C CG    . GLN A 1 19  ? -2.910  4.418   14.967  1.00 36.57 ? 19  GLN X CG    1 
ATOM   149  C CD    . GLN A 1 19  ? -1.736  5.332   15.124  1.00 43.84 ? 19  GLN X CD    1 
ATOM   150  O OE1   . GLN A 1 19  ? -0.950  5.525   14.190  1.00 46.79 ? 19  GLN X OE1   1 
ATOM   151  N NE2   . GLN A 1 19  ? -1.589  5.898   16.319  1.00 58.73 ? 19  GLN X NE2   1 
ATOM   152  N N     . LEU A 1 20  ? -1.261  1.759   11.713  1.00 28.09 ? 20  LEU X N     1 
ATOM   153  C CA    . LEU A 1 20  ? -0.830  0.401   11.426  1.00 25.43 ? 20  LEU X CA    1 
ATOM   154  C C     . LEU A 1 20  ? -0.907  -0.368  12.733  1.00 27.80 ? 20  LEU X C     1 
ATOM   155  O O     . LEU A 1 20  ? -0.403  0.108   13.738  1.00 29.39 ? 20  LEU X O     1 
ATOM   156  C CB    . LEU A 1 20  ? 0.603   0.383   10.887  1.00 24.25 ? 20  LEU X CB    1 
ATOM   157  C CG    . LEU A 1 20  ? 0.890   1.287   9.691   1.00 24.02 ? 20  LEU X CG    1 
ATOM   158  C CD1   . LEU A 1 20  ? 2.390   1.244   9.367   1.00 20.74 ? 20  LEU X CD1   1 
ATOM   159  C CD2   . LEU A 1 20  ? 0.045   0.848   8.487   1.00 19.10 ? 20  LEU X CD2   1 
ATOM   160  N N     . PRO A 1 21  ? -1.528  -1.559  12.731  1.00 27.07 ? 21  PRO X N     1 
ATOM   161  C CA    . PRO A 1 21  ? -1.704  -2.324  13.981  1.00 21.60 ? 21  PRO X CA    1 
ATOM   162  C C     . PRO A 1 21  ? -0.418  -2.889  14.578  1.00 29.83 ? 21  PRO X C     1 
ATOM   163  O O     . PRO A 1 21  ? -0.391  -3.224  15.760  1.00 29.62 ? 21  PRO X O     1 
ATOM   164  C CB    . PRO A 1 21  ? -2.628  -3.469  13.558  1.00 20.84 ? 21  PRO X CB    1 
ATOM   165  C CG    . PRO A 1 21  ? -3.307  -2.974  12.314  1.00 24.86 ? 21  PRO X CG    1 
ATOM   166  C CD    . PRO A 1 21  ? -2.261  -2.164  11.606  1.00 25.74 ? 21  PRO X CD    1 
ATOM   167  N N     . TRP A 1 22  ? 0.619   -3.016  13.760  1.00 25.52 ? 22  TRP X N     1 
ATOM   168  C CA    . TRP A 1 22  ? 1.877   -3.642  14.144  1.00 24.55 ? 22  TRP X CA    1 
ATOM   169  C C     . TRP A 1 22  ? 3.034   -2.667  13.966  1.00 28.72 ? 22  TRP X C     1 
ATOM   170  O O     . TRP A 1 22  ? 2.902   -1.661  13.274  1.00 23.72 ? 22  TRP X O     1 
ATOM   171  C CB    . TRP A 1 22  ? 2.136   -4.879  13.294  1.00 26.49 ? 22  TRP X CB    1 
ATOM   172  C CG    . TRP A 1 22  ? 1.920   -4.556  11.856  1.00 26.50 ? 22  TRP X CG    1 
ATOM   173  C CD1   . TRP A 1 22  ? 2.779   -3.873  11.024  1.00 24.49 ? 22  TRP X CD1   1 
ATOM   174  C CD2   . TRP A 1 22  ? 0.759   -4.852  11.077  1.00 23.57 ? 22  TRP X CD2   1 
ATOM   175  N NE1   . TRP A 1 22  ? 2.216   -3.728  9.780   1.00 22.50 ? 22  TRP X NE1   1 
ATOM   176  C CE2   . TRP A 1 22  ? 0.976   -4.320  9.785   1.00 21.99 ? 22  TRP X CE2   1 
ATOM   177  C CE3   . TRP A 1 22  ? -0.448  -5.517  11.345  1.00 18.59 ? 22  TRP X CE3   1 
ATOM   178  C CZ2   . TRP A 1 22  ? 0.035   -4.442  8.759   1.00 23.56 ? 22  TRP X CZ2   1 
ATOM   179  C CZ3   . TRP A 1 22  ? -1.376  -5.631  10.329  1.00 23.23 ? 22  TRP X CZ3   1 
ATOM   180  C CH2   . TRP A 1 22  ? -1.132  -5.097  9.053   1.00 22.33 ? 22  TRP X CH2   1 
ATOM   181  N N     . HIS A 1 23  ? 4.170   -3.001  14.568  1.00 30.25 ? 23  HIS X N     1 
ATOM   182  C CA    . HIS A 1 23  ? 5.400   -2.221  14.440  1.00 30.71 ? 23  HIS X CA    1 
ATOM   183  C C     . HIS A 1 23  ? 6.458   -3.082  13.778  1.00 33.89 ? 23  HIS X C     1 
ATOM   184  O O     . HIS A 1 23  ? 7.004   -4.001  14.402  1.00 29.23 ? 23  HIS X O     1 
ATOM   185  C CB    . HIS A 1 23  ? 5.903   -1.747  15.801  1.00 31.06 ? 23  HIS X CB    1 
ATOM   186  C CG    . HIS A 1 23  ? 4.932   -0.883  16.548  1.00 40.79 ? 23  HIS X CG    1 
ATOM   187  N ND1   . HIS A 1 23  ? 4.840   0.479   16.348  1.00 57.80 ? 23  HIS X ND1   1 
ATOM   188  C CD2   . HIS A 1 23  ? 4.022   -1.186  17.504  1.00 43.36 ? 23  HIS X CD2   1 
ATOM   189  C CE1   . HIS A 1 23  ? 3.911   0.977   17.145  1.00 50.21 ? 23  HIS X CE1   1 
ATOM   190  N NE2   . HIS A 1 23  ? 3.401   -0.012  17.859  1.00 49.82 ? 23  HIS X NE2   1 
ATOM   191  N N     . LEU A 1 24  ? 6.751   -2.790  12.517  1.00 23.53 ? 24  LEU X N     1 
ATOM   192  C CA    . LEU A 1 24  ? 7.661   -3.634  11.758  1.00 21.86 ? 24  LEU X CA    1 
ATOM   193  C C     . LEU A 1 24  ? 8.609   -2.795  10.910  1.00 22.70 ? 24  LEU X C     1 
ATOM   194  O O     . LEU A 1 24  ? 8.355   -2.559  9.728   1.00 22.43 ? 24  LEU X O     1 
ATOM   195  C CB    . LEU A 1 24  ? 6.860   -4.580  10.869  1.00 24.64 ? 24  LEU X CB    1 
ATOM   196  C CG    . LEU A 1 24  ? 7.510   -5.905  10.515  1.00 34.01 ? 24  LEU X CG    1 
ATOM   197  C CD1   . LEU A 1 24  ? 8.107   -6.539  11.769  1.00 31.52 ? 24  LEU X CD1   1 
ATOM   198  C CD2   . LEU A 1 24  ? 6.454   -6.799  9.896   1.00 28.52 ? 24  LEU X CD2   1 
ATOM   199  N N     . PRO A 1 25  ? 9.710   -2.328  11.514  1.00 25.83 ? 25  PRO X N     1 
ATOM   200  C CA    . PRO A 1 25  ? 10.689  -1.505  10.795  1.00 25.93 ? 25  PRO X CA    1 
ATOM   201  C C     . PRO A 1 25  ? 11.175  -2.137  9.486   1.00 20.75 ? 25  PRO X C     1 
ATOM   202  O O     . PRO A 1 25  ? 11.428  -1.404  8.530   1.00 27.68 ? 25  PRO X O     1 
ATOM   203  C CB    . PRO A 1 25  ? 11.841  -1.382  11.805  1.00 26.70 ? 25  PRO X CB    1 
ATOM   204  C CG    . PRO A 1 25  ? 11.170  -1.489  13.129  1.00 29.56 ? 25  PRO X CG    1 
ATOM   205  C CD    . PRO A 1 25  ? 10.068  -2.496  12.936  1.00 26.75 ? 25  PRO X CD    1 
ATOM   206  N N     . ASN A 1 26  ? 11.288  -3.465  9.429   1.00 25.80 ? 26  ASN X N     1 
ATOM   207  C CA    . ASN A 1 26  ? 11.699  -4.142  8.193   1.00 26.04 ? 26  ASN X CA    1 
ATOM   208  C C     . ASN A 1 26  ? 10.762  -3.816  7.046   1.00 25.55 ? 26  ASN X C     1 
ATOM   209  O O     . ASN A 1 26  ? 11.185  -3.701  5.897   1.00 22.51 ? 26  ASN X O     1 
ATOM   210  C CB    . ASN A 1 26  ? 11.735  -5.670  8.363   1.00 24.52 ? 26  ASN X CB    1 
ATOM   211  C CG    . ASN A 1 26  ? 12.950  -6.149  9.139   1.00 38.87 ? 26  ASN X CG    1 
ATOM   212  O OD1   . ASN A 1 26  ? 13.810  -5.355  9.510   1.00 37.43 ? 26  ASN X OD1   1 
ATOM   213  N ND2   . ASN A 1 26  ? 13.004  -7.451  9.420   1.00 36.72 ? 26  ASN X ND2   1 
ATOM   214  N N     . ASP A 1 27  ? 9.476   -3.699  7.358   1.00 21.25 ? 27  ASP X N     1 
ATOM   215  C CA    . ASP A 1 27  ? 8.499   -3.437  6.309   1.00 19.44 ? 27  ASP X CA    1 
ATOM   216  C C     . ASP A 1 27  ? 8.571   -1.970  5.904   1.00 19.40 ? 27  ASP X C     1 
ATOM   217  O O     . ASP A 1 27  ? 8.428   -1.651  4.737   1.00 21.40 ? 27  ASP X O     1 
ATOM   218  C CB    . ASP A 1 27  ? 7.082   -3.817  6.759   1.00 21.79 ? 27  ASP X CB    1 
ATOM   219  C CG    . ASP A 1 27  ? 6.040   -3.459  5.724   1.00 20.40 ? 27  ASP X CG    1 
ATOM   220  O OD1   . ASP A 1 27  ? 6.061   -4.035  4.610   1.00 18.85 ? 27  ASP X OD1   1 
ATOM   221  O OD2   . ASP A 1 27  ? 5.213   -2.578  6.024   1.00 21.64 ? 27  ASP X OD2   1 
ATOM   222  N N     . LEU A 1 28  ? 8.811   -1.074  6.854   1.00 20.25 ? 28  LEU X N     1 
ATOM   223  C CA    . LEU A 1 28  ? 8.980   0.322   6.465   1.00 21.60 ? 28  LEU X CA    1 
ATOM   224  C C     . LEU A 1 28  ? 10.170  0.452   5.502   1.00 21.45 ? 28  LEU X C     1 
ATOM   225  O O     . LEU A 1 28  ? 10.116  1.220   4.539   1.00 23.05 ? 28  LEU X O     1 
ATOM   226  C CB    . LEU A 1 28  ? 9.186   1.221   7.688   1.00 24.28 ? 28  LEU X CB    1 
ATOM   227  C CG    . LEU A 1 28  ? 8.184   1.134   8.849   1.00 35.74 ? 28  LEU X CG    1 
ATOM   228  C CD1   . LEU A 1 28  ? 8.457   2.244   9.867   1.00 33.58 ? 28  LEU X CD1   1 
ATOM   229  C CD2   . LEU A 1 28  ? 6.726   1.165   8.377   1.00 25.74 ? 28  LEU X CD2   1 
ATOM   230  N N     . LYS A 1 29  ? 11.242  -0.304  5.749   1.00 23.48 ? 29  LYS X N     1 
ATOM   231  C CA    . LYS A 1 29  ? 12.400  -0.253  4.854   1.00 23.41 ? 29  LYS X CA    1 
ATOM   232  C C     . LYS A 1 29  ? 12.076  -0.797  3.468   1.00 22.78 ? 29  LYS X C     1 
ATOM   233  O O     . LYS A 1 29  ? 12.527  -0.282  2.452   1.00 24.75 ? 29  LYS X O     1 
ATOM   234  C CB    . LYS A 1 29  ? 13.573  -1.030  5.451   1.00 27.98 ? 29  LYS X CB    1 
ATOM   235  C CG    . LYS A 1 29  ? 14.218  -0.333  6.631   1.00 42.19 ? 29  LYS X CG    1 
ATOM   236  C CD    . LYS A 1 29  ? 15.570  -0.956  6.982   1.00 48.16 ? 29  LYS X CD    1 
ATOM   237  C CE    . LYS A 1 29  ? 16.205  -0.237  8.173   1.00 52.61 ? 29  LYS X CE    1 
ATOM   238  N NZ    . LYS A 1 29  ? 15.376  -0.325  9.424   1.00 48.10 ? 29  LYS X NZ    1 
ATOM   239  N N     . HIS A 1 30  ? 11.294  -1.862  3.449   1.00 23.43 ? 30  HIS X N     1 
ATOM   240  C CA    . HIS A 1 30  ? 10.772  -2.466  2.231   1.00 22.11 ? 30  HIS X CA    1 
ATOM   241  C C     . HIS A 1 30  ? 10.022  -1.432  1.377   1.00 21.18 ? 30  HIS X C     1 
ATOM   242  O O     . HIS A 1 30  ? 10.238  -1.312  0.163   1.00 24.82 ? 30  HIS X O     1 
ATOM   243  C CB    . HIS A 1 30  ? 9.865   -3.626  2.642   1.00 22.13 ? 30  HIS X CB    1 
ATOM   244  C CG    . HIS A 1 30  ? 9.250   -4.374  1.500   1.00 23.25 ? 30  HIS X CG    1 
ATOM   245  N ND1   . HIS A 1 30  ? 9.990   -5.137  0.624   1.00 23.00 ? 30  HIS X ND1   1 
ATOM   246  C CD2   . HIS A 1 30  ? 7.960   -4.506  1.121   1.00 21.94 ? 30  HIS X CD2   1 
ATOM   247  C CE1   . HIS A 1 30  ? 9.183   -5.694  -0.260  1.00 24.69 ? 30  HIS X CE1   1 
ATOM   248  N NE2   . HIS A 1 30  ? 7.942   -5.326  0.021   1.00 25.36 ? 30  HIS X NE2   1 
ATOM   249  N N     . VAL A 1 31  ? 9.151   -0.669  2.022   1.00 18.61 ? 31  VAL X N     1 
ATOM   250  C CA    . VAL A 1 31  ? 8.392   0.373   1.334   1.00 18.61 ? 31  VAL X CA    1 
ATOM   251  C C     . VAL A 1 31  ? 9.317   1.459   0.811   1.00 21.72 ? 31  VAL X C     1 
ATOM   252  O O     . VAL A 1 31  ? 9.166   1.893   -0.327  1.00 25.87 ? 31  VAL X O     1 
ATOM   253  C CB    . VAL A 1 31  ? 7.343   0.995   2.253   1.00 17.77 ? 31  VAL X CB    1 
ATOM   254  C CG1   . VAL A 1 31  ? 6.793   2.288   1.659   1.00 22.66 ? 31  VAL X CG1   1 
ATOM   255  C CG2   . VAL A 1 31  ? 6.221   -0.004  2.464   1.00 17.97 ? 31  VAL X CG2   1 
ATOM   256  N N     . LYS A 1 32  ? 10.279  1.868   1.636   1.00 24.75 ? 32  LYS X N     1 
ATOM   257  C CA    . LYS A 1 32  ? 11.274  2.868   1.233   1.00 22.87 ? 32  LYS X CA    1 
ATOM   258  C C     . LYS A 1 32  ? 12.063  2.415   0.002   1.00 26.94 ? 32  LYS X C     1 
ATOM   259  O O     . LYS A 1 32  ? 12.226  3.175   -0.953  1.00 24.89 ? 32  LYS X O     1 
ATOM   260  C CB    . LYS A 1 32  ? 12.237  3.166   2.389   1.00 25.38 ? 32  LYS X CB    1 
ATOM   261  C CG    . LYS A 1 32  ? 13.276  4.257   2.078   1.00 23.22 ? 32  LYS X CG    1 
ATOM   262  C CD    . LYS A 1 32  ? 14.141  4.531   3.289   1.00 32.73 ? 32  LYS X CD    1 
ATOM   263  C CE    . LYS A 1 32  ? 15.175  5.613   2.989   1.00 44.29 ? 32  LYS X CE    1 
ATOM   264  N NZ    . LYS A 1 32  ? 16.065  5.851   4.159   1.00 43.36 ? 32  LYS X NZ    1 
ATOM   265  N N     . LYS A 1 33  ? 12.528  1.169   0.013   1.00 24.54 ? 33  LYS X N     1 
ATOM   266  C CA    . LYS A 1 33  ? 13.276  0.618   -1.122  1.00 22.37 ? 33  LYS X CA    1 
ATOM   267  C C     . LYS A 1 33  ? 12.462  0.555   -2.401  1.00 31.62 ? 33  LYS X C     1 
ATOM   268  O O     . LYS A 1 33  ? 12.942  0.913   -3.482  1.00 28.54 ? 33  LYS X O     1 
ATOM   269  C CB    . LYS A 1 33  ? 13.783  -0.793  -0.811  1.00 34.85 ? 33  LYS X CB    1 
ATOM   270  C CG    . LYS A 1 33  ? 14.896  -0.884  0.217   1.00 44.02 ? 33  LYS X CG    1 
ATOM   271  C CD    . LYS A 1 33  ? 15.229  -2.354  0.528   1.00 50.78 ? 33  LYS X CD    1 
ATOM   272  C CE    . LYS A 1 33  ? 15.907  -2.530  1.892   1.00 48.16 ? 33  LYS X CE    1 
ATOM   273  N NZ    . LYS A 1 33  ? 17.371  -2.246  1.847   1.00 50.53 ? 33  LYS X NZ    1 
ATOM   274  N N     . LEU A 1 34  ? 11.238  0.056   -2.299  1.00 24.02 ? 34  LEU X N     1 
ATOM   275  C CA    . LEU A 1 34  ? 10.435  -0.139  -3.491  1.00 24.97 ? 34  LEU X CA    1 
ATOM   276  C C     . LEU A 1 34  ? 9.978   1.176   -4.110  1.00 27.80 ? 34  LEU X C     1 
ATOM   277  O O     . LEU A 1 34  ? 9.965   1.300   -5.333  1.00 23.69 ? 34  LEU X O     1 
ATOM   278  C CB    . LEU A 1 34  ? 9.206   -1.003  -3.187  1.00 26.17 ? 34  LEU X CB    1 
ATOM   279  C CG    . LEU A 1 34  ? 9.410   -2.515  -3.233  1.00 22.61 ? 34  LEU X CG    1 
ATOM   280  C CD1   . LEU A 1 34  ? 8.200   -3.227  -2.658  1.00 20.74 ? 34  LEU X CD1   1 
ATOM   281  C CD2   . LEU A 1 34  ? 9.622   -2.933  -4.655  1.00 27.69 ? 34  LEU X CD2   1 
ATOM   282  N N     . SER A 1 35  ? 9.615   2.154   -3.277  1.00 23.31 ? 35  SER X N     1 
ATOM   283  C CA    . SER A 1 35  ? 8.894   3.321   -3.784  1.00 24.10 ? 35  SER X CA    1 
ATOM   284  C C     . SER A 1 35  ? 9.705   4.617   -3.892  1.00 23.29 ? 35  SER X C     1 
ATOM   285  O O     . SER A 1 35  ? 9.228   5.570   -4.492  1.00 24.67 ? 35  SER X O     1 
ATOM   286  C CB    . SER A 1 35  ? 7.634   3.583   -2.927  1.00 22.72 ? 35  SER X CB    1 
ATOM   287  O OG    . SER A 1 35  ? 7.951   3.891   -1.576  1.00 23.62 ? 35  SER X OG    1 
ATOM   288  N N     . THR A 1 36  ? 10.913  4.659   -3.338  1.00 28.25 ? 36  THR X N     1 
ATOM   289  C CA    . THR A 1 36  ? 11.765  5.841   -3.505  1.00 27.93 ? 36  THR X CA    1 
ATOM   290  C C     . THR A 1 36  ? 12.075  6.037   -4.993  1.00 26.73 ? 36  THR X C     1 
ATOM   291  O O     . THR A 1 36  ? 12.425  5.087   -5.689  1.00 26.36 ? 36  THR X O     1 
ATOM   292  C CB    . THR A 1 36  ? 13.067  5.725   -2.687  1.00 28.33 ? 36  THR X CB    1 
ATOM   293  O OG1   . THR A 1 36  ? 12.750  5.768   -1.288  1.00 26.47 ? 36  THR X OG1   1 
ATOM   294  C CG2   . THR A 1 36  ? 14.028  6.869   -3.016  1.00 27.45 ? 36  THR X CG2   1 
ATOM   295  N N     . GLY A 1 37  ? 11.887  7.254   -5.504  1.00 27.03 ? 37  GLY X N     1 
ATOM   296  C CA    . GLY A 1 37  ? 12.170  7.513   -6.909  1.00 24.46 ? 37  GLY X CA    1 
ATOM   297  C C     . GLY A 1 37  ? 10.992  7.217   -7.808  1.00 28.25 ? 37  GLY X C     1 
ATOM   298  O O     . GLY A 1 37  ? 11.077  7.317   -9.035  1.00 25.44 ? 37  GLY X O     1 
ATOM   299  N N     . HIS A 1 38  ? 9.869   6.839   -7.202  1.00 27.04 ? 38  HIS X N     1 
ATOM   300  C CA    . HIS A 1 38  ? 8.701   6.463   -7.987  1.00 23.69 ? 38  HIS X CA    1 
ATOM   301  C C     . HIS A 1 38  ? 7.461   7.207   -7.479  1.00 25.85 ? 38  HIS X C     1 
ATOM   302  O O     . HIS A 1 38  ? 7.591   8.305   -6.949  1.00 27.21 ? 38  HIS X O     1 
ATOM   303  C CB    . HIS A 1 38  ? 8.540   4.942   -7.955  1.00 22.88 ? 38  HIS X CB    1 
ATOM   304  C CG    . HIS A 1 38  ? 9.759   4.224   -8.442  1.00 29.88 ? 38  HIS X CG    1 
ATOM   305  N ND1   . HIS A 1 38  ? 10.125  4.209   -9.773  1.00 28.85 ? 38  HIS X ND1   1 
ATOM   306  C CD2   . HIS A 1 38  ? 10.721  3.541   -7.778  1.00 30.28 ? 38  HIS X CD2   1 
ATOM   307  C CE1   . HIS A 1 38  ? 11.250  3.527   -9.907  1.00 30.56 ? 38  HIS X CE1   1 
ATOM   308  N NE2   . HIS A 1 38  ? 11.633  3.112   -8.713  1.00 27.69 ? 38  HIS X NE2   1 
ATOM   309  N N     . THR A 1 39  ? 6.273   6.634   -7.646  1.00 23.06 ? 39  THR X N     1 
ATOM   310  C CA    . THR A 1 39  ? 5.039   7.325   -7.259  1.00 23.83 ? 39  THR X CA    1 
ATOM   311  C C     . THR A 1 39  ? 4.152   6.505   -6.321  1.00 26.82 ? 39  THR X C     1 
ATOM   312  O O     . THR A 1 39  ? 3.928   5.312   -6.568  1.00 21.20 ? 39  THR X O     1 
ATOM   313  C CB    . THR A 1 39  ? 4.203   7.682   -8.498  1.00 28.55 ? 39  THR X CB    1 
ATOM   314  O OG1   . THR A 1 39  ? 4.985   8.500   -9.378  1.00 26.91 ? 39  THR X OG1   1 
ATOM   315  C CG2   . THR A 1 39  ? 2.917   8.423   -8.094  1.00 23.01 ? 39  THR X CG2   1 
ATOM   316  N N     . LEU A 1 40  ? 3.649   7.139   -5.258  1.00 22.18 ? 40  LEU X N     1 
ATOM   317  C CA    . LEU A 1 40  ? 2.612   6.525   -4.409  1.00 19.32 ? 40  LEU X CA    1 
ATOM   318  C C     . LEU A 1 40  ? 1.291   7.233   -4.660  1.00 23.60 ? 40  LEU X C     1 
ATOM   319  O O     . LEU A 1 40  ? 1.251   8.462   -4.671  1.00 23.77 ? 40  LEU X O     1 
ATOM   320  C CB    . LEU A 1 40  ? 2.966   6.622   -2.921  1.00 19.72 ? 40  LEU X CB    1 
ATOM   321  C CG    . LEU A 1 40  ? 4.250   5.972   -2.390  1.00 21.14 ? 40  LEU X CG    1 
ATOM   322  C CD1   . LEU A 1 40  ? 4.436   6.278   -0.905  1.00 26.69 ? 40  LEU X CD1   1 
ATOM   323  C CD2   . LEU A 1 40  ? 4.185   4.478   -2.634  1.00 20.93 ? 40  LEU X CD2   1 
ATOM   324  N N     . VAL A 1 41  ? 0.230   6.451   -4.854  1.00 22.17 ? 41  VAL X N     1 
ATOM   325  C CA    . VAL A 1 41  ? -1.135  6.951   -4.954  1.00 21.70 ? 41  VAL X CA    1 
ATOM   326  C C     . VAL A 1 41  ? -1.916  6.441   -3.762  1.00 24.36 ? 41  VAL X C     1 
ATOM   327  O O     . VAL A 1 41  ? -1.918  5.243   -3.480  1.00 19.44 ? 41  VAL X O     1 
ATOM   328  C CB    . VAL A 1 41  ? -1.841  6.486   -6.243  1.00 23.01 ? 41  VAL X CB    1 
ATOM   329  C CG1   . VAL A 1 41  ? -3.312  6.953   -6.267  1.00 20.78 ? 41  VAL X CG1   1 
ATOM   330  C CG2   . VAL A 1 41  ? -1.114  6.989   -7.442  1.00 24.03 ? 41  VAL X CG2   1 
ATOM   331  N N     . MET A 1 42  ? -2.591  7.341   -3.063  1.00 20.36 ? 42  MET X N     1 
ATOM   332  C CA    . MET A 1 42  ? -3.339  6.930   -1.893  1.00 22.88 ? 42  MET X CA    1 
ATOM   333  C C     . MET A 1 42  ? -4.621  7.742   -1.756  1.00 23.44 ? 42  MET X C     1 
ATOM   334  O O     . MET A 1 42  ? -4.738  8.856   -2.283  1.00 20.39 ? 42  MET X O     1 
ATOM   335  C CB    . MET A 1 42  ? -2.464  7.069   -0.642  1.00 20.24 ? 42  MET X CB    1 
ATOM   336  C CG    . MET A 1 42  ? -2.203  8.511   -0.235  1.00 21.21 ? 42  MET X CG    1 
ATOM   337  S SD    . MET A 1 42  ? -0.854  8.651   0.930   1.00 27.63 ? 42  MET X SD    1 
ATOM   338  C CE    . MET A 1 42  ? 0.561   8.529   -0.183  1.00 28.34 ? 42  MET X CE    1 
ATOM   339  N N     . GLY A 1 43  ? -5.588  7.173   -1.054  1.00 22.77 ? 43  GLY X N     1 
ATOM   340  C CA    . GLY A 1 43  ? -6.834  7.871   -0.788  1.00 17.41 ? 43  GLY X CA    1 
ATOM   341  C C     . GLY A 1 43  ? -6.606  8.898   0.297   1.00 19.38 ? 43  GLY X C     1 
ATOM   342  O O     . GLY A 1 43  ? -5.590  8.864   1.005   1.00 19.34 ? 43  GLY X O     1 
ATOM   343  N N     . ARG A 1 44  ? -7.561  9.812   0.443   1.00 19.97 ? 44  ARG X N     1 
ATOM   344  C CA    . ARG A 1 44  ? -7.410  10.920  1.372   1.00 19.22 ? 44  ARG X CA    1 
ATOM   345  C C     . ARG A 1 44  ? -7.206  10.460  2.819   1.00 21.70 ? 44  ARG X C     1 
ATOM   346  O O     . ARG A 1 44  ? -6.406  11.037  3.553   1.00 19.70 ? 44  ARG X O     1 
ATOM   347  C CB    . ARG A 1 44  ? -8.632  11.842  1.284   1.00 24.53 ? 44  ARG X CB    1 
ATOM   348  C CG    . ARG A 1 44  ? -8.550  13.081  2.180   1.00 25.56 ? 44  ARG X CG    1 
ATOM   349  C CD    . ARG A 1 44  ? -9.303  12.876  3.493   1.00 24.63 ? 44  ARG X CD    1 
ATOM   350  N NE    . ARG A 1 44  ? -10.708 12.543  3.252   1.00 24.40 ? 44  ARG X NE    1 
ATOM   351  C CZ    . ARG A 1 44  ? -11.576 12.214  4.204   1.00 22.93 ? 44  ARG X CZ    1 
ATOM   352  N NH1   . ARG A 1 44  ? -11.188 12.173  5.469   1.00 25.91 ? 44  ARG X NH1   1 
ATOM   353  N NH2   . ARG A 1 44  ? -12.833 11.930  3.887   1.00 23.53 ? 44  ARG X NH2   1 
ATOM   354  N N     . LYS A 1 45  ? -7.927  9.422   3.241   1.00 20.73 ? 45  LYS X N     1 
ATOM   355  C CA    . LYS A 1 45  ? -7.836  9.010   4.644   1.00 21.51 ? 45  LYS X CA    1 
ATOM   356  C C     . LYS A 1 45  ? -6.463  8.423   4.970   1.00 20.57 ? 45  LYS X C     1 
ATOM   357  O O     . LYS A 1 45  ? -5.900  8.675   6.046   1.00 23.48 ? 45  LYS X O     1 
ATOM   358  C CB    . LYS A 1 45  ? -8.948  8.002   4.980   1.00 21.33 ? 45  LYS X CB    1 
ATOM   359  C CG    . LYS A 1 45  ? -10.337 8.594   4.886   1.00 20.63 ? 45  LYS X CG    1 
ATOM   360  C CD    . LYS A 1 45  ? -11.362 7.626   5.432   1.00 23.56 ? 45  LYS X CD    1 
ATOM   361  C CE    . LYS A 1 45  ? -12.756 8.231   5.476   1.00 29.96 ? 45  LYS X CE    1 
ATOM   362  N NZ    . LYS A 1 45  ? -13.749 7.229   5.985   1.00 30.82 ? 45  LYS X NZ    1 
ATOM   363  N N     . THR A 1 46  ? -5.923  7.636   4.043   1.00 21.07 ? 46  THR X N     1 
ATOM   364  C CA    . THR A 1 46  ? -4.591  7.104   4.223   1.00 17.75 ? 46  THR X CA    1 
ATOM   365  C C     . THR A 1 46  ? -3.598  8.228   4.321   1.00 21.81 ? 46  THR X C     1 
ATOM   366  O O     . THR A 1 46  ? -2.745  8.220   5.209   1.00 24.74 ? 46  THR X O     1 
ATOM   367  C CB    . THR A 1 46  ? -4.189  6.165   3.085   1.00 20.67 ? 46  THR X CB    1 
ATOM   368  O OG1   . THR A 1 46  ? -5.066  5.039   3.096   1.00 20.29 ? 46  THR X OG1   1 
ATOM   369  C CG2   . THR A 1 46  ? -2.777  5.645   3.288   1.00 23.25 ? 46  THR X CG2   1 
ATOM   370  N N     . PHE A 1 47  ? -3.702  9.218   3.436   1.00 22.84 ? 47  PHE X N     1 
ATOM   371  C CA    . PHE A 1 47  ? -2.748  10.316  3.518   1.00 21.41 ? 47  PHE X CA    1 
ATOM   372  C C     . PHE A 1 47  ? -2.788  11.018  4.885   1.00 24.46 ? 47  PHE X C     1 
ATOM   373  O O     . PHE A 1 47  ? -1.745  11.305  5.485   1.00 24.12 ? 47  PHE X O     1 
ATOM   374  C CB    . PHE A 1 47  ? -2.964  11.374  2.445   1.00 19.98 ? 47  PHE X CB    1 
ATOM   375  C CG    . PHE A 1 47  ? -2.082  12.562  2.662   1.00 23.17 ? 47  PHE X CG    1 
ATOM   376  C CD1   . PHE A 1 47  ? -0.724  12.474  2.390   1.00 25.12 ? 47  PHE X CD1   1 
ATOM   377  C CD2   . PHE A 1 47  ? -2.574  13.724  3.237   1.00 28.27 ? 47  PHE X CD2   1 
ATOM   378  C CE1   . PHE A 1 47  ? 0.122   13.547  2.648   1.00 26.40 ? 47  PHE X CE1   1 
ATOM   379  C CE2   . PHE A 1 47  ? -1.741  14.788  3.490   1.00 28.09 ? 47  PHE X CE2   1 
ATOM   380  C CZ    . PHE A 1 47  ? -0.392  14.700  3.193   1.00 30.85 ? 47  PHE X CZ    1 
ATOM   381  N N     A GLU A 1 48  ? -3.989  11.290  5.374   0.54 23.50 ? 48  GLU X N     1 
ATOM   382  N N     B GLU A 1 48  ? -3.990  11.278  5.383   0.46 23.45 ? 48  GLU X N     1 
ATOM   383  C CA    A GLU A 1 48  ? -4.125  11.991  6.644   0.54 24.33 ? 48  GLU X CA    1 
ATOM   384  C CA    B GLU A 1 48  ? -4.135  11.996  6.646   0.46 24.26 ? 48  GLU X CA    1 
ATOM   385  C C     A GLU A 1 48  ? -3.620  11.131  7.794   0.54 25.22 ? 48  GLU X C     1 
ATOM   386  C C     B GLU A 1 48  ? -3.715  11.130  7.830   0.46 25.19 ? 48  GLU X C     1 
ATOM   387  O O     A GLU A 1 48  ? -3.114  11.655  8.786   0.54 26.06 ? 48  GLU X O     1 
ATOM   388  O O     B GLU A 1 48  ? -3.360  11.650  8.887   0.46 26.10 ? 48  GLU X O     1 
ATOM   389  C CB    A GLU A 1 48  ? -5.575  12.409  6.873   0.54 24.29 ? 48  GLU X CB    1 
ATOM   390  C CB    B GLU A 1 48  ? -5.572  12.495  6.812   0.46 24.51 ? 48  GLU X CB    1 
ATOM   391  C CG    A GLU A 1 48  ? -6.032  13.521  5.925   0.54 25.35 ? 48  GLU X CG    1 
ATOM   392  C CG    B GLU A 1 48  ? -5.939  13.589  5.800   0.46 25.23 ? 48  GLU X CG    1 
ATOM   393  C CD    A GLU A 1 48  ? -5.249  14.806  6.118   0.54 27.24 ? 48  GLU X CD    1 
ATOM   394  C CD    B GLU A 1 48  ? -7.324  14.176  6.012   0.46 29.65 ? 48  GLU X CD    1 
ATOM   395  O OE1   A GLU A 1 48  ? -4.826  15.081  7.263   0.54 27.18 ? 48  GLU X OE1   1 
ATOM   396  O OE1   B GLU A 1 48  ? -8.234  13.447  6.456   0.46 24.31 ? 48  GLU X OE1   1 
ATOM   397  O OE2   A GLU A 1 48  ? -5.053  15.543  5.131   0.54 27.34 ? 48  GLU X OE2   1 
ATOM   398  O OE2   B GLU A 1 48  ? -7.502  15.377  5.721   0.46 28.40 ? 48  GLU X OE2   1 
ATOM   399  N N     . SER A 1 49  ? -3.737  9.813   7.651   1.00 23.90 ? 49  SER X N     1 
ATOM   400  C CA    . SER A 1 49  ? -3.227  8.907   8.675   1.00 22.75 ? 49  SER X CA    1 
ATOM   401  C C     . SER A 1 49  ? -1.728  9.056   8.753   1.00 23.94 ? 49  SER X C     1 
ATOM   402  O O     . SER A 1 49  ? -1.147  9.075   9.852   1.00 25.59 ? 49  SER X O     1 
ATOM   403  C CB    . SER A 1 49  ? -3.593  7.448   8.379   1.00 24.15 ? 49  SER X CB    1 
ATOM   404  O OG    . SER A 1 49  ? -5.000  7.249   8.496   1.00 32.34 ? 49  SER X OG    1 
ATOM   405  N N     . ILE A 1 50  ? -1.089  9.158   7.586   1.00 22.56 ? 50  ILE X N     1 
ATOM   406  C CA    . ILE A 1 50  ? 0.361   9.351   7.555   1.00 26.29 ? 50  ILE X CA    1 
ATOM   407  C C     . ILE A 1 50  ? 0.704   10.742  8.077   1.00 26.60 ? 50  ILE X C     1 
ATOM   408  O O     . ILE A 1 50  ? 1.550   10.887  8.953   1.00 30.29 ? 50  ILE X O     1 
ATOM   409  C CB    . ILE A 1 50  ? 0.947   9.165   6.148   1.00 23.56 ? 50  ILE X CB    1 
ATOM   410  C CG1   . ILE A 1 50  ? 0.670   7.747   5.645   1.00 23.79 ? 50  ILE X CG1   1 
ATOM   411  C CG2   . ILE A 1 50  ? 2.432   9.434   6.166   1.00 26.29 ? 50  ILE X CG2   1 
ATOM   412  C CD1   . ILE A 1 50  ? 1.085   7.523   4.197   1.00 28.16 ? 50  ILE X CD1   1 
ATOM   413  N N     . GLY A 1 51  ? 0.031   11.760  7.555   1.00 24.45 ? 51  GLY X N     1 
ATOM   414  C CA    . GLY A 1 51  ? 0.161   13.102  8.098   1.00 24.72 ? 51  GLY X CA    1 
ATOM   415  C C     . GLY A 1 51  ? 1.010   14.025  7.253   1.00 30.11 ? 51  GLY X C     1 
ATOM   416  O O     . GLY A 1 51  ? 0.846   15.249  7.295   1.00 32.30 ? 51  GLY X O     1 
ATOM   417  N N     . LYS A 1 52  ? 1.909   13.436  6.470   1.00 34.11 ? 52  LYS X N     1 
ATOM   418  C CA    . LYS A 1 52  ? 2.796   14.192  5.593   1.00 29.28 ? 52  LYS X CA    1 
ATOM   419  C C     . LYS A 1 52  ? 3.206   13.331  4.403   1.00 30.28 ? 52  LYS X C     1 
ATOM   420  O O     . LYS A 1 52  ? 3.068   12.105  4.457   1.00 27.88 ? 52  LYS X O     1 
ATOM   421  C CB    . LYS A 1 52  ? 4.021   14.666  6.371   1.00 32.23 ? 52  LYS X CB    1 
ATOM   422  C CG    . LYS A 1 52  ? 4.732   13.560  7.124   0.90 36.63 ? 52  LYS X CG    1 
ATOM   423  C CD    . LYS A 1 52  ? 5.851   14.130  7.977   0.77 44.39 ? 52  LYS X CD    1 
ATOM   424  C CE    . LYS A 1 52  ? 6.256   13.158  9.067   1.00 40.89 ? 52  LYS X CE    1 
ATOM   425  N NZ    . LYS A 1 52  ? 7.288   13.765  9.963   0.79 50.07 ? 52  LYS X NZ    1 
ATOM   426  N N     . PRO A 1 53  ? 3.672   13.961  3.313   1.00 29.16 ? 53  PRO X N     1 
ATOM   427  C CA    . PRO A 1 53  ? 4.162   13.169  2.178   1.00 30.96 ? 53  PRO X CA    1 
ATOM   428  C C     . PRO A 1 53  ? 5.451   12.441  2.532   1.00 29.62 ? 53  PRO X C     1 
ATOM   429  O O     . PRO A 1 53  ? 6.240   12.926  3.344   1.00 28.44 ? 53  PRO X O     1 
ATOM   430  C CB    . PRO A 1 53  ? 4.397   14.217  1.078   1.00 31.07 ? 53  PRO X CB    1 
ATOM   431  C CG    . PRO A 1 53  ? 4.530   15.525  1.806   1.00 30.01 ? 53  PRO X CG    1 
ATOM   432  C CD    . PRO A 1 53  ? 3.673   15.408  3.031   1.00 30.64 ? 53  PRO X CD    1 
ATOM   433  N N     . LEU A 1 54  ? 5.649   11.264  1.953   1.00 29.40 ? 54  LEU X N     1 
ATOM   434  C CA    . LEU A 1 54  ? 6.868   10.515  2.202   1.00 25.28 ? 54  LEU X CA    1 
ATOM   435  C C     . LEU A 1 54  ? 7.975   11.059  1.296   1.00 23.52 ? 54  LEU X C     1 
ATOM   436  O O     . LEU A 1 54  ? 7.738   11.352  0.124   1.00 27.55 ? 54  LEU X O     1 
ATOM   437  C CB    . LEU A 1 54  ? 6.636   9.026   1.976   1.00 23.85 ? 54  LEU X CB    1 
ATOM   438  C CG    . LEU A 1 54  ? 5.620   8.406   2.943   1.00 22.87 ? 54  LEU X CG    1 
ATOM   439  C CD1   . LEU A 1 54  ? 5.654   6.886   2.883   1.00 26.27 ? 54  LEU X CD1   1 
ATOM   440  C CD2   . LEU A 1 54  ? 5.891   8.878   4.356   1.00 27.92 ? 54  LEU X CD2   1 
ATOM   441  N N     . PRO A 1 55  ? 9.180   11.234  1.848   1.00 28.69 ? 55  PRO X N     1 
ATOM   442  C CA    . PRO A 1 55  ? 10.269  11.881  1.101   1.00 27.54 ? 55  PRO X CA    1 
ATOM   443  C C     . PRO A 1 55  ? 10.752  11.122  -0.123  1.00 28.64 ? 55  PRO X C     1 
ATOM   444  O O     . PRO A 1 55  ? 10.666  9.889   -0.193  1.00 24.66 ? 55  PRO X O     1 
ATOM   445  C CB    . PRO A 1 55  ? 11.395  11.968  2.136   1.00 35.48 ? 55  PRO X CB    1 
ATOM   446  C CG    . PRO A 1 55  ? 10.722  11.873  3.457   1.00 38.14 ? 55  PRO X CG    1 
ATOM   447  C CD    . PRO A 1 55  ? 9.554   10.964  3.246   1.00 33.90 ? 55  PRO X CD    1 
ATOM   448  N N     . ASN A 1 56  ? 11.255  11.880  -1.093  1.00 30.94 ? 56  ASN X N     1 
ATOM   449  C CA    . ASN A 1 56  ? 11.997  11.330  -2.229  1.00 33.19 ? 56  ASN X CA    1 
ATOM   450  C C     . ASN A 1 56  ? 11.187  10.460  -3.162  1.00 31.69 ? 56  ASN X C     1 
ATOM   451  O O     . ASN A 1 56  ? 11.719  9.518   -3.751  1.00 28.09 ? 56  ASN X O     1 
ATOM   452  C CB    . ASN A 1 56  ? 13.200  10.528  -1.738  1.00 29.93 ? 56  ASN X CB    1 
ATOM   453  C CG    . ASN A 1 56  ? 14.126  11.349  -0.876  1.00 35.75 ? 56  ASN X CG    1 
ATOM   454  O OD1   . ASN A 1 56  ? 14.333  12.537  -1.129  1.00 32.25 ? 56  ASN X OD1   1 
ATOM   455  N ND2   . ASN A 1 56  ? 14.686  10.726  0.151   1.00 35.05 ? 56  ASN X ND2   1 
ATOM   456  N N     . ARG A 1 57  ? 9.904   10.774  -3.295  1.00 26.14 ? 57  ARG X N     1 
ATOM   457  C CA    . ARG A 1 57  ? 9.057   10.125  -4.275  1.00 26.14 ? 57  ARG X CA    1 
ATOM   458  C C     . ARG A 1 57  ? 7.865   11.013  -4.509  1.00 25.22 ? 57  ARG X C     1 
ATOM   459  O O     . ARG A 1 57  ? 7.602   11.914  -3.709  1.00 26.27 ? 57  ARG X O     1 
ATOM   460  C CB    . ARG A 1 57  ? 8.623   8.738   -3.800  1.00 28.43 ? 57  ARG X CB    1 
ATOM   461  C CG    . ARG A 1 57  ? 7.557   8.729   -2.705  1.00 23.38 ? 57  ARG X CG    1 
ATOM   462  C CD    . ARG A 1 57  ? 7.817   7.529   -1.776  1.00 22.46 ? 57  ARG X CD    1 
ATOM   463  N NE    . ARG A 1 57  ? 8.866   7.840   -0.814  1.00 24.63 ? 57  ARG X NE    1 
ATOM   464  C CZ    . ARG A 1 57  ? 9.167   7.097   0.250   1.00 23.64 ? 57  ARG X CZ    1 
ATOM   465  N NH1   . ARG A 1 57  ? 8.523   5.952   0.487   1.00 25.73 ? 57  ARG X NH1   1 
ATOM   466  N NH2   . ARG A 1 57  ? 10.117  7.492   1.080   1.00 25.17 ? 57  ARG X NH2   1 
ATOM   467  N N     . ARG A 1 58  ? 7.153   10.777  -5.598  1.00 28.92 ? 58  ARG X N     1 
ATOM   468  C CA    . ARG A 1 58  ? 5.937   11.530  -5.860  1.00 28.41 ? 58  ARG X CA    1 
ATOM   469  C C     . ARG A 1 58  ? 4.804   11.025  -4.965  1.00 29.60 ? 58  ARG X C     1 
ATOM   470  O O     . ARG A 1 58  ? 4.573   9.815   -4.873  1.00 24.73 ? 58  ARG X O     1 
ATOM   471  C CB    . ARG A 1 58  ? 5.551   11.424  -7.323  1.00 24.42 ? 58  ARG X CB    1 
ATOM   472  C CG    . ARG A 1 58  ? 4.406   12.331  -7.721  1.00 27.99 ? 58  ARG X CG    1 
ATOM   473  C CD    . ARG A 1 58  ? 4.103   12.184  -9.198  1.00 33.15 ? 58  ARG X CD    1 
ATOM   474  N NE    . ARG A 1 58  ? 3.118   13.159  -9.649  1.00 27.48 ? 58  ARG X NE    1 
ATOM   475  C CZ    . ARG A 1 58  ? 2.654   13.230  -10.888 1.00 30.41 ? 58  ARG X CZ    1 
ATOM   476  N NH1   . ARG A 1 58  ? 3.092   12.387  -11.809 1.00 31.61 ? 58  ARG X NH1   1 
ATOM   477  N NH2   . ARG A 1 58  ? 1.759   14.158  -11.209 1.00 38.75 ? 58  ARG X NH2   1 
ATOM   478  N N     . ASN A 1 59  ? 4.122   11.952  -4.295  1.00 23.15 ? 59  ASN X N     1 
ATOM   479  C CA    . ASN A 1 59  ? 2.969   11.617  -3.463  1.00 25.11 ? 59  ASN X CA    1 
ATOM   480  C C     . ASN A 1 59  ? 1.665   12.112  -4.081  1.00 25.83 ? 59  ASN X C     1 
ATOM   481  O O     . ASN A 1 59  ? 1.443   13.317  -4.179  1.00 28.39 ? 59  ASN X O     1 
ATOM   482  C CB    . ASN A 1 59  ? 3.133   12.220  -2.069  1.00 20.18 ? 59  ASN X CB    1 
ATOM   483  C CG    . ASN A 1 59  ? 4.226   11.545  -1.262  1.00 28.85 ? 59  ASN X CG    1 
ATOM   484  O OD1   . ASN A 1 59  ? 3.945   10.838  -0.302  1.00 22.38 ? 59  ASN X OD1   1 
ATOM   485  N ND2   . ASN A 1 59  ? 5.478   11.777  -1.637  1.00 27.53 ? 59  ASN X ND2   1 
ATOM   486  N N     . VAL A 1 60  ? 0.808   11.189  -4.495  1.00 22.40 ? 60  VAL X N     1 
ATOM   487  C CA    . VAL A 1 60  ? -0.455  11.547  -5.140  1.00 21.37 ? 60  VAL X CA    1 
ATOM   488  C C     . VAL A 1 60  ? -1.635  11.154  -4.250  1.00 25.29 ? 60  VAL X C     1 
ATOM   489  O O     . VAL A 1 60  ? -1.751  10.009  -3.842  1.00 21.89 ? 60  VAL X O     1 
ATOM   490  C CB    . VAL A 1 60  ? -0.598  10.866  -6.503  1.00 20.91 ? 60  VAL X CB    1 
ATOM   491  C CG1   . VAL A 1 60  ? -1.985  11.108  -7.105  1.00 25.32 ? 60  VAL X CG1   1 
ATOM   492  C CG2   . VAL A 1 60  ? 0.496   11.353  -7.457  1.00 23.63 ? 60  VAL X CG2   1 
ATOM   493  N N     . VAL A 1 61  ? -2.504  12.106  -3.945  1.00 22.04 ? 61  VAL X N     1 
ATOM   494  C CA    . VAL A 1 61  ? -3.646  11.823  -3.091  1.00 20.36 ? 61  VAL X CA    1 
ATOM   495  C C     . VAL A 1 61  ? -4.921  11.966  -3.895  1.00 25.90 ? 61  VAL X C     1 
ATOM   496  O O     . VAL A 1 61  ? -5.125  12.953  -4.617  1.00 25.03 ? 61  VAL X O     1 
ATOM   497  C CB    . VAL A 1 61  ? -3.694  12.756  -1.844  1.00 18.26 ? 61  VAL X CB    1 
ATOM   498  C CG1   . VAL A 1 61  ? -4.978  12.557  -1.071  1.00 22.87 ? 61  VAL X CG1   1 
ATOM   499  C CG2   . VAL A 1 61  ? -2.477  12.504  -0.937  1.00 22.59 ? 61  VAL X CG2   1 
ATOM   500  N N     . LEU A 1 62  ? -5.772  10.955  -3.784  1.00 22.73 ? 62  LEU X N     1 
ATOM   501  C CA    . LEU A 1 62  ? -7.067  10.943  -4.440  1.00 20.38 ? 62  LEU X CA    1 
ATOM   502  C C     . LEU A 1 62  ? -8.151  11.417  -3.472  1.00 22.77 ? 62  LEU X C     1 
ATOM   503  O O     . LEU A 1 62  ? -8.336  10.836  -2.395  1.00 22.75 ? 62  LEU X O     1 
ATOM   504  C CB    . LEU A 1 62  ? -7.380  9.525   -4.956  1.00 22.38 ? 62  LEU X CB    1 
ATOM   505  C CG    . LEU A 1 62  ? -8.754  9.290   -5.590  1.00 25.07 ? 62  LEU X CG    1 
ATOM   506  C CD1   . LEU A 1 62  ? -8.982  10.150  -6.807  1.00 25.70 ? 62  LEU X CD1   1 
ATOM   507  C CD2   . LEU A 1 62  ? -8.923  7.805   -5.953  1.00 28.17 ? 62  LEU X CD2   1 
ATOM   508  N N     . THR A 1 63  ? -8.846  12.494  -3.844  1.00 26.11 ? 63  THR X N     1 
ATOM   509  C CA    . THR A 1 63  ? -9.910  13.047  -3.009  1.00 23.51 ? 63  THR X CA    1 
ATOM   510  C C     . THR A 1 63  ? -10.956 13.770  -3.872  1.00 25.31 ? 63  THR X C     1 
ATOM   511  O O     . THR A 1 63  ? -10.665 14.161  -5.005  1.00 25.52 ? 63  THR X O     1 
ATOM   512  C CB    . THR A 1 63  ? -9.346  14.018  -1.942  1.00 25.80 ? 63  THR X CB    1 
ATOM   513  O OG1   . THR A 1 63  ? -10.424 14.618  -1.220  1.00 24.90 ? 63  THR X OG1   1 
ATOM   514  C CG2   . THR A 1 63  ? -8.497  15.103  -2.580  1.00 22.42 ? 63  THR X CG2   1 
ATOM   515  N N     . SER A 1 64  ? -12.169 13.919  -3.342  1.00 26.15 ? 64  SER X N     1 
ATOM   516  C CA    . SER A 1 64  ? -13.213 14.684  -4.025  1.00 26.00 ? 64  SER X CA    1 
ATOM   517  C C     . SER A 1 64  ? -13.147 16.145  -3.594  1.00 27.66 ? 64  SER X C     1 
ATOM   518  O O     . SER A 1 64  ? -13.834 16.991  -4.148  1.00 30.60 ? 64  SER X O     1 
ATOM   519  C CB    . SER A 1 64  ? -14.601 14.108  -3.734  1.00 27.02 ? 64  SER X CB    1 
ATOM   520  O OG    . SER A 1 64  ? -14.965 14.278  -2.369  1.00 27.51 ? 64  SER X OG    1 
ATOM   521  N N     . ASP A 1 65  ? -12.304 16.423  -2.602  1.00 26.70 ? 65  ASP X N     1 
ATOM   522  C CA    . ASP A 1 65  ? -12.176 17.761  -2.007  1.00 27.14 ? 65  ASP X CA    1 
ATOM   523  C C     . ASP A 1 65  ? -11.414 18.712  -2.937  1.00 24.68 ? 65  ASP X C     1 
ATOM   524  O O     . ASP A 1 65  ? -10.206 18.593  -3.119  1.00 25.93 ? 65  ASP X O     1 
ATOM   525  C CB    . ASP A 1 65  ? -11.477 17.635  -0.641  1.00 26.84 ? 65  ASP X CB    1 
ATOM   526  C CG    . ASP A 1 65  ? -11.433 18.950  0.154   1.00 30.20 ? 65  ASP X CG    1 
ATOM   527  O OD1   . ASP A 1 65  ? -11.774 20.014  -0.393  1.00 26.94 ? 65  ASP X OD1   1 
ATOM   528  O OD2   . ASP A 1 65  ? -11.049 18.902  1.347   1.00 27.86 ? 65  ASP X OD2   1 
ATOM   529  N N     . THR A 1 66  ? -12.118 19.682  -3.508  1.00 30.43 ? 66  THR X N     1 
ATOM   530  C CA    . THR A 1 66  ? -11.489 20.596  -4.452  1.00 28.15 ? 66  THR X CA    1 
ATOM   531  C C     . THR A 1 66  ? -10.648 21.661  -3.748  1.00 31.78 ? 66  THR X C     1 
ATOM   532  O O     . THR A 1 66  ? -9.944  22.423  -4.402  1.00 32.21 ? 66  THR X O     1 
ATOM   533  C CB    . THR A 1 66  ? -12.534 21.288  -5.336  1.00 35.48 ? 66  THR X CB    1 
ATOM   534  O OG1   . THR A 1 66  ? -13.387 22.082  -4.511  1.00 32.42 ? 66  THR X OG1   1 
ATOM   535  C CG2   . THR A 1 66  ? -13.376 20.252  -6.075  1.00 36.31 ? 66  THR X CG2   1 
ATOM   536  N N     . SER A 1 67  ? -10.717 21.713  -2.418  1.00 28.33 ? 67  SER X N     1 
ATOM   537  C CA    . SER A 1 67  ? -9.875  22.636  -1.650  1.00 27.51 ? 67  SER X CA    1 
ATOM   538  C C     . SER A 1 67  ? -8.590  21.985  -1.189  1.00 28.07 ? 67  SER X C     1 
ATOM   539  O O     . SER A 1 67  ? -7.670  22.661  -0.740  1.00 26.57 ? 67  SER X O     1 
ATOM   540  C CB    . SER A 1 67  ? -10.615 23.171  -0.416  1.00 26.35 ? 67  SER X CB    1 
ATOM   541  O OG    . SER A 1 67  ? -11.565 24.137  -0.797  1.00 32.14 ? 67  SER X OG    1 
ATOM   542  N N     . PHE A 1 68  ? -8.529  20.661  -1.288  1.00 32.07 ? 68  PHE X N     1 
ATOM   543  C CA    . PHE A 1 68  ? -7.397  19.927  -0.749  1.00 25.01 ? 68  PHE X CA    1 
ATOM   544  C C     . PHE A 1 68  ? -6.099  20.417  -1.352  1.00 29.16 ? 68  PHE X C     1 
ATOM   545  O O     . PHE A 1 68  ? -5.921  20.427  -2.562  1.00 28.83 ? 68  PHE X O     1 
ATOM   546  C CB    . PHE A 1 68  ? -7.568  18.423  -0.990  1.00 31.50 ? 68  PHE X CB    1 
ATOM   547  C CG    . PHE A 1 68  ? -6.557  17.577  -0.269  1.00 28.24 ? 68  PHE X CG    1 
ATOM   548  C CD1   . PHE A 1 68  ? -5.322  17.313  -0.834  1.00 34.88 ? 68  PHE X CD1   1 
ATOM   549  C CD2   . PHE A 1 68  ? -6.855  17.034  0.970   1.00 37.06 ? 68  PHE X CD2   1 
ATOM   550  C CE1   . PHE A 1 68  ? -4.393  16.529  -0.170  1.00 34.97 ? 68  PHE X CE1   1 
ATOM   551  C CE2   . PHE A 1 68  ? -5.927  16.247  1.635   1.00 34.03 ? 68  PHE X CE2   1 
ATOM   552  C CZ    . PHE A 1 68  ? -4.702  16.001  1.061   1.00 30.91 ? 68  PHE X CZ    1 
ATOM   553  N N     . ASN A 1 69  ? -5.192  20.832  -0.483  1.00 33.12 ? 69  ASN X N     1 
ATOM   554  C CA    . ASN A 1 69  ? -3.902  21.318  -0.916  1.00 38.59 ? 69  ASN X CA    1 
ATOM   555  C C     . ASN A 1 69  ? -2.875  21.097  0.177   1.00 38.03 ? 69  ASN X C     1 
ATOM   556  O O     . ASN A 1 69  ? -3.049  21.552  1.321   1.00 37.15 ? 69  ASN X O     1 
ATOM   557  C CB    . ASN A 1 69  ? -3.983  22.798  -1.278  1.00 36.51 ? 69  ASN X CB    1 
ATOM   558  C CG    . ASN A 1 69  ? -2.895  23.210  -2.226  1.00 46.77 ? 69  ASN X CG    1 
ATOM   559  O OD1   . ASN A 1 69  ? -1.734  23.347  -1.835  1.00 43.98 ? 69  ASN X OD1   1 
ATOM   560  N ND2   . ASN A 1 69  ? -3.257  23.405  -3.489  1.00 46.27 ? 69  ASN X ND2   1 
ATOM   561  N N     . VAL A 1 70  ? -1.819  20.369  -0.172  1.00 28.57 ? 70  VAL X N     1 
ATOM   562  C CA    . VAL A 1 70  ? -0.740  20.083  0.755   1.00 25.82 ? 70  VAL X CA    1 
ATOM   563  C C     . VAL A 1 70  ? 0.567   20.241  -0.013  1.00 29.67 ? 70  VAL X C     1 
ATOM   564  O O     . VAL A 1 70  ? 0.704   19.702  -1.103  1.00 31.79 ? 70  VAL X O     1 
ATOM   565  C CB    . VAL A 1 70  ? -0.848  18.653  1.359   1.00 32.33 ? 70  VAL X CB    1 
ATOM   566  C CG1   . VAL A 1 70  ? 0.293   18.392  2.327   1.00 31.73 ? 70  VAL X CG1   1 
ATOM   567  C CG2   . VAL A 1 70  ? -2.190  18.450  2.056   1.00 28.57 ? 70  VAL X CG2   1 
ATOM   568  N N     . GLU A 1 71  ? 1.517   21.003  0.518   1.00 40.89 ? 71  GLU X N     1 
ATOM   569  C CA    . GLU A 1 71  ? 2.781   21.153  -0.193  1.00 39.33 ? 71  GLU X CA    1 
ATOM   570  C C     . GLU A 1 71  ? 3.485   19.790  -0.261  1.00 32.25 ? 71  GLU X C     1 
ATOM   571  O O     . GLU A 1 71  ? 3.523   19.049  0.728   1.00 35.42 ? 71  GLU X O     1 
ATOM   572  C CB    . GLU A 1 71  ? 3.673   22.202  0.474   1.00 46.52 ? 71  GLU X CB    1 
ATOM   573  C CG    . GLU A 1 71  ? 4.008   21.904  1.919   1.00 48.57 ? 71  GLU X CG    1 
ATOM   574  C CD    . GLU A 1 71  ? 5.158   22.750  2.436   1.00 68.80 ? 71  GLU X CD    1 
ATOM   575  O OE1   . GLU A 1 71  ? 5.616   23.655  1.700   1.00 71.97 ? 71  GLU X OE1   1 
ATOM   576  O OE2   . GLU A 1 71  ? 5.606   22.499  3.578   1.00 65.90 ? 71  GLU X OE2   1 
ATOM   577  N N     . GLY A 1 72  ? 4.000   19.454  -1.440  1.00 30.62 ? 72  GLY X N     1 
ATOM   578  C CA    . GLY A 1 72  ? 4.656   18.169  -1.656  1.00 32.41 ? 72  GLY X CA    1 
ATOM   579  C C     . GLY A 1 72  ? 3.722   17.052  -2.103  1.00 35.50 ? 72  GLY X C     1 
ATOM   580  O O     . GLY A 1 72  ? 4.143   15.911  -2.326  1.00 30.92 ? 72  GLY X O     1 
ATOM   581  N N     . VAL A 1 73  ? 2.443   17.376  -2.225  1.00 29.78 ? 73  VAL X N     1 
ATOM   582  C CA    . VAL A 1 73  ? 1.430   16.401  -2.630  1.00 29.24 ? 73  VAL X CA    1 
ATOM   583  C C     . VAL A 1 73  ? 0.764   16.842  -3.917  1.00 30.79 ? 73  VAL X C     1 
ATOM   584  O O     . VAL A 1 73  ? 0.397   18.008  -4.066  1.00 35.08 ? 73  VAL X O     1 
ATOM   585  C CB    . VAL A 1 73  ? 0.352   16.226  -1.535  1.00 26.95 ? 73  VAL X CB    1 
ATOM   586  C CG1   . VAL A 1 73  ? -0.833  15.413  -2.057  1.00 25.56 ? 73  VAL X CG1   1 
ATOM   587  C CG2   . VAL A 1 73  ? 0.953   15.616  -0.284  1.00 34.13 ? 73  VAL X CG2   1 
ATOM   588  N N     . ASP A 1 74  ? 0.618   15.921  -4.859  1.00 27.69 ? 74  ASP X N     1 
ATOM   589  C CA    . ASP A 1 74  ? -0.169  16.166  -6.053  1.00 29.82 ? 74  ASP X CA    1 
ATOM   590  C C     . ASP A 1 74  ? -1.561  15.583  -5.868  1.00 33.06 ? 74  ASP X C     1 
ATOM   591  O O     . ASP A 1 74  ? -1.705  14.451  -5.439  1.00 31.43 ? 74  ASP X O     1 
ATOM   592  C CB    . ASP A 1 74  ? 0.500   15.552  -7.285  1.00 27.64 ? 74  ASP X CB    1 
ATOM   593  C CG    . ASP A 1 74  ? 1.860   16.135  -7.554  1.00 33.50 ? 74  ASP X CG    1 
ATOM   594  O OD1   . ASP A 1 74  ? 2.118   17.275  -7.097  1.00 31.29 ? 74  ASP X OD1   1 
ATOM   595  O OD2   . ASP A 1 74  ? 2.674   15.458  -8.216  1.00 35.60 ? 74  ASP X OD2   1 
ATOM   596  N N     . VAL A 1 75  ? -2.588  16.352  -6.196  1.00 24.13 ? 75  VAL X N     1 
ATOM   597  C CA    . VAL A 1 75  ? -3.956  15.895  -6.013  1.00 28.20 ? 75  VAL X CA    1 
ATOM   598  C C     . VAL A 1 75  ? -4.551  15.384  -7.305  1.00 27.12 ? 75  VAL X C     1 
ATOM   599  O O     . VAL A 1 75  ? -4.377  15.995  -8.357  1.00 32.55 ? 75  VAL X O     1 
ATOM   600  C CB    . VAL A 1 75  ? -4.851  17.033  -5.470  1.00 28.45 ? 75  VAL X CB    1 
ATOM   601  C CG1   . VAL A 1 75  ? -6.256  16.537  -5.222  1.00 30.66 ? 75  VAL X CG1   1 
ATOM   602  C CG2   . VAL A 1 75  ? -4.253  17.604  -4.206  1.00 36.22 ? 75  VAL X CG2   1 
ATOM   603  N N     . ILE A 1 76  ? -5.259  14.262  -7.238  1.00 27.40 ? 76  ILE X N     1 
ATOM   604  C CA    . ILE A 1 76  ? -6.118  13.850  -8.342  1.00 27.76 ? 76  ILE X CA    1 
ATOM   605  C C     . ILE A 1 76  ? -7.542  13.678  -7.809  1.00 27.75 ? 76  ILE X C     1 
ATOM   606  O O     . ILE A 1 76  ? -7.733  13.529  -6.596  1.00 24.92 ? 76  ILE X O     1 
ATOM   607  C CB    . ILE A 1 76  ? -5.625  12.565  -9.012  1.00 28.86 ? 76  ILE X CB    1 
ATOM   608  C CG1   . ILE A 1 76  ? -5.564  11.416  -7.997  1.00 22.28 ? 76  ILE X CG1   1 
ATOM   609  C CG2   . ILE A 1 76  ? -4.244  12.800  -9.638  1.00 25.33 ? 76  ILE X CG2   1 
ATOM   610  C CD1   . ILE A 1 76  ? -5.194  10.062  -8.627  1.00 23.26 ? 76  ILE X CD1   1 
ATOM   611  N N     . HIS A 1 77  ? -8.537  13.719  -8.704  1.00 29.60 ? 77  HIS X N     1 
ATOM   612  C CA    . HIS A 1 77  ? -9.942  13.711  -8.289  1.00 28.71 ? 77  HIS X CA    1 
ATOM   613  C C     . HIS A 1 77  ? -10.754 12.560  -8.869  1.00 27.50 ? 77  HIS X C     1 
ATOM   614  O O     . HIS A 1 77  ? -11.959 12.435  -8.614  1.00 28.37 ? 77  HIS X O     1 
ATOM   615  C CB    . HIS A 1 77  ? -10.617 15.043  -8.656  1.00 27.17 ? 77  HIS X CB    1 
ATOM   616  C CG    . HIS A 1 77  ? -10.044 16.220  -7.937  1.00 27.03 ? 77  HIS X CG    1 
ATOM   617  N ND1   . HIS A 1 77  ? -10.091 16.348  -6.565  1.00 30.82 ? 77  HIS X ND1   1 
ATOM   618  C CD2   . HIS A 1 77  ? -9.395  17.314  -8.396  1.00 32.58 ? 77  HIS X CD2   1 
ATOM   619  C CE1   . HIS A 1 77  ? -9.492  17.471  -6.208  1.00 31.29 ? 77  HIS X CE1   1 
ATOM   620  N NE2   . HIS A 1 77  ? -9.057  18.075  -7.302  1.00 29.54 ? 77  HIS X NE2   1 
ATOM   621  N N     . SER A 1 78  ? -10.103 11.700  -9.633  1.00 31.44 ? 78  SER X N     1 
ATOM   622  C CA    A SER A 1 78  ? -10.791 10.563  -10.216 0.48 31.34 ? 78  SER X CA    1 
ATOM   623  C CA    B SER A 1 78  ? -10.789 10.558  -10.227 0.52 31.34 ? 78  SER X CA    1 
ATOM   624  C C     . SER A 1 78  ? -9.837  9.387   -10.390 1.00 32.24 ? 78  SER X C     1 
ATOM   625  O O     . SER A 1 78  ? -8.642  9.579   -10.557 1.00 29.28 ? 78  SER X O     1 
ATOM   626  C CB    A SER A 1 78  ? -11.415 10.968  -11.551 0.48 35.35 ? 78  SER X CB    1 
ATOM   627  C CB    B SER A 1 78  ? -11.382 10.923  -11.585 0.52 35.34 ? 78  SER X CB    1 
ATOM   628  O OG    A SER A 1 78  ? -11.567 9.859   -12.409 0.48 32.53 ? 78  SER X OG    1 
ATOM   629  O OG    B SER A 1 78  ? -10.368 10.957  -12.578 0.52 35.05 ? 78  SER X OG    1 
ATOM   630  N N     . ILE A 1 79  ? -10.383 8.171   -10.334 1.00 32.92 ? 79  ILE X N     1 
ATOM   631  C CA    . ILE A 1 79  ? -9.590  6.964   -10.533 1.00 32.59 ? 79  ILE X CA    1 
ATOM   632  C C     . ILE A 1 79  ? -8.899  7.007   -11.892 1.00 34.46 ? 79  ILE X C     1 
ATOM   633  O O     . ILE A 1 79  ? -7.729  6.639   -12.010 1.00 29.72 ? 79  ILE X O     1 
ATOM   634  C CB    . ILE A 1 79  ? -10.459 5.700   -10.431 1.00 29.22 ? 79  ILE X CB    1 
ATOM   635  C CG1   . ILE A 1 79  ? -10.773 5.395   -8.973  1.00 34.47 ? 79  ILE X CG1   1 
ATOM   636  C CG2   . ILE A 1 79  ? -9.740  4.504   -11.026 1.00 40.11 ? 79  ILE X CG2   1 
ATOM   637  C CD1   . ILE A 1 79  ? -9.583  4.887   -8.200  1.00 35.31 ? 79  ILE X CD1   1 
ATOM   638  N N     . GLU A 1 80  ? -9.618  7.484   -12.912 1.00 34.89 ? 80  GLU X N     1 
ATOM   639  C CA    . GLU A 1 80  ? -9.070  7.549   -14.267 1.00 31.24 ? 80  GLU X CA    1 
ATOM   640  C C     . GLU A 1 80  ? -7.776  8.340   -14.339 1.00 32.14 ? 80  GLU X C     1 
ATOM   641  O O     . GLU A 1 80  ? -6.944  8.093   -15.207 1.00 34.44 ? 80  GLU X O     1 
ATOM   642  C CB    . GLU A 1 80  ? -10.088 8.147   -15.246 1.00 34.17 ? 80  GLU X CB    1 
ATOM   643  C CG    . GLU A 1 80  ? -11.314 7.268   -15.503 1.00 55.25 ? 80  GLU X CG    1 
ATOM   644  C CD    . GLU A 1 80  ? -12.432 7.448   -14.475 1.00 60.78 ? 80  GLU X CD    1 
ATOM   645  O OE1   . GLU A 1 80  ? -12.257 8.227   -13.513 1.00 55.20 ? 80  GLU X OE1   1 
ATOM   646  O OE2   . GLU A 1 80  ? -13.493 6.798   -14.628 1.00 69.51 ? 80  GLU X OE2   1 
ATOM   647  N N     . ASP A 1 81  ? -7.596  9.290   -13.426 1.00 33.71 ? 81  ASP X N     1 
ATOM   648  C CA    . ASP A 1 81  ? -6.373  10.082  -13.412 1.00 30.34 ? 81  ASP X CA    1 
ATOM   649  C C     . ASP A 1 81  ? -5.126  9.248   -13.133 1.00 31.16 ? 81  ASP X C     1 
ATOM   650  O O     . ASP A 1 81  ? -4.019  9.627   -13.521 1.00 32.24 ? 81  ASP X O     1 
ATOM   651  C CB    . ASP A 1 81  ? -6.473  11.194  -12.375 1.00 31.69 ? 81  ASP X CB    1 
ATOM   652  C CG    . ASP A 1 81  ? -7.517  12.220  -12.738 1.00 37.02 ? 81  ASP X CG    1 
ATOM   653  O OD1   . ASP A 1 81  ? -7.749  12.417  -13.950 1.00 33.87 ? 81  ASP X OD1   1 
ATOM   654  O OD2   . ASP A 1 81  ? -8.103  12.816  -11.812 1.00 40.47 ? 81  ASP X OD2   1 
ATOM   655  N N     . ILE A 1 82  ? -5.299  8.125   -12.444 1.00 27.59 ? 82  ILE X N     1 
ATOM   656  C CA    . ILE A 1 82  ? -4.147  7.307   -12.042 1.00 28.86 ? 82  ILE X CA    1 
ATOM   657  C C     . ILE A 1 82  ? -3.388  6.806   -13.266 1.00 31.20 ? 82  ILE X C     1 
ATOM   658  O O     . ILE A 1 82  ? -2.157  6.731   -13.269 1.00 32.85 ? 82  ILE X O     1 
ATOM   659  C CB    . ILE A 1 82  ? -4.579  6.109   -11.180 1.00 29.18 ? 82  ILE X CB    1 
ATOM   660  C CG1   . ILE A 1 82  ? -5.229  6.600   -9.882  1.00 32.93 ? 82  ILE X CG1   1 
ATOM   661  C CG2   . ILE A 1 82  ? -3.382  5.203   -10.878 1.00 30.69 ? 82  ILE X CG2   1 
ATOM   662  C CD1   . ILE A 1 82  ? -5.707  5.501   -8.979  1.00 29.35 ? 82  ILE X CD1   1 
ATOM   663  N N     . TYR A 1 83  ? -4.135  6.505   -14.323 1.00 32.84 ? 83  TYR X N     1 
ATOM   664  C CA    . TYR A 1 83  ? -3.547  5.897   -15.515 1.00 38.22 ? 83  TYR X CA    1 
ATOM   665  C C     . TYR A 1 83  ? -2.696  6.873   -16.328 1.00 40.46 ? 83  TYR X C     1 
ATOM   666  O O     . TYR A 1 83  ? -1.972  6.467   -17.240 1.00 42.04 ? 83  TYR X O     1 
ATOM   667  C CB    . TYR A 1 83  ? -4.651  5.299   -16.383 1.00 33.59 ? 83  TYR X CB    1 
ATOM   668  C CG    . TYR A 1 83  ? -5.536  4.332   -15.628 1.00 34.24 ? 83  TYR X CG    1 
ATOM   669  C CD1   . TYR A 1 83  ? -5.023  3.139   -15.123 1.00 37.98 ? 83  TYR X CD1   1 
ATOM   670  C CD2   . TYR A 1 83  ? -6.875  4.607   -15.414 1.00 35.53 ? 83  TYR X CD2   1 
ATOM   671  C CE1   . TYR A 1 83  ? -5.826  2.249   -14.430 1.00 43.25 ? 83  TYR X CE1   1 
ATOM   672  C CE2   . TYR A 1 83  ? -7.685  3.724   -14.722 1.00 40.95 ? 83  TYR X CE2   1 
ATOM   673  C CZ    . TYR A 1 83  ? -7.159  2.545   -14.230 1.00 45.68 ? 83  TYR X CZ    1 
ATOM   674  O OH    . TYR A 1 83  ? -7.968  1.664   -13.540 1.00 40.27 ? 83  TYR X OH    1 
ATOM   675  N N     . GLN A 1 84  ? -2.758  8.155   -15.987 1.00 37.32 ? 84  GLN X N     1 
ATOM   676  C CA    . GLN A 1 84  ? -1.989  9.159   -16.713 1.00 37.97 ? 84  GLN X CA    1 
ATOM   677  C C     . GLN A 1 84  ? -0.697  9.445   -15.989 1.00 39.76 ? 84  GLN X C     1 
ATOM   678  O O     . GLN A 1 84  ? 0.130   10.219  -16.460 1.00 40.37 ? 84  GLN X O     1 
ATOM   679  C CB    . GLN A 1 84  ? -2.784  10.457  -16.877 1.00 41.85 ? 84  GLN X CB    1 
ATOM   680  C CG    . GLN A 1 84  ? -4.289  10.259  -16.925 1.00 47.78 ? 84  GLN X CG    1 
ATOM   681  C CD    . GLN A 1 84  ? -4.719  9.366   -18.067 1.00 50.77 ? 84  GLN X CD    1 
ATOM   682  O OE1   . GLN A 1 84  ? -4.056  9.307   -19.104 1.00 54.57 ? 84  GLN X OE1   1 
ATOM   683  N NE2   . GLN A 1 84  ? -5.835  8.655   -17.885 1.00 52.43 ? 84  GLN X NE2   1 
ATOM   684  N N     . LEU A 1 85  ? -0.533  8.825   -14.827 1.00 31.44 ? 85  LEU X N     1 
ATOM   685  C CA    . LEU A 1 85  ? 0.669   9.031   -14.042 1.00 31.57 ? 85  LEU X CA    1 
ATOM   686  C C     . LEU A 1 85  ? 1.791   8.227   -14.688 1.00 35.03 ? 85  LEU X C     1 
ATOM   687  O O     . LEU A 1 85  ? 1.639   7.027   -14.934 1.00 38.54 ? 85  LEU X O     1 
ATOM   688  C CB    . LEU A 1 85  ? 0.462   8.616   -12.581 1.00 25.64 ? 85  LEU X CB    1 
ATOM   689  C CG    . LEU A 1 85  ? -0.618  9.365   -11.799 1.00 29.60 ? 85  LEU X CG    1 
ATOM   690  C CD1   . LEU A 1 85  ? -0.887  8.692   -10.457 1.00 26.12 ? 85  LEU X CD1   1 
ATOM   691  C CD2   . LEU A 1 85  ? -0.192  10.788  -11.567 1.00 25.32 ? 85  LEU X CD2   1 
ATOM   692  N N     . PRO A 1 86  ? 2.908   8.898   -14.998 1.00 37.30 ? 86  PRO X N     1 
ATOM   693  C CA    . PRO A 1 86  ? 4.061   8.226   -15.604 1.00 31.58 ? 86  PRO X CA    1 
ATOM   694  C C     . PRO A 1 86  ? 4.900   7.439   -14.605 1.00 34.87 ? 86  PRO X C     1 
ATOM   695  O O     . PRO A 1 86  ? 4.897   7.739   -13.404 1.00 32.08 ? 86  PRO X O     1 
ATOM   696  C CB    . PRO A 1 86  ? 4.868   9.389   -16.185 1.00 32.75 ? 86  PRO X CB    1 
ATOM   697  C CG    . PRO A 1 86  ? 4.508   10.554  -15.340 1.00 37.30 ? 86  PRO X CG    1 
ATOM   698  C CD    . PRO A 1 86  ? 3.065   10.366  -14.984 1.00 35.02 ? 86  PRO X CD    1 
ATOM   699  N N     . GLY A 1 87  ? 5.619   6.440   -15.108 1.00 28.10 ? 87  GLY X N     1 
ATOM   700  C CA    . GLY A 1 87  ? 6.607   5.736   -14.311 1.00 24.94 ? 87  GLY X CA    1 
ATOM   701  C C     . GLY A 1 87  ? 5.999   4.576   -13.549 1.00 27.25 ? 87  GLY X C     1 
ATOM   702  O O     . GLY A 1 87  ? 4.904   4.111   -13.881 1.00 29.95 ? 87  GLY X O     1 
ATOM   703  N N     . HIS A 1 88  ? 6.712   4.100   -12.532 1.00 31.76 ? 88  HIS X N     1 
ATOM   704  C CA    . HIS A 1 88  ? 6.199   3.007   -11.712 1.00 30.14 ? 88  HIS X CA    1 
ATOM   705  C C     . HIS A 1 88  ? 5.322   3.574   -10.605 1.00 24.30 ? 88  HIS X C     1 
ATOM   706  O O     . HIS A 1 88  ? 5.797   4.295   -9.730  1.00 27.22 ? 88  HIS X O     1 
ATOM   707  C CB    . HIS A 1 88  ? 7.344   2.188   -11.118 1.00 27.33 ? 88  HIS X CB    1 
ATOM   708  C CG    . HIS A 1 88  ? 6.920   0.847   -10.605 1.00 31.84 ? 88  HIS X CG    1 
ATOM   709  N ND1   . HIS A 1 88  ? 7.821   -0.111  -10.194 1.00 29.59 ? 88  HIS X ND1   1 
ATOM   710  C CD2   . HIS A 1 88  ? 5.690   0.301   -10.441 1.00 29.90 ? 88  HIS X CD2   1 
ATOM   711  C CE1   . HIS A 1 88  ? 7.166   -1.187  -9.792  1.00 32.82 ? 88  HIS X CE1   1 
ATOM   712  N NE2   . HIS A 1 88  ? 5.872   -0.964  -9.932  1.00 25.84 ? 88  HIS X NE2   1 
ATOM   713  N N     . VAL A 1 89  ? 4.041   3.238   -10.657 1.00 25.35 ? 89  VAL X N     1 
ATOM   714  C CA    . VAL A 1 89  ? 3.050   3.782   -9.728  1.00 24.54 ? 89  VAL X CA    1 
ATOM   715  C C     . VAL A 1 89  ? 2.587   2.716   -8.746  1.00 24.80 ? 89  VAL X C     1 
ATOM   716  O O     . VAL A 1 89  ? 2.179   1.639   -9.159  1.00 24.41 ? 89  VAL X O     1 
ATOM   717  C CB    . VAL A 1 89  ? 1.848   4.329   -10.499 1.00 26.99 ? 89  VAL X CB    1 
ATOM   718  C CG1   . VAL A 1 89  ? 0.732   4.719   -9.554  1.00 25.51 ? 89  VAL X CG1   1 
ATOM   719  C CG2   . VAL A 1 89  ? 2.294   5.518   -11.344 1.00 30.78 ? 89  VAL X CG2   1 
ATOM   720  N N     . PHE A 1 90  ? 2.673   3.006   -7.453  1.00 22.76 ? 90  PHE X N     1 
ATOM   721  C CA    . PHE A 1 90  ? 2.249   2.052   -6.432  1.00 22.11 ? 90  PHE X CA    1 
ATOM   722  C C     . PHE A 1 90  ? 0.955   2.530   -5.778  1.00 22.31 ? 90  PHE X C     1 
ATOM   723  O O     . PHE A 1 90  ? 0.945   3.610   -5.184  1.00 21.83 ? 90  PHE X O     1 
ATOM   724  C CB    . PHE A 1 90  ? 3.312   1.884   -5.353  1.00 21.85 ? 90  PHE X CB    1 
ATOM   725  C CG    . PHE A 1 90  ? 4.600   1.271   -5.841  1.00 24.69 ? 90  PHE X CG    1 
ATOM   726  C CD1   . PHE A 1 90  ? 5.621   2.071   -6.326  1.00 22.36 ? 90  PHE X CD1   1 
ATOM   727  C CD2   . PHE A 1 90  ? 4.799   -0.093  -5.774  1.00 19.00 ? 90  PHE X CD2   1 
ATOM   728  C CE1   . PHE A 1 90  ? 6.812   1.516   -6.765  1.00 27.30 ? 90  PHE X CE1   1 
ATOM   729  C CE2   . PHE A 1 90  ? 5.993   -0.674  -6.231  1.00 26.18 ? 90  PHE X CE2   1 
ATOM   730  C CZ    . PHE A 1 90  ? 7.005   0.140   -6.713  1.00 26.60 ? 90  PHE X CZ    1 
ATOM   731  N N     . ILE A 1 91  ? -0.117  1.748   -5.888  1.00 20.71 ? 91  ILE X N     1 
ATOM   732  C CA    . ILE A 1 91  ? -1.326  1.998   -5.086  1.00 19.16 ? 91  ILE X CA    1 
ATOM   733  C C     . ILE A 1 91  ? -1.031  1.634   -3.623  1.00 19.80 ? 91  ILE X C     1 
ATOM   734  O O     . ILE A 1 91  ? -0.710  0.468   -3.319  1.00 21.86 ? 91  ILE X O     1 
ATOM   735  C CB    . ILE A 1 91  ? -2.519  1.181   -5.595  1.00 22.20 ? 91  ILE X CB    1 
ATOM   736  C CG1   . ILE A 1 91  ? -2.749  1.395   -7.105  1.00 21.81 ? 91  ILE X CG1   1 
ATOM   737  C CG2   . ILE A 1 91  ? -3.772  1.479   -4.754  1.00 20.28 ? 91  ILE X CG2   1 
ATOM   738  C CD1   . ILE A 1 91  ? -2.987  2.839   -7.508  1.00 25.27 ? 91  ILE X CD1   1 
ATOM   739  N N     . PHE A 1 92  ? -1.142  2.614   -2.727  1.00 18.40 ? 92  PHE X N     1 
ATOM   740  C CA    . PHE A 1 92  ? -0.570  2.536   -1.384  1.00 19.04 ? 92  PHE X CA    1 
ATOM   741  C C     . PHE A 1 92  ? -1.612  2.317   -0.287  1.00 19.00 ? 92  PHE X C     1 
ATOM   742  O O     . PHE A 1 92  ? -1.246  1.917   0.823   1.00 20.53 ? 92  PHE X O     1 
ATOM   743  C CB    . PHE A 1 92  ? 0.219   3.818   -1.091  1.00 19.17 ? 92  PHE X CB    1 
ATOM   744  C CG    . PHE A 1 92  ? 1.216   3.711   0.062   1.00 21.30 ? 92  PHE X CG    1 
ATOM   745  C CD1   . PHE A 1 92  ? 2.254   2.780   0.032   1.00 20.99 ? 92  PHE X CD1   1 
ATOM   746  C CD2   . PHE A 1 92  ? 1.162   4.608   1.124   1.00 22.18 ? 92  PHE X CD2   1 
ATOM   747  C CE1   . PHE A 1 92  ? 3.186   2.705   1.077   1.00 21.11 ? 92  PHE X CE1   1 
ATOM   748  C CE2   . PHE A 1 92  ? 2.094   4.546   2.168   1.00 24.68 ? 92  PHE X CE2   1 
ATOM   749  C CZ    . PHE A 1 92  ? 3.107   3.585   2.139   1.00 20.14 ? 92  PHE X CZ    1 
ATOM   750  N N     . GLY A 1 93  ? -2.888  2.588   -0.576  1.00 18.29 ? 93  GLY X N     1 
ATOM   751  C CA    . GLY A 1 93  ? -3.938  2.469   0.442   1.00 16.89 ? 93  GLY X CA    1 
ATOM   752  C C     . GLY A 1 93  ? -5.044  3.496   0.225   1.00 19.25 ? 93  GLY X C     1 
ATOM   753  O O     . GLY A 1 93  ? -4.856  4.404   -0.595  1.00 18.28 ? 93  GLY X O     1 
ATOM   754  N N     . GLY A 1 94  ? -6.191  3.380   0.915   1.00 19.83 ? 94  GLY X N     1 
ATOM   755  C CA    . GLY A 1 94  ? -6.445  2.358   1.928   1.00 19.70 ? 94  GLY X CA    1 
ATOM   756  C C     . GLY A 1 94  ? -7.382  1.278   1.426   1.00 19.67 ? 94  GLY X C     1 
ATOM   757  O O     . GLY A 1 94  ? -7.266  0.830   0.285   1.00 19.36 ? 94  GLY X O     1 
ATOM   758  N N     . GLN A 1 95  ? -8.293  0.822   2.283   1.00 20.90 ? 95  GLN X N     1 
ATOM   759  C CA    . GLN A 1 95  ? -9.240  -0.222  1.871   1.00 20.36 ? 95  GLN X CA    1 
ATOM   760  C C     . GLN A 1 95  ? -10.031 0.189   0.628   1.00 22.81 ? 95  GLN X C     1 
ATOM   761  O O     . GLN A 1 95  ? -10.161 -0.575  -0.336  1.00 22.01 ? 95  GLN X O     1 
ATOM   762  C CB    . GLN A 1 95  ? -10.201 -0.555  3.017   1.00 18.02 ? 95  GLN X CB    1 
ATOM   763  C CG    . GLN A 1 95  ? -11.329 -1.510  2.596   1.00 18.40 ? 95  GLN X CG    1 
ATOM   764  C CD    . GLN A 1 95  ? -12.191 -2.007  3.756   1.00 21.77 ? 95  GLN X CD    1 
ATOM   765  O OE1   . GLN A 1 95  ? -11.795 -1.963  4.924   1.00 20.53 ? 95  GLN X OE1   1 
ATOM   766  N NE2   . GLN A 1 95  ? -13.397 -2.477  3.427   1.00 27.11 ? 95  GLN X NE2   1 
ATOM   767  N N     . THR A 1 96  ? -10.546 1.413   0.631   1.00 21.49 ? 96  THR X N     1 
ATOM   768  C CA    . THR A 1 96  ? -11.381 1.858   -0.473  1.00 20.87 ? 96  THR X CA    1 
ATOM   769  C C     . THR A 1 96  ? -10.613 1.846   -1.788  1.00 22.19 ? 96  THR X C     1 
ATOM   770  O O     . THR A 1 96  ? -11.072 1.264   -2.770  1.00 22.93 ? 96  THR X O     1 
ATOM   771  C CB    . THR A 1 96  ? -11.949 3.256   -0.207  1.00 21.39 ? 96  THR X CB    1 
ATOM   772  O OG1   . THR A 1 96  ? -12.764 3.204   0.977   1.00 22.75 ? 96  THR X OG1   1 
ATOM   773  C CG2   . THR A 1 96  ? -12.827 3.682   -1.375  1.00 23.19 ? 96  THR X CG2   1 
ATOM   774  N N     . LEU A 1 97  ? -9.424  2.440   -1.798  1.00 20.28 ? 97  LEU X N     1 
ATOM   775  C CA    . LEU A 1 97  ? -8.641  2.497   -3.031  1.00 25.73 ? 97  LEU X CA    1 
ATOM   776  C C     . LEU A 1 97  ? -8.233  1.096   -3.502  1.00 21.79 ? 97  LEU X C     1 
ATOM   777  O O     . LEU A 1 97  ? -8.302  0.793   -4.706  1.00 22.91 ? 97  LEU X O     1 
ATOM   778  C CB    . LEU A 1 97  ? -7.403  3.375   -2.845  1.00 22.80 ? 97  LEU X CB    1 
ATOM   779  C CG    . LEU A 1 97  ? -6.715  3.738   -4.158  1.00 29.06 ? 97  LEU X CG    1 
ATOM   780  C CD1   . LEU A 1 97  ? -7.734  4.301   -5.142  1.00 23.45 ? 97  LEU X CD1   1 
ATOM   781  C CD2   . LEU A 1 97  ? -5.631  4.743   -3.893  1.00 25.60 ? 97  LEU X CD2   1 
ATOM   782  N N     . PHE A 1 98  ? -7.834  0.240   -2.562  1.00 19.24 ? 98  PHE X N     1 
ATOM   783  C CA    . PHE A 1 98  ? -7.489  -1.140  -2.903  1.00 19.67 ? 98  PHE X CA    1 
ATOM   784  C C     . PHE A 1 98  ? -8.704  -1.834  -3.533  1.00 23.48 ? 98  PHE X C     1 
ATOM   785  O O     . PHE A 1 98  ? -8.572  -2.543  -4.530  1.00 24.72 ? 98  PHE X O     1 
ATOM   786  C CB    . PHE A 1 98  ? -6.996  -1.919  -1.668  1.00 21.61 ? 98  PHE X CB    1 
ATOM   787  C CG    . PHE A 1 98  ? -5.592  -1.552  -1.225  1.00 18.18 ? 98  PHE X CG    1 
ATOM   788  C CD1   . PHE A 1 98  ? -4.608  -1.238  -2.153  1.00 18.68 ? 98  PHE X CD1   1 
ATOM   789  C CD2   . PHE A 1 98  ? -5.267  -1.533  0.118   1.00 15.95 ? 98  PHE X CD2   1 
ATOM   790  C CE1   . PHE A 1 98  ? -3.326  -0.902  -1.738  1.00 18.64 ? 98  PHE X CE1   1 
ATOM   791  C CE2   . PHE A 1 98  ? -4.001  -1.206  0.548   1.00 19.97 ? 98  PHE X CE2   1 
ATOM   792  C CZ    . PHE A 1 98  ? -3.016  -0.896  -0.369  1.00 19.12 ? 98  PHE X CZ    1 
ATOM   793  N N     . GLU A 1 99  ? -9.891  -1.631  -2.968  1.00 21.67 ? 99  GLU X N     1 
ATOM   794  C CA    . GLU A 1 99  ? -11.083 -2.237  -3.543  1.00 22.49 ? 99  GLU X CA    1 
ATOM   795  C C     . GLU A 1 99  ? -11.304 -1.747  -4.975  1.00 24.69 ? 99  GLU X C     1 
ATOM   796  O O     . GLU A 1 99  ? -11.710 -2.518  -5.855  1.00 25.65 ? 99  GLU X O     1 
ATOM   797  C CB    . GLU A 1 99  ? -12.302 -1.944  -2.683  1.00 24.32 ? 99  GLU X CB    1 
ATOM   798  C CG    . GLU A 1 99  ? -12.308 -2.775  -1.401  1.00 20.63 ? 99  GLU X CG    1 
ATOM   799  C CD    . GLU A 1 99  ? -13.398 -2.359  -0.434  1.00 25.07 ? 99  GLU X CD    1 
ATOM   800  O OE1   . GLU A 1 99  ? -13.621 -3.092  0.552   1.00 24.97 ? 99  GLU X OE1   1 
ATOM   801  O OE2   . GLU A 1 99  ? -14.028 -1.299  -0.654  1.00 28.85 ? 99  GLU X OE2   1 
ATOM   802  N N     . GLU A 1 100 ? -10.990 -0.478  -5.214  1.00 22.01 ? 100 GLU X N     1 
ATOM   803  C CA    . GLU A 1 100 ? -11.186 0.103   -6.529  1.00 23.56 ? 100 GLU X CA    1 
ATOM   804  C C     . GLU A 1 100 ? -10.137 -0.349  -7.530  1.00 28.09 ? 100 GLU X C     1 
ATOM   805  O O     . GLU A 1 100 ? -10.405 -0.365  -8.732  1.00 24.89 ? 100 GLU X O     1 
ATOM   806  C CB    . GLU A 1 100 ? -11.200 1.626   -6.439  1.00 22.27 ? 100 GLU X CB    1 
ATOM   807  C CG    . GLU A 1 100 ? -12.415 2.163   -5.679  1.00 21.41 ? 100 GLU X CG    1 
ATOM   808  C CD    . GLU A 1 100 ? -12.377 3.675   -5.556  1.00 26.33 ? 100 GLU X CD    1 
ATOM   809  O OE1   . GLU A 1 100 ? -11.627 4.188   -4.703  1.00 22.92 ? 100 GLU X OE1   1 
ATOM   810  O OE2   . GLU A 1 100 ? -13.077 4.344   -6.332  1.00 26.64 ? 100 GLU X OE2   1 
ATOM   811  N N     . MET A 1 101 ? -8.959  -0.740  -7.055  1.00 25.21 ? 101 MET X N     1 
ATOM   812  C CA    . MET A 1 101 ? -7.841  -0.931  -7.973  1.00 22.96 ? 101 MET X CA    1 
ATOM   813  C C     . MET A 1 101 ? -7.334  -2.375  -8.119  1.00 24.43 ? 101 MET X C     1 
ATOM   814  O O     . MET A 1 101 ? -6.526  -2.658  -8.998  1.00 25.57 ? 101 MET X O     1 
ATOM   815  C CB    . MET A 1 101 ? -6.682  -0.027  -7.546  1.00 20.60 ? 101 MET X CB    1 
ATOM   816  C CG    . MET A 1 101 ? -6.996  1.480   -7.695  1.00 27.47 ? 101 MET X CG    1 
ATOM   817  S SD    . MET A 1 101 ? -7.442  1.972   -9.394  1.00 31.44 ? 101 MET X SD    1 
ATOM   818  C CE    . MET A 1 101 ? -5.898  1.668   -10.240 1.00 27.02 ? 101 MET X CE    1 
ATOM   819  N N     . ILE A 1 102 ? -7.801  -3.290  -7.286  1.00 22.83 ? 102 ILE X N     1 
ATOM   820  C CA    . ILE A 1 102 ? -7.175  -4.616  -7.262  1.00 21.63 ? 102 ILE X CA    1 
ATOM   821  C C     . ILE A 1 102 ? -7.413  -5.372  -8.570  1.00 27.31 ? 102 ILE X C     1 
ATOM   822  O O     . ILE A 1 102 ? -6.554  -6.135  -9.004  1.00 30.32 ? 102 ILE X O     1 
ATOM   823  C CB    . ILE A 1 102 ? -7.653  -5.461  -6.057  1.00 26.14 ? 102 ILE X CB    1 
ATOM   824  C CG1   . ILE A 1 102 ? -6.814  -6.741  -5.938  1.00 27.87 ? 102 ILE X CG1   1 
ATOM   825  C CG2   . ILE A 1 102 ? -9.127  -5.787  -6.151  1.00 27.56 ? 102 ILE X CG2   1 
ATOM   826  C CD1   . ILE A 1 102 ? -6.859  -7.380  -4.553  1.00 25.97 ? 102 ILE X CD1   1 
ATOM   827  N N     . ASP A 1 103 ? -8.538  -5.127  -9.234  1.00 24.18 ? 103 ASP X N     1 
ATOM   828  C CA    . ASP A 1 103 ? -8.780  -5.747  -10.546 1.00 31.44 ? 103 ASP X CA    1 
ATOM   829  C C     . ASP A 1 103 ? -8.083  -5.054  -11.719 1.00 29.57 ? 103 ASP X C     1 
ATOM   830  O O     . ASP A 1 103 ? -8.165  -5.521  -12.856 1.00 29.00 ? 103 ASP X O     1 
ATOM   831  C CB    . ASP A 1 103 ? -10.281 -5.807  -10.828 1.00 31.15 ? 103 ASP X CB    1 
ATOM   832  C CG    . ASP A 1 103 ? -10.999 -6.773  -9.917  1.00 37.61 ? 103 ASP X CG    1 
ATOM   833  O OD1   . ASP A 1 103 ? -10.347 -7.724  -9.429  1.00 35.45 ? 103 ASP X OD1   1 
ATOM   834  O OD2   . ASP A 1 103 ? -12.211 -6.585  -9.687  1.00 47.32 ? 103 ASP X OD2   1 
ATOM   835  N N     . LYS A 1 104 ? -7.395  -3.952  -11.451 1.00 26.68 ? 104 LYS X N     1 
ATOM   836  C CA    . LYS A 1 104 ? -6.751  -3.168  -12.497 1.00 31.03 ? 104 LYS X CA    1 
ATOM   837  C C     . LYS A 1 104 ? -5.234  -3.290  -12.499 1.00 31.89 ? 104 LYS X C     1 
ATOM   838  O O     . LYS A 1 104 ? -4.604  -3.027  -13.511 1.00 30.86 ? 104 LYS X O     1 
ATOM   839  C CB    . LYS A 1 104 ? -7.106  -1.687  -12.359 1.00 31.13 ? 104 LYS X CB    1 
ATOM   840  C CG    . LYS A 1 104 ? -8.574  -1.407  -12.145 1.00 31.45 ? 104 LYS X CG    1 
ATOM   841  C CD    . LYS A 1 104 ? -9.369  -1.693  -13.390 1.00 37.25 ? 104 LYS X CD    1 
ATOM   842  C CE    . LYS A 1 104 ? -10.857 -1.579  -13.113 1.00 43.93 ? 104 LYS X CE    1 
ATOM   843  N NZ    . LYS A 1 104 ? -11.651 -1.962  -14.318 1.00 48.20 ? 104 LYS X NZ    1 
ATOM   844  N N     . VAL A 1 105 ? -4.634  -3.660  -11.371 1.00 28.19 ? 105 VAL X N     1 
ATOM   845  C CA    . VAL A 1 105 ? -3.183  -3.579  -11.283 1.00 25.06 ? 105 VAL X CA    1 
ATOM   846  C C     . VAL A 1 105 ? -2.466  -4.765  -11.950 1.00 29.90 ? 105 VAL X C     1 
ATOM   847  O O     . VAL A 1 105 ? -3.014  -5.867  -12.073 1.00 28.28 ? 105 VAL X O     1 
ATOM   848  C CB    . VAL A 1 105 ? -2.704  -3.469  -9.820  1.00 29.90 ? 105 VAL X CB    1 
ATOM   849  C CG1   . VAL A 1 105 ? -3.230  -2.182  -9.178  1.00 27.95 ? 105 VAL X CG1   1 
ATOM   850  C CG2   . VAL A 1 105 ? -3.142  -4.681  -9.033  1.00 28.65 ? 105 VAL X CG2   1 
ATOM   851  N N     . ASP A 1 106 ? -1.226  -4.514  -12.362 1.00 31.56 ? 106 ASP X N     1 
ATOM   852  C CA    . ASP A 1 106 ? -0.378  -5.519  -12.992 1.00 34.37 ? 106 ASP X CA    1 
ATOM   853  C C     . ASP A 1 106 ? 0.113   -6.573  -12.000 1.00 28.82 ? 106 ASP X C     1 
ATOM   854  O O     . ASP A 1 106 ? 0.162   -7.776  -12.298 1.00 28.30 ? 106 ASP X O     1 
ATOM   855  C CB    . ASP A 1 106 ? 0.820   -4.833  -13.648 1.00 33.48 ? 106 ASP X CB    1 
ATOM   856  C CG    . ASP A 1 106 ? 0.407   -3.837  -14.713 1.00 36.24 ? 106 ASP X CG    1 
ATOM   857  O OD1   . ASP A 1 106 ? -0.506  -4.162  -15.494 1.00 34.33 ? 106 ASP X OD1   1 
ATOM   858  O OD2   . ASP A 1 106 ? 0.983   -2.732  -14.771 1.00 33.91 ? 106 ASP X OD2   1 
ATOM   859  N N     . ASP A 1 107 ? 0.491   -6.111  -10.819 1.00 25.14 ? 107 ASP X N     1 
ATOM   860  C CA    . ASP A 1 107 ? 1.139   -6.974  -9.848  1.00 21.34 ? 107 ASP X CA    1 
ATOM   861  C C     . ASP A 1 107 ? 0.973   -6.358  -8.466  1.00 23.22 ? 107 ASP X C     1 
ATOM   862  O O     . ASP A 1 107 ? 0.521   -5.207  -8.333  1.00 21.74 ? 107 ASP X O     1 
ATOM   863  C CB    . ASP A 1 107 ? 2.622   -7.197  -10.206 1.00 23.20 ? 107 ASP X CB    1 
ATOM   864  C CG    . ASP A 1 107 ? 3.459   -5.922  -10.168 1.00 25.80 ? 107 ASP X CG    1 
ATOM   865  O OD1   . ASP A 1 107 ? 2.903   -4.805  -10.206 1.00 27.35 ? 107 ASP X OD1   1 
ATOM   866  O OD2   . ASP A 1 107 ? 4.701   -6.042  -10.117 1.00 28.19 ? 107 ASP X OD2   1 
ATOM   867  N N     . MET A 1 108 ? 1.312   -7.137  -7.441  1.00 19.97 ? 108 MET X N     1 
ATOM   868  C CA    . MET A 1 108 ? 1.166   -6.720  -6.044  1.00 18.17 ? 108 MET X CA    1 
ATOM   869  C C     . MET A 1 108 ? 2.404   -7.082  -5.241  1.00 22.39 ? 108 MET X C     1 
ATOM   870  O O     . MET A 1 108 ? 2.926   -8.203  -5.352  1.00 23.94 ? 108 MET X O     1 
ATOM   871  C CB    . MET A 1 108 ? -0.064  -7.369  -5.401  1.00 18.78 ? 108 MET X CB    1 
ATOM   872  C CG    . MET A 1 108 ? -1.345  -7.190  -6.199  1.00 19.35 ? 108 MET X CG    1 
ATOM   873  S SD    . MET A 1 108 ? -2.832  -7.618  -5.272  1.00 22.59 ? 108 MET X SD    1 
ATOM   874  C CE    . MET A 1 108 ? -2.719  -9.398  -5.195  1.00 21.85 ? 108 MET X CE    1 
ATOM   875  N N     . TYR A 1 109 ? 2.873   -6.120  -4.450  1.00 18.23 ? 109 TYR X N     1 
ATOM   876  C CA    . TYR A 1 109 ? 3.910   -6.369  -3.476  1.00 16.70 ? 109 TYR X CA    1 
ATOM   877  C C     . TYR A 1 109 ? 3.246   -6.419  -2.120  1.00 21.05 ? 109 TYR X C     1 
ATOM   878  O O     . TYR A 1 109 ? 2.869   -5.377  -1.589  1.00 18.36 ? 109 TYR X O     1 
ATOM   879  C CB    . TYR A 1 109 ? 4.977   -5.276  -3.493  1.00 16.86 ? 109 TYR X CB    1 
ATOM   880  C CG    . TYR A 1 109 ? 5.769   -5.240  -4.769  1.00 22.17 ? 109 TYR X CG    1 
ATOM   881  C CD1   . TYR A 1 109 ? 5.317   -4.534  -5.875  1.00 19.92 ? 109 TYR X CD1   1 
ATOM   882  C CD2   . TYR A 1 109 ? 6.963   -5.944  -4.876  1.00 21.56 ? 109 TYR X CD2   1 
ATOM   883  C CE1   . TYR A 1 109 ? 6.055   -4.509  -7.049  1.00 22.36 ? 109 TYR X CE1   1 
ATOM   884  C CE2   . TYR A 1 109 ? 7.699   -5.928  -6.042  1.00 23.22 ? 109 TYR X CE2   1 
ATOM   885  C CZ    . TYR A 1 109 ? 7.245   -5.219  -7.123  1.00 24.65 ? 109 TYR X CZ    1 
ATOM   886  O OH    . TYR A 1 109 ? 8.004   -5.214  -8.272  1.00 23.69 ? 109 TYR X OH    1 
ATOM   887  N N     . ILE A 1 110 ? 3.105   -7.626  -1.581  1.00 18.06 ? 110 ILE X N     1 
ATOM   888  C CA    . ILE A 1 110 ? 2.397   -7.843  -0.331  1.00 18.21 ? 110 ILE X CA    1 
ATOM   889  C C     . ILE A 1 110 ? 3.357   -8.249  0.772   1.00 21.73 ? 110 ILE X C     1 
ATOM   890  O O     . ILE A 1 110 ? 4.189   -9.125  0.576   1.00 20.80 ? 110 ILE X O     1 
ATOM   891  C CB    . ILE A 1 110 ? 1.319   -8.940  -0.502  1.00 18.91 ? 110 ILE X CB    1 
ATOM   892  C CG1   . ILE A 1 110 ? 0.294   -8.465  -1.529  1.00 19.43 ? 110 ILE X CG1   1 
ATOM   893  C CG2   . ILE A 1 110 ? 0.678   -9.302  0.855   1.00 21.40 ? 110 ILE X CG2   1 
ATOM   894  C CD1   . ILE A 1 110 ? -0.732  -9.513  -1.962  1.00 22.95 ? 110 ILE X CD1   1 
ATOM   895  N N     . THR A 1 111 ? 3.252   -7.604  1.923   1.00 17.03 ? 111 THR X N     1 
ATOM   896  C CA    . THR A 1 111 ? 3.898   -8.108  3.127   1.00 16.76 ? 111 THR X CA    1 
ATOM   897  C C     . THR A 1 111 ? 2.838   -8.824  3.948   1.00 21.97 ? 111 THR X C     1 
ATOM   898  O O     . THR A 1 111 ? 1.916   -8.192  4.447   1.00 20.34 ? 111 THR X O     1 
ATOM   899  C CB    . THR A 1 111 ? 4.524   -7.000  3.977   1.00 19.50 ? 111 THR X CB    1 
ATOM   900  O OG1   . THR A 1 111 ? 5.449   -6.233  3.187   1.00 20.99 ? 111 THR X OG1   1 
ATOM   901  C CG2   . THR A 1 111 ? 5.255   -7.621  5.170   1.00 18.44 ? 111 THR X CG2   1 
ATOM   902  N N     . VAL A 1 112 ? 2.933   -10.143 4.053   1.00 20.67 ? 112 VAL X N     1 
ATOM   903  C CA    . VAL A 1 112 ? 1.983   -10.876 4.868   1.00 19.79 ? 112 VAL X CA    1 
ATOM   904  C C     . VAL A 1 112 ? 2.483   -10.897 6.296   1.00 23.87 ? 112 VAL X C     1 
ATOM   905  O O     . VAL A 1 112 ? 3.558   -11.420 6.573   1.00 21.61 ? 112 VAL X O     1 
ATOM   906  C CB    . VAL A 1 112 ? 1.785   -12.319 4.378   1.00 20.91 ? 112 VAL X CB    1 
ATOM   907  C CG1   . VAL A 1 112 ? 0.787   -13.026 5.277   1.00 26.28 ? 112 VAL X CG1   1 
ATOM   908  C CG2   . VAL A 1 112 ? 1.322   -12.331 2.939   1.00 22.41 ? 112 VAL X CG2   1 
ATOM   909  N N     . ILE A 1 113 ? 1.714   -10.304 7.201   1.00 20.43 ? 113 ILE X N     1 
ATOM   910  C CA    . ILE A 1 113 ? 2.069   -10.276 8.612   1.00 22.94 ? 113 ILE X CA    1 
ATOM   911  C C     . ILE A 1 113 ? 1.453   -11.512 9.251   1.00 22.85 ? 113 ILE X C     1 
ATOM   912  O O     . ILE A 1 113 ? 0.237   -11.647 9.235   1.00 20.12 ? 113 ILE X O     1 
ATOM   913  C CB    . ILE A 1 113 ? 1.527   -9.008  9.317   1.00 24.91 ? 113 ILE X CB    1 
ATOM   914  C CG1   . ILE A 1 113 ? 1.814   -7.730  8.502   1.00 27.87 ? 113 ILE X CG1   1 
ATOM   915  C CG2   . ILE A 1 113 ? 2.019   -8.934  10.762  1.00 22.37 ? 113 ILE X CG2   1 
ATOM   916  C CD1   . ILE A 1 113 ? 3.193   -7.228  8.603   1.00 23.40 ? 113 ILE X CD1   1 
ATOM   917  N N     . GLU A 1 114 ? 2.265   -12.396 9.828   1.00 20.40 ? 114 GLU X N     1 
ATOM   918  C CA    . GLU A 1 114 ? 1.765   -13.703 10.272  1.00 22.59 ? 114 GLU X CA    1 
ATOM   919  C C     . GLU A 1 114 ? 1.180   -13.608 11.665  1.00 24.09 ? 114 GLU X C     1 
ATOM   920  O O     . GLU A 1 114 ? 1.630   -14.303 12.586  1.00 22.52 ? 114 GLU X O     1 
ATOM   921  C CB    . GLU A 1 114 ? 2.876   -14.764 10.264  1.00 23.10 ? 114 GLU X CB    1 
ATOM   922  C CG    . GLU A 1 114 ? 3.681   -14.847 8.975   1.00 31.44 ? 114 GLU X CG    1 
ATOM   923  C CD    . GLU A 1 114 ? 2.920   -15.461 7.825   1.00 40.92 ? 114 GLU X CD    1 
ATOM   924  O OE1   . GLU A 1 114 ? 1.883   -16.117 8.071   1.00 45.65 ? 114 GLU X OE1   1 
ATOM   925  O OE2   . GLU A 1 114 ? 3.388   -15.304 6.669   1.00 43.97 ? 114 GLU X OE2   1 
ATOM   926  N N     . GLY A 1 115 ? 0.179   -12.739 11.820  1.00 18.90 ? 115 GLY X N     1 
ATOM   927  C CA    . GLY A 1 115 ? -0.496  -12.576 13.098  1.00 17.29 ? 115 GLY X CA    1 
ATOM   928  C C     . GLY A 1 115 ? -1.954  -12.207 12.897  1.00 21.35 ? 115 GLY X C     1 
ATOM   929  O O     . GLY A 1 115 ? -2.366  -11.945 11.773  1.00 19.16 ? 115 GLY X O     1 
ATOM   930  N N     . LYS A 1 116 ? -2.732  -12.194 13.978  1.00 20.57 ? 116 LYS X N     1 
ATOM   931  C CA    . LYS A 1 116 ? -4.148  -11.839 13.880  1.00 22.81 ? 116 LYS X CA    1 
ATOM   932  C C     . LYS A 1 116 ? -4.390  -10.649 14.775  1.00 21.48 ? 116 LYS X C     1 
ATOM   933  O O     . LYS A 1 116 ? -4.385  -10.776 16.002  1.00 21.74 ? 116 LYS X O     1 
ATOM   934  C CB    . LYS A 1 116 ? -5.058  -13.003 14.274  1.00 22.95 ? 116 LYS X CB    1 
ATOM   935  C CG    . LYS A 1 116 ? -5.043  -14.141 13.265  1.00 24.65 ? 116 LYS X CG    1 
ATOM   936  C CD    . LYS A 1 116 ? -5.931  -15.294 13.719  1.00 31.44 ? 116 LYS X CD    1 
ATOM   937  C CE    . LYS A 1 116 ? -6.106  -16.317 12.590  1.00 43.38 ? 116 LYS X CE    1 
ATOM   938  N NZ    . LYS A 1 116 ? -7.047  -17.417 12.959  1.00 45.27 ? 116 LYS X NZ    1 
ATOM   939  N N     . PHE A 1 117 ? -4.568  -9.492  14.150  1.00 18.78 ? 117 PHE X N     1 
ATOM   940  C CA    . PHE A 1 117 ? -4.685  -8.219  14.861  1.00 17.85 ? 117 PHE X CA    1 
ATOM   941  C C     . PHE A 1 117 ? -6.130  -7.764  14.857  1.00 19.77 ? 117 PHE X C     1 
ATOM   942  O O     . PHE A 1 117 ? -6.897  -8.149  13.974  1.00 20.73 ? 117 PHE X O     1 
ATOM   943  C CB    . PHE A 1 117 ? -3.804  -7.145  14.213  1.00 19.56 ? 117 PHE X CB    1 
ATOM   944  C CG    . PHE A 1 117 ? -2.335  -7.380  14.395  1.00 22.69 ? 117 PHE X CG    1 
ATOM   945  C CD1   . PHE A 1 117 ? -1.681  -8.359  13.665  1.00 23.86 ? 117 PHE X CD1   1 
ATOM   946  C CD2   . PHE A 1 117 ? -1.608  -6.634  15.317  1.00 25.85 ? 117 PHE X CD2   1 
ATOM   947  C CE1   . PHE A 1 117 ? -0.308  -8.589  13.853  1.00 23.53 ? 117 PHE X CE1   1 
ATOM   948  C CE2   . PHE A 1 117 ? -0.246  -6.856  15.497  1.00 21.10 ? 117 PHE X CE2   1 
ATOM   949  C CZ    . PHE A 1 117 ? 0.392   -7.842  14.767  1.00 22.43 ? 117 PHE X CZ    1 
ATOM   950  N N     . ARG A 1 118 ? -6.515  -6.950  15.831  1.00 23.38 ? 118 ARG X N     1 
ATOM   951  C CA    . ARG A 1 118 ? -7.835  -6.321  15.748  1.00 20.72 ? 118 ARG X CA    1 
ATOM   952  C C     . ARG A 1 118 ? -7.751  -5.261  14.661  1.00 22.11 ? 118 ARG X C     1 
ATOM   953  O O     . ARG A 1 118 ? -6.785  -4.496  14.639  1.00 23.85 ? 118 ARG X O     1 
ATOM   954  C CB    . ARG A 1 118 ? -8.242  -5.692  17.079  1.00 25.45 ? 118 ARG X CB    1 
ATOM   955  C CG    . ARG A 1 118 ? -9.523  -4.863  16.960  1.00 34.56 ? 118 ARG X CG    1 
ATOM   956  C CD    . ARG A 1 118 ? -9.966  -4.257  18.285  1.00 44.01 ? 118 ARG X CD    1 
ATOM   957  N NE    . ARG A 1 118 ? -10.265 -5.293  19.262  1.00 43.92 ? 118 ARG X NE    1 
ATOM   958  C CZ    . ARG A 1 118 ? -9.449  -5.644  20.247  1.00 54.39 ? 118 ARG X CZ    1 
ATOM   959  N NH1   . ARG A 1 118 ? -8.283  -5.025  20.397  1.00 50.79 ? 118 ARG X NH1   1 
ATOM   960  N NH2   . ARG A 1 118 ? -9.802  -6.611  21.081  1.00 49.01 ? 118 ARG X NH2   1 
ATOM   961  N N     . GLY A 1 119 ? -8.732  -5.195  13.764  1.00 19.70 ? 119 GLY X N     1 
ATOM   962  C CA    . GLY A 1 119 ? -8.664  -4.224  12.686  1.00 20.99 ? 119 GLY X CA    1 
ATOM   963  C C     . GLY A 1 119 ? -9.995  -3.578  12.346  1.00 21.28 ? 119 GLY X C     1 
ATOM   964  O O     . GLY A 1 119 ? -11.052 -4.089  12.735  1.00 20.64 ? 119 GLY X O     1 
ATOM   965  N N     . ASP A 1 120 ? -9.963  -2.446  11.647  1.00 17.28 ? 120 ASP X N     1 
ATOM   966  C CA    . ASP A 1 120 ? -11.206 -1.877  11.132  1.00 17.71 ? 120 ASP X CA    1 
ATOM   967  C C     . ASP A 1 120 ? -11.100 -1.580  9.650   1.00 26.57 ? 120 ASP X C     1 
ATOM   968  O O     . ASP A 1 120 ? -12.014 -0.997  9.052   1.00 22.17 ? 120 ASP X O     1 
ATOM   969  C CB    . ASP A 1 120 ? -11.621 -0.604  11.904  1.00 18.64 ? 120 ASP X CB    1 
ATOM   970  C CG    . ASP A 1 120 ? -10.522 0.441   11.975  1.00 23.91 ? 120 ASP X CG    1 
ATOM   971  O OD1   . ASP A 1 120 ? -9.676  0.507   11.051  1.00 20.05 ? 120 ASP X OD1   1 
ATOM   972  O OD2   . ASP A 1 120 ? -10.514 1.202   12.965  1.00 23.32 ? 120 ASP X OD2   1 
ATOM   973  N N     . THR A 1 121 ? -9.986  -2.009  9.063   1.00 18.54 ? 121 THR X N     1 
ATOM   974  C CA    . THR A 1 121 ? -9.642  -1.696  7.684   1.00 18.39 ? 121 THR X CA    1 
ATOM   975  C C     . THR A 1 121 ? -8.986  -2.908  7.038   1.00 17.00 ? 121 THR X C     1 
ATOM   976  O O     . THR A 1 121 ? -8.046  -3.473  7.608   1.00 18.35 ? 121 THR X O     1 
ATOM   977  C CB    . THR A 1 121 ? -8.677  -0.502  7.613   1.00 17.86 ? 121 THR X CB    1 
ATOM   978  O OG1   . THR A 1 121 ? -9.160  0.562   8.443   1.00 25.96 ? 121 THR X OG1   1 
ATOM   979  C CG2   . THR A 1 121 ? -8.523  -0.007  6.174   1.00 17.71 ? 121 THR X CG2   1 
ATOM   980  N N     . PHE A 1 122 ? -9.491  -3.310  5.874   1.00 16.28 ? 122 PHE X N     1 
ATOM   981  C CA    . PHE A 1 122 ? -9.139  -4.610  5.279   1.00 19.37 ? 122 PHE X CA    1 
ATOM   982  C C     . PHE A 1 122 ? -8.689  -4.535  3.824   1.00 21.66 ? 122 PHE X C     1 
ATOM   983  O O     . PHE A 1 122 ? -9.237  -3.777  3.028   1.00 18.34 ? 122 PHE X O     1 
ATOM   984  C CB    . PHE A 1 122 ? -10.329 -5.577  5.366   1.00 18.29 ? 122 PHE X CB    1 
ATOM   985  C CG    . PHE A 1 122 ? -10.562 -6.105  6.742   1.00 17.52 ? 122 PHE X CG    1 
ATOM   986  C CD1   . PHE A 1 122 ? -11.205 -5.332  7.700   1.00 18.35 ? 122 PHE X CD1   1 
ATOM   987  C CD2   . PHE A 1 122 ? -10.107 -7.366  7.093   1.00 19.57 ? 122 PHE X CD2   1 
ATOM   988  C CE1   . PHE A 1 122 ? -11.382 -5.823  8.996   1.00 18.19 ? 122 PHE X CE1   1 
ATOM   989  C CE2   . PHE A 1 122 ? -10.288 -7.860  8.367   1.00 20.87 ? 122 PHE X CE2   1 
ATOM   990  C CZ    . PHE A 1 122 ? -10.931 -7.092  9.320   1.00 21.38 ? 122 PHE X CZ    1 
ATOM   991  N N     . PHE A 1 123 ? -7.698  -5.350  3.477   1.00 19.65 ? 123 PHE X N     1 
ATOM   992  C CA    . PHE A 1 123 ? -7.377  -5.577  2.070   1.00 18.01 ? 123 PHE X CA    1 
ATOM   993  C C     . PHE A 1 123 ? -8.447  -6.504  1.491   1.00 19.37 ? 123 PHE X C     1 
ATOM   994  O O     . PHE A 1 123 ? -8.933  -7.388  2.193   1.00 20.07 ? 123 PHE X O     1 
ATOM   995  C CB    . PHE A 1 123 ? -5.982  -6.202  1.924   1.00 18.28 ? 123 PHE X CB    1 
ATOM   996  C CG    . PHE A 1 123 ? -5.446  -6.177  0.515   1.00 17.49 ? 123 PHE X CG    1 
ATOM   997  C CD1   . PHE A 1 123 ? -5.012  -4.983  -0.054  1.00 21.23 ? 123 PHE X CD1   1 
ATOM   998  C CD2   . PHE A 1 123 ? -5.354  -7.339  -0.231  1.00 21.58 ? 123 PHE X CD2   1 
ATOM   999  C CE1   . PHE A 1 123 ? -4.499  -4.937  -1.356  1.00 18.20 ? 123 PHE X CE1   1 
ATOM   1000 C CE2   . PHE A 1 123 ? -4.859  -7.310  -1.548  1.00 23.18 ? 123 PHE X CE2   1 
ATOM   1001 C CZ    . PHE A 1 123 ? -4.437  -6.113  -2.112  1.00 19.43 ? 123 PHE X CZ    1 
ATOM   1002 N N     . PRO A 1 124 ? -8.808  -6.326  0.211   1.00 19.26 ? 124 PRO X N     1 
ATOM   1003 C CA    . PRO A 1 124 ? -9.848  -7.213  -0.329  1.00 18.22 ? 124 PRO X CA    1 
ATOM   1004 C C     . PRO A 1 124 ? -9.383  -8.653  -0.494  1.00 20.28 ? 124 PRO X C     1 
ATOM   1005 O O     . PRO A 1 124 ? -8.193  -8.897  -0.729  1.00 22.07 ? 124 PRO X O     1 
ATOM   1006 C CB    . PRO A 1 124 ? -10.171 -6.593  -1.702  1.00 23.83 ? 124 PRO X CB    1 
ATOM   1007 C CG    . PRO A 1 124 ? -9.034  -5.687  -2.024  1.00 24.48 ? 124 PRO X CG    1 
ATOM   1008 C CD    . PRO A 1 124 ? -8.446  -5.241  -0.721  1.00 19.10 ? 124 PRO X CD    1 
ATOM   1009 N N     . PRO A 1 125 ? -10.321 -9.608  -0.391  1.00 24.00 ? 125 PRO X N     1 
ATOM   1010 C CA    . PRO A 1 125 ? -9.998  -11.007 -0.674  1.00 23.82 ? 125 PRO X CA    1 
ATOM   1011 C C     . PRO A 1 125 ? -9.389  -11.154 -2.066  1.00 23.77 ? 125 PRO X C     1 
ATOM   1012 O O     . PRO A 1 125 ? -9.784  -10.443 -2.984  1.00 24.17 ? 125 PRO X O     1 
ATOM   1013 C CB    . PRO A 1 125 ? -11.354 -11.711 -0.603  1.00 29.08 ? 125 PRO X CB    1 
ATOM   1014 C CG    . PRO A 1 125 ? -12.212 -10.800 0.256   1.00 28.59 ? 125 PRO X CG    1 
ATOM   1015 C CD    . PRO A 1 125 ? -11.748 -9.414  -0.079  1.00 24.47 ? 125 PRO X CD    1 
ATOM   1016 N N     . TYR A 1 126 ? -8.418  -12.045 -2.196  1.00 22.82 ? 126 TYR X N     1 
ATOM   1017 C CA    . TYR A 1 126 ? -7.865  -12.403 -3.499  1.00 24.51 ? 126 TYR X CA    1 
ATOM   1018 C C     . TYR A 1 126 ? -7.534  -13.887 -3.464  1.00 29.20 ? 126 TYR X C     1 
ATOM   1019 O O     . TYR A 1 126 ? -7.418  -14.476 -2.392  1.00 27.76 ? 126 TYR X O     1 
ATOM   1020 C CB    . TYR A 1 126 ? -6.627  -11.562 -3.838  1.00 24.11 ? 126 TYR X CB    1 
ATOM   1021 C CG    . TYR A 1 126 ? -5.509  -11.634 -2.819  1.00 23.70 ? 126 TYR X CG    1 
ATOM   1022 C CD1   . TYR A 1 126 ? -5.532  -10.847 -1.664  1.00 21.46 ? 126 TYR X CD1   1 
ATOM   1023 C CD2   . TYR A 1 126 ? -4.416  -12.465 -3.022  1.00 21.61 ? 126 TYR X CD2   1 
ATOM   1024 C CE1   . TYR A 1 126 ? -4.504  -10.913 -0.729  1.00 20.31 ? 126 TYR X CE1   1 
ATOM   1025 C CE2   . TYR A 1 126 ? -3.381  -12.547 -2.092  1.00 21.87 ? 126 TYR X CE2   1 
ATOM   1026 C CZ    . TYR A 1 126 ? -3.430  -11.768 -0.952  1.00 22.19 ? 126 TYR X CZ    1 
ATOM   1027 O OH    . TYR A 1 126 ? -2.397  -11.848 -0.051  1.00 22.93 ? 126 TYR X OH    1 
ATOM   1028 N N     . THR A 1 127 ? -7.405  -14.497 -4.634  1.00 31.73 ? 127 THR X N     1 
ATOM   1029 C CA    . THR A 1 127 ? -7.102  -15.917 -4.705  1.00 32.86 ? 127 THR X CA    1 
ATOM   1030 C C     . THR A 1 127 ? -5.797  -16.185 -5.460  1.00 34.43 ? 127 THR X C     1 
ATOM   1031 O O     . THR A 1 127 ? -5.527  -15.558 -6.486  1.00 34.42 ? 127 THR X O     1 
ATOM   1032 C CB    . THR A 1 127 ? -8.258  -16.686 -5.371  1.00 36.40 ? 127 THR X CB    1 
ATOM   1033 O OG1   . THR A 1 127 ? -7.854  -18.036 -5.609  1.00 49.35 ? 127 THR X OG1   1 
ATOM   1034 C CG2   . THR A 1 127 ? -8.645  -16.039 -6.686  1.00 33.63 ? 127 THR X CG2   1 
ATOM   1035 N N     . PHE A 1 128 ? -4.987  -17.119 -4.962  1.00 35.79 ? 128 PHE X N     1 
ATOM   1036 C CA    . PHE A 1 128 ? -3.726  -17.438 -5.631  1.00 37.51 ? 128 PHE X CA    1 
ATOM   1037 C C     . PHE A 1 128 ? -3.939  -18.118 -6.974  1.00 44.55 ? 128 PHE X C     1 
ATOM   1038 O O     . PHE A 1 128 ? -3.000  -18.313 -7.742  1.00 47.73 ? 128 PHE X O     1 
ATOM   1039 C CB    . PHE A 1 128 ? -2.853  -18.306 -4.737  1.00 42.01 ? 128 PHE X CB    1 
ATOM   1040 C CG    . PHE A 1 128 ? -2.104  -17.521 -3.711  1.00 39.80 ? 128 PHE X CG    1 
ATOM   1041 C CD1   . PHE A 1 128 ? -0.946  -16.850 -4.053  1.00 40.28 ? 128 PHE X CD1   1 
ATOM   1042 C CD2   . PHE A 1 128 ? -2.576  -17.419 -2.412  1.00 36.15 ? 128 PHE X CD2   1 
ATOM   1043 C CE1   . PHE A 1 128 ? -0.257  -16.107 -3.113  1.00 37.84 ? 128 PHE X CE1   1 
ATOM   1044 C CE2   . PHE A 1 128 ? -1.891  -16.675 -1.469  1.00 37.57 ? 128 PHE X CE2   1 
ATOM   1045 C CZ    . PHE A 1 128 ? -0.733  -16.017 -1.821  1.00 43.40 ? 128 PHE X CZ    1 
ATOM   1046 N N     . GLU A 1 129 ? -5.181  -18.477 -7.256  1.00 41.11 ? 129 GLU X N     1 
ATOM   1047 C CA    . GLU A 1 129 ? -5.538  -19.002 -8.561  1.00 44.46 ? 129 GLU X CA    1 
ATOM   1048 C C     . GLU A 1 129 ? -5.348  -17.931 -9.645  1.00 45.88 ? 129 GLU X C     1 
ATOM   1049 O O     . GLU A 1 129 ? -5.100  -18.254 -10.811 1.00 44.31 ? 129 GLU X O     1 
ATOM   1050 C CB    . GLU A 1 129 ? -6.984  -19.515 -8.535  1.00 52.23 ? 129 GLU X CB    1 
ATOM   1051 C CG    . GLU A 1 129 ? -7.701  -19.517 -9.881  1.00 57.85 ? 129 GLU X CG    1 
ATOM   1052 C CD    . GLU A 1 129 ? -9.150  -19.969 -9.771  1.00 73.15 ? 129 GLU X CD    1 
ATOM   1053 O OE1   . GLU A 1 129 ? -9.532  -20.506 -8.704  1.00 73.13 ? 129 GLU X OE1   1 
ATOM   1054 O OE2   . GLU A 1 129 ? -9.905  -19.787 -10.754 1.00 79.94 ? 129 GLU X OE2   1 
ATOM   1055 N N     . ASP A 1 130 ? -5.444  -16.661 -9.250  1.00 34.35 ? 130 ASP X N     1 
ATOM   1056 C CA    . ASP A 1 130 ? -5.312  -15.539 -10.187 1.00 31.61 ? 130 ASP X CA    1 
ATOM   1057 C C     . ASP A 1 130 ? -3.910  -14.939 -10.224 1.00 33.99 ? 130 ASP X C     1 
ATOM   1058 O O     . ASP A 1 130 ? -3.608  -14.120 -11.097 1.00 33.37 ? 130 ASP X O     1 
ATOM   1059 C CB    . ASP A 1 130 ? -6.285  -14.414 -9.829  1.00 34.25 ? 130 ASP X CB    1 
ATOM   1060 C CG    . ASP A 1 130 ? -7.733  -14.846 -9.869  1.00 48.82 ? 130 ASP X CG    1 
ATOM   1061 O OD1   . ASP A 1 130 ? -8.022  -15.953 -10.374 1.00 49.94 ? 130 ASP X OD1   1 
ATOM   1062 O OD2   . ASP A 1 130 ? -8.582  -14.060 -9.394  1.00 41.21 ? 130 ASP X OD2   1 
ATOM   1063 N N     . TRP A 1 131 ? -3.077  -15.321 -9.258  1.00 37.90 ? 131 TRP X N     1 
ATOM   1064 C CA    . TRP A 1 131 ? -1.783  -14.675 -9.052  1.00 31.84 ? 131 TRP X CA    1 
ATOM   1065 C C     . TRP A 1 131 ? -0.642  -15.671 -8.952  1.00 30.39 ? 131 TRP X C     1 
ATOM   1066 O O     . TRP A 1 131 ? -0.676  -16.592 -8.139  1.00 35.80 ? 131 TRP X O     1 
ATOM   1067 C CB    . TRP A 1 131 ? -1.815  -13.814 -7.783  1.00 28.78 ? 131 TRP X CB    1 
ATOM   1068 C CG    . TRP A 1 131 ? -2.855  -12.761 -7.811  1.00 24.67 ? 131 TRP X CG    1 
ATOM   1069 C CD1   . TRP A 1 131 ? -4.147  -12.864 -7.362  1.00 27.34 ? 131 TRP X CD1   1 
ATOM   1070 C CD2   . TRP A 1 131 ? -2.714  -11.440 -8.330  1.00 24.16 ? 131 TRP X CD2   1 
ATOM   1071 N NE1   . TRP A 1 131 ? -4.807  -11.681 -7.563  1.00 27.25 ? 131 TRP X NE1   1 
ATOM   1072 C CE2   . TRP A 1 131 ? -3.953  -10.791 -8.161  1.00 28.13 ? 131 TRP X CE2   1 
ATOM   1073 C CE3   . TRP A 1 131 ? -1.658  -10.738 -8.920  1.00 27.09 ? 131 TRP X CE3   1 
ATOM   1074 C CZ2   . TRP A 1 131 ? -4.164  -9.476  -8.559  1.00 27.87 ? 131 TRP X CZ2   1 
ATOM   1075 C CZ3   . TRP A 1 131 ? -1.870  -9.430  -9.320  1.00 25.90 ? 131 TRP X CZ3   1 
ATOM   1076 C CH2   . TRP A 1 131 ? -3.113  -8.812  -9.135  1.00 25.85 ? 131 TRP X CH2   1 
ATOM   1077 N N     . GLU A 1 132 ? 0.374   -15.467 -9.778  1.00 26.38 ? 132 GLU X N     1 
ATOM   1078 C CA    . GLU A 1 132 ? 1.597   -16.252 -9.708  1.00 31.25 ? 132 GLU X CA    1 
ATOM   1079 C C     . GLU A 1 132 ? 2.542   -15.664 -8.676  1.00 27.07 ? 132 GLU X C     1 
ATOM   1080 O O     . GLU A 1 132 ? 2.682   -14.446 -8.585  1.00 25.85 ? 132 GLU X O     1 
ATOM   1081 C CB    . GLU A 1 132 ? 2.285   -16.301 -11.073 1.00 33.45 ? 132 GLU X CB    1 
ATOM   1082 C CG    . GLU A 1 132 ? 3.628   -17.014 -11.051 1.00 34.39 ? 132 GLU X CG    1 
ATOM   1083 C CD    . GLU A 1 132 ? 4.156   -17.319 -12.436 1.00 41.72 ? 132 GLU X CD    1 
ATOM   1084 O OE1   . GLU A 1 132 ? 3.604   -16.777 -13.417 1.00 46.38 ? 132 GLU X OE1   1 
ATOM   1085 O OE2   . GLU A 1 132 ? 5.130   -18.098 -12.539 1.00 48.94 ? 132 GLU X OE2   1 
ATOM   1086 N N     . VAL A 1 133 ? 3.203   -16.522 -7.904  1.00 25.62 ? 133 VAL X N     1 
ATOM   1087 C CA    . VAL A 1 133 ? 4.185   -16.044 -6.931  1.00 26.05 ? 133 VAL X CA    1 
ATOM   1088 C C     . VAL A 1 133 ? 5.535   -15.822 -7.604  1.00 25.44 ? 133 VAL X C     1 
ATOM   1089 O O     . VAL A 1 133 ? 6.271   -16.781 -7.881  1.00 25.30 ? 133 VAL X O     1 
ATOM   1090 C CB    . VAL A 1 133 ? 4.353   -17.028 -5.757  1.00 23.77 ? 133 VAL X CB    1 
ATOM   1091 C CG1   . VAL A 1 133 ? 5.365   -16.485 -4.733  1.00 21.83 ? 133 VAL X CG1   1 
ATOM   1092 C CG2   . VAL A 1 133 ? 2.991   -17.292 -5.106  1.00 30.07 ? 133 VAL X CG2   1 
ATOM   1093 N N     . ALA A 1 134 ? 5.873   -14.562 -7.863  1.00 21.56 ? 134 ALA X N     1 
ATOM   1094 C CA    . ALA A 1 134 ? 7.141   -14.278 -8.519  1.00 23.94 ? 134 ALA X CA    1 
ATOM   1095 C C     . ALA A 1 134 ? 8.267   -14.521 -7.528  1.00 23.85 ? 134 ALA X C     1 
ATOM   1096 O O     . ALA A 1 134 ? 9.320   -15.048 -7.876  1.00 25.51 ? 134 ALA X O     1 
ATOM   1097 C CB    . ALA A 1 134 ? 7.183   -12.854 -9.052  1.00 22.35 ? 134 ALA X CB    1 
ATOM   1098 N N     . SER A 1 135 ? 8.028   -14.141 -6.278  1.00 20.96 ? 135 SER X N     1 
ATOM   1099 C CA    . SER A 1 135 ? 9.000   -14.349 -5.213  1.00 19.82 ? 135 SER X CA    1 
ATOM   1100 C C     . SER A 1 135 ? 8.314   -14.348 -3.847  1.00 22.09 ? 135 SER X C     1 
ATOM   1101 O O     . SER A 1 135 ? 7.261   -13.745 -3.663  1.00 19.74 ? 135 SER X O     1 
ATOM   1102 C CB    . SER A 1 135 ? 10.087  -13.279 -5.258  1.00 22.75 ? 135 SER X CB    1 
ATOM   1103 O OG    . SER A 1 135 ? 9.540   -11.987 -5.067  1.00 23.53 ? 135 SER X OG    1 
ATOM   1104 N N     . SER A 1 136 ? 8.922   -15.044 -2.902  1.00 20.30 ? 136 SER X N     1 
ATOM   1105 C CA    . SER A 1 136 ? 8.413   -15.105 -1.536  1.00 20.73 ? 136 SER X CA    1 
ATOM   1106 C C     . SER A 1 136 ? 9.632   -15.183 -0.643  1.00 27.13 ? 136 SER X C     1 
ATOM   1107 O O     . SER A 1 136 ? 10.397  -16.149 -0.724  1.00 26.04 ? 136 SER X O     1 
ATOM   1108 C CB    . SER A 1 136 ? 7.489   -16.305 -1.340  1.00 20.85 ? 136 SER X CB    1 
ATOM   1109 O OG    . SER A 1 136 ? 7.072   -16.426 0.025   1.00 23.53 ? 136 SER X OG    1 
ATOM   1110 N N     . VAL A 1 137 ? 9.827   -14.146 0.169   1.00 21.62 ? 137 VAL X N     1 
ATOM   1111 C CA    . VAL A 1 137 ? 11.003  -14.005 1.026   1.00 23.33 ? 137 VAL X CA    1 
ATOM   1112 C C     . VAL A 1 137 ? 10.576  -13.771 2.472   1.00 23.96 ? 137 VAL X C     1 
ATOM   1113 O O     . VAL A 1 137 ? 9.894   -12.788 2.774   1.00 22.79 ? 137 VAL X O     1 
ATOM   1114 C CB    . VAL A 1 137 ? 11.896  -12.840 0.554   1.00 23.30 ? 137 VAL X CB    1 
ATOM   1115 C CG1   . VAL A 1 137 ? 13.147  -12.719 1.412   1.00 28.39 ? 137 VAL X CG1   1 
ATOM   1116 C CG2   . VAL A 1 137 ? 12.256  -13.004 -0.941  1.00 22.48 ? 137 VAL X CG2   1 
ATOM   1117 N N     . GLU A 1 138 ? 10.958  -14.676 3.368   1.00 26.62 ? 138 GLU X N     1 
ATOM   1118 C CA    . GLU A 1 138 ? 10.671  -14.468 4.791   1.00 27.55 ? 138 GLU X CA    1 
ATOM   1119 C C     . GLU A 1 138 ? 11.491  -13.339 5.360   1.00 28.34 ? 138 GLU X C     1 
ATOM   1120 O O     . GLU A 1 138 ? 12.682  -13.214 5.059   1.00 29.74 ? 138 GLU X O     1 
ATOM   1121 C CB    . GLU A 1 138 ? 10.948  -15.716 5.600   1.00 29.91 ? 138 GLU X CB    1 
ATOM   1122 C CG    . GLU A 1 138 ? 10.065  -16.882 5.310   1.00 32.42 ? 138 GLU X CG    1 
ATOM   1123 C CD    . GLU A 1 138 ? 10.488  -18.066 6.148   1.00 49.53 ? 138 GLU X CD    1 
ATOM   1124 O OE1   . GLU A 1 138 ? 10.419  -19.213 5.660   1.00 55.35 ? 138 GLU X OE1   1 
ATOM   1125 O OE2   . GLU A 1 138 ? 10.920  -17.835 7.301   1.00 49.54 ? 138 GLU X OE2   1 
ATOM   1126 N N     . GLY A 1 139 ? 10.853  -12.518 6.188   1.00 24.03 ? 139 GLY X N     1 
ATOM   1127 C CA    . GLY A 1 139 ? 11.519  -11.396 6.811   1.00 23.97 ? 139 GLY X CA    1 
ATOM   1128 C C     . GLY A 1 139 ? 12.294  -11.926 7.997   1.00 27.27 ? 139 GLY X C     1 
ATOM   1129 O O     . GLY A 1 139 ? 11.943  -12.969 8.544   1.00 25.87 ? 139 GLY X O     1 
ATOM   1130 N N     . LYS A 1 140 ? 13.339  -11.221 8.412   1.00 30.64 ? 140 LYS X N     1 
ATOM   1131 C CA    . LYS A 1 140 ? 14.140  -11.708 9.537   1.00 32.79 ? 140 LYS X CA    1 
ATOM   1132 C C     . LYS A 1 140 ? 13.579  -11.218 10.862  1.00 30.79 ? 140 LYS X C     1 
ATOM   1133 O O     . LYS A 1 140 ? 13.153  -10.065 10.990  1.00 35.90 ? 140 LYS X O     1 
ATOM   1134 C CB    . LYS A 1 140 ? 15.608  -11.286 9.393   1.00 38.85 ? 140 LYS X CB    1 
ATOM   1135 C CG    . LYS A 1 140 ? 16.307  -11.855 8.155   1.00 43.33 ? 140 LYS X CG    1 
ATOM   1136 C CD    . LYS A 1 140 ? 16.416  -13.381 8.201   1.00 46.28 ? 140 LYS X CD    1 
ATOM   1137 C CE    . LYS A 1 140 ? 16.853  -13.958 6.849   1.00 54.50 ? 140 LYS X CE    1 
ATOM   1138 N NZ    . LYS A 1 140 ? 18.200  -13.486 6.395   1.00 48.11 ? 140 LYS X NZ    1 
ATOM   1139 N N     . LEU A 1 141 ? 13.560  -12.101 11.850  1.00 29.92 ? 141 LEU X N     1 
ATOM   1140 C CA    . LEU A 1 141 ? 13.147  -11.692 13.184  1.00 38.29 ? 141 LEU X CA    1 
ATOM   1141 C C     . LEU A 1 141 ? 14.341  -11.182 13.959  1.00 43.64 ? 141 LEU X C     1 
ATOM   1142 O O     . LEU A 1 141 ? 15.456  -11.668 13.780  1.00 41.84 ? 141 LEU X O     1 
ATOM   1143 C CB    . LEU A 1 141 ? 12.487  -12.837 13.935  1.00 39.26 ? 141 LEU X CB    1 
ATOM   1144 C CG    . LEU A 1 141 ? 11.094  -13.187 13.449  1.00 32.16 ? 141 LEU X CG    1 
ATOM   1145 C CD1   . LEU A 1 141 ? 10.256  -13.611 14.626  1.00 40.60 ? 141 LEU X CD1   1 
ATOM   1146 C CD2   . LEU A 1 141 ? 10.469  -11.987 12.739  1.00 41.68 ? 141 LEU X CD2   1 
ATOM   1147 N N     . ASP A 1 142 ? 14.109  -10.181 14.796  1.00 42.27 ? 142 ASP X N     1 
ATOM   1148 C CA    . ASP A 1 142 ? 15.162  -9.694  15.665  1.00 43.22 ? 142 ASP X CA    1 
ATOM   1149 C C     . ASP A 1 142 ? 14.592  -8.905  16.819  1.00 45.75 ? 142 ASP X C     1 
ATOM   1150 O O     . ASP A 1 142 ? 13.410  -9.019  17.158  1.00 48.67 ? 142 ASP X O     1 
ATOM   1151 C CB    . ASP A 1 142 ? 16.174  -8.842  14.889  1.00 47.23 ? 142 ASP X CB    1 
ATOM   1152 C CG    . ASP A 1 142 ? 15.549  -7.628  14.217  1.00 35.00 ? 142 ASP X CG    1 
ATOM   1153 O OD1   . ASP A 1 142 ? 14.463  -7.169  14.626  1.00 45.01 ? 142 ASP X OD1   1 
ATOM   1154 O OD2   . ASP A 1 142 ? 16.171  -7.118  13.272  1.00 45.66 ? 142 ASP X OD2   1 
ATOM   1155 N N     . GLU A 1 143 ? 15.460  -8.099  17.416  1.00 56.36 ? 143 GLU X N     1 
ATOM   1156 C CA    . GLU A 1 143 ? 15.096  -7.269  18.546  1.00 56.26 ? 143 GLU X CA    1 
ATOM   1157 C C     . GLU A 1 143 ? 13.920  -6.368  18.183  1.00 48.23 ? 143 GLU X C     1 
ATOM   1158 O O     . GLU A 1 143 ? 12.923  -6.315  18.901  1.00 54.87 ? 143 GLU X O     1 
ATOM   1159 C CB    . GLU A 1 143 ? 16.307  -6.440  19.002  1.00 59.85 ? 143 GLU X CB    1 
ATOM   1160 C CG    . GLU A 1 143 ? 17.203  -5.925  17.856  1.00 59.63 ? 143 GLU X CG    1 
ATOM   1161 C CD    . GLU A 1 143 ? 18.254  -6.931  17.381  1.00 68.76 ? 143 GLU X CD    1 
ATOM   1162 O OE1   . GLU A 1 143 ? 18.104  -8.146  17.655  1.00 69.10 ? 143 GLU X OE1   1 
ATOM   1163 O OE2   . GLU A 1 143 ? 19.227  -6.500  16.719  1.00 65.60 ? 143 GLU X OE2   1 
ATOM   1164 N N     . LYS A 1 144 ? 14.026  -5.702  17.038  1.00 47.88 ? 144 LYS X N     1 
ATOM   1165 C CA    . LYS A 1 144 ? 13.072  -4.664  16.662  1.00 46.43 ? 144 LYS X CA    1 
ATOM   1166 C C     . LYS A 1 144 ? 11.986  -5.122  15.674  1.00 41.89 ? 144 LYS X C     1 
ATOM   1167 O O     . LYS A 1 144 ? 11.076  -4.359  15.359  1.00 36.98 ? 144 LYS X O     1 
ATOM   1168 C CB    . LYS A 1 144 ? 13.837  -3.476  16.079  1.00 45.88 ? 144 LYS X CB    1 
ATOM   1169 C CG    . LYS A 1 144 ? 14.967  -2.981  16.982  1.00 44.21 ? 144 LYS X CG    1 
ATOM   1170 C CD    . LYS A 1 144 ? 15.684  -1.776  16.392  1.00 60.38 ? 144 LYS X CD    1 
ATOM   1171 C CE    . LYS A 1 144 ? 16.478  -1.038  17.462  1.00 64.02 ? 144 LYS X CE    1 
ATOM   1172 N NZ    . LYS A 1 144 ? 15.583  -0.310  18.412  1.00 63.74 ? 144 LYS X NZ    1 
ATOM   1173 N N     . ASN A 1 145 ? 12.090  -6.358  15.186  1.00 35.56 ? 145 ASN X N     1 
ATOM   1174 C CA    . ASN A 1 145 ? 11.079  -6.940  14.293  1.00 33.53 ? 145 ASN X CA    1 
ATOM   1175 C C     . ASN A 1 145 ? 10.643  -8.293  14.820  1.00 36.74 ? 145 ASN X C     1 
ATOM   1176 O O     . ASN A 1 145 ? 11.300  -9.300  14.557  1.00 37.68 ? 145 ASN X O     1 
ATOM   1177 C CB    . ASN A 1 145 ? 11.628  -7.095  12.875  1.00 30.61 ? 145 ASN X CB    1 
ATOM   1178 C CG    . ASN A 1 145 ? 12.036  -5.784  12.269  1.00 33.10 ? 145 ASN X CG    1 
ATOM   1179 O OD1   . ASN A 1 145 ? 11.253  -5.138  11.562  1.00 29.24 ? 145 ASN X OD1   1 
ATOM   1180 N ND2   . ASN A 1 145 ? 13.267  -5.370  12.542  1.00 34.11 ? 145 ASN X ND2   1 
ATOM   1181 N N     . THR A 1 146 ? 9.537   -8.320  15.554  1.00 34.17 ? 146 THR X N     1 
ATOM   1182 C CA    . THR A 1 146 ? 9.260   -9.450  16.428  1.00 33.69 ? 146 THR X CA    1 
ATOM   1183 C C     . THR A 1 146 ? 8.020   -10.225 16.016  1.00 34.32 ? 146 THR X C     1 
ATOM   1184 O O     . THR A 1 146 ? 7.581   -11.131 16.718  1.00 30.17 ? 146 THR X O     1 
ATOM   1185 C CB    . THR A 1 146 ? 9.123   -8.978  17.898  1.00 39.67 ? 146 THR X CB    1 
ATOM   1186 O OG1   . THR A 1 146 ? 8.166   -7.921  17.980  1.00 39.07 ? 146 THR X OG1   1 
ATOM   1187 C CG2   . THR A 1 146 ? 10.458  -8.448  18.401  1.00 44.94 ? 146 THR X CG2   1 
ATOM   1188 N N     . ILE A 1 147 ? 7.465   -9.874  14.862  1.00 33.18 ? 147 ILE X N     1 
ATOM   1189 C CA    . ILE A 1 147 ? 6.331   -10.597 14.313  1.00 26.07 ? 147 ILE X CA    1 
ATOM   1190 C C     . ILE A 1 147 ? 6.752   -11.212 12.970  1.00 26.77 ? 147 ILE X C     1 
ATOM   1191 O O     . ILE A 1 147 ? 7.385   -10.547 12.153  1.00 25.47 ? 147 ILE X O     1 
ATOM   1192 C CB    . ILE A 1 147 ? 5.115   -9.672  14.152  1.00 32.00 ? 147 ILE X CB    1 
ATOM   1193 C CG1   . ILE A 1 147 ? 4.029   -10.325 13.316  1.00 33.52 ? 147 ILE X CG1   1 
ATOM   1194 C CG2   . ILE A 1 147 ? 5.515   -8.363  13.511  1.00 35.67 ? 147 ILE X CG2   1 
ATOM   1195 C CD1   . ILE A 1 147 ? 3.097   -11.197 14.092  1.00 36.69 ? 147 ILE X CD1   1 
ATOM   1196 N N     . PRO A 1 148 ? 6.433   -12.496 12.749  1.00 22.14 ? 148 PRO X N     1 
ATOM   1197 C CA    . PRO A 1 148 ? 6.881   -13.077 11.483  1.00 19.98 ? 148 PRO X CA    1 
ATOM   1198 C C     . PRO A 1 148 ? 6.182   -12.439 10.307  1.00 22.46 ? 148 PRO X C     1 
ATOM   1199 O O     . PRO A 1 148 ? 5.017   -12.046 10.416  1.00 23.35 ? 148 PRO X O     1 
ATOM   1200 C CB    . PRO A 1 148 ? 6.497   -14.558 11.609  1.00 22.02 ? 148 PRO X CB    1 
ATOM   1201 C CG    . PRO A 1 148 ? 6.232   -14.780 13.040  1.00 28.30 ? 148 PRO X CG    1 
ATOM   1202 C CD    . PRO A 1 148 ? 5.764   -13.490 13.602  1.00 24.07 ? 148 PRO X CD    1 
ATOM   1203 N N     . HIS A 1 149 ? 6.890   -12.317 9.195   1.00 21.34 ? 149 HIS X N     1 
ATOM   1204 C CA    . HIS A 1 149 ? 6.349   -11.624 8.040   1.00 19.53 ? 149 HIS X CA    1 
ATOM   1205 C C     . HIS A 1 149 ? 7.038   -12.136 6.787   1.00 25.17 ? 149 HIS X C     1 
ATOM   1206 O O     . HIS A 1 149 ? 8.192   -12.556 6.839   1.00 24.73 ? 149 HIS X O     1 
ATOM   1207 C CB    . HIS A 1 149 ? 6.523   -10.103 8.181   1.00 19.59 ? 149 HIS X CB    1 
ATOM   1208 C CG    . HIS A 1 149 ? 7.925   -9.668  8.495   1.00 20.96 ? 149 HIS X CG    1 
ATOM   1209 N ND1   . HIS A 1 149 ? 8.503   -9.845  9.733   1.00 21.17 ? 149 HIS X ND1   1 
ATOM   1210 C CD2   . HIS A 1 149 ? 8.855   -9.044  7.732   1.00 24.03 ? 149 HIS X CD2   1 
ATOM   1211 C CE1   . HIS A 1 149 ? 9.732   -9.359  9.718   1.00 21.72 ? 149 HIS X CE1   1 
ATOM   1212 N NE2   . HIS A 1 149 ? 9.967   -8.864  8.516   1.00 25.96 ? 149 HIS X NE2   1 
ATOM   1213 N N     . THR A 1 150 ? 6.321   -12.103 5.669   1.00 18.85 ? 150 THR X N     1 
ATOM   1214 C CA    . THR A 1 150 ? 6.834   -12.608 4.401   1.00 19.04 ? 150 THR X CA    1 
ATOM   1215 C C     . THR A 1 150 ? 6.559   -11.586 3.300   1.00 20.08 ? 150 THR X C     1 
ATOM   1216 O O     . THR A 1 150 ? 5.443   -11.059 3.195   1.00 22.51 ? 150 THR X O     1 
ATOM   1217 C CB    . THR A 1 150 ? 6.176   -13.941 4.035   1.00 26.56 ? 150 THR X CB    1 
ATOM   1218 O OG1   . THR A 1 150 ? 6.256   -14.837 5.150   1.00 28.93 ? 150 THR X OG1   1 
ATOM   1219 C CG2   . THR A 1 150 ? 6.843   -14.569 2.805   1.00 22.81 ? 150 THR X CG2   1 
ATOM   1220 N N     . PHE A 1 151 ? 7.571   -11.312 2.487   1.00 20.98 ? 151 PHE X N     1 
ATOM   1221 C CA    . PHE A 1 151 ? 7.416   -10.422 1.353   1.00 20.25 ? 151 PHE X CA    1 
ATOM   1222 C C     . PHE A 1 151 ? 7.047   -11.222 0.092   1.00 23.05 ? 151 PHE X C     1 
ATOM   1223 O O     . PHE A 1 151 ? 7.828   -12.054 -0.386  1.00 21.69 ? 151 PHE X O     1 
ATOM   1224 C CB    . PHE A 1 151 ? 8.708   -9.608  1.154   1.00 18.49 ? 151 PHE X CB    1 
ATOM   1225 C CG    . PHE A 1 151 ? 9.120   -8.814  2.369   1.00 21.65 ? 151 PHE X CG    1 
ATOM   1226 C CD1   . PHE A 1 151 ? 8.408   -7.679  2.749   1.00 19.75 ? 151 PHE X CD1   1 
ATOM   1227 C CD2   . PHE A 1 151 ? 10.214  -9.188  3.125   1.00 22.43 ? 151 PHE X CD2   1 
ATOM   1228 C CE1   . PHE A 1 151 ? 8.776   -6.938  3.862   1.00 20.34 ? 151 PHE X CE1   1 
ATOM   1229 C CE2   . PHE A 1 151 ? 10.588  -8.451  4.245   1.00 23.01 ? 151 PHE X CE2   1 
ATOM   1230 C CZ    . PHE A 1 151 ? 9.880   -7.323  4.608   1.00 26.54 ? 151 PHE X CZ    1 
ATOM   1231 N N     . LEU A 1 152 ? 5.853   -10.978 -0.435  1.00 19.86 ? 152 LEU X N     1 
ATOM   1232 C CA    . LEU A 1 152 ? 5.404   -11.630 -1.661  1.00 22.35 ? 152 LEU X CA    1 
ATOM   1233 C C     . LEU A 1 152 ? 5.413   -10.626 -2.803  1.00 23.41 ? 152 LEU X C     1 
ATOM   1234 O O     . LEU A 1 152 ? 5.021   -9.481  -2.617  1.00 23.37 ? 152 LEU X O     1 
ATOM   1235 C CB    . LEU A 1 152 ? 3.993   -12.196 -1.514  1.00 20.42 ? 152 LEU X CB    1 
ATOM   1236 C CG    . LEU A 1 152 ? 3.656   -13.145 -0.369  1.00 26.70 ? 152 LEU X CG    1 
ATOM   1237 C CD1   . LEU A 1 152 ? 2.191   -13.585 -0.493  1.00 25.27 ? 152 LEU X CD1   1 
ATOM   1238 C CD2   . LEU A 1 152 ? 4.561   -14.351 -0.373  1.00 27.34 ? 152 LEU X CD2   1 
ATOM   1239 N N     . HIS A 1 153 ? 5.843   -11.063 -3.984  1.00 23.02 ? 153 HIS X N     1 
ATOM   1240 C CA    . HIS A 1 153 ? 5.598   -10.317 -5.211  1.00 22.61 ? 153 HIS X CA    1 
ATOM   1241 C C     . HIS A 1 153 ? 4.705   -11.214 -6.044  1.00 20.92 ? 153 HIS X C     1 
ATOM   1242 O O     . HIS A 1 153 ? 5.137   -12.280 -6.477  1.00 23.28 ? 153 HIS X O     1 
ATOM   1243 C CB    . HIS A 1 153 ? 6.906   -9.983  -5.948  1.00 19.07 ? 153 HIS X CB    1 
ATOM   1244 C CG    . HIS A 1 153 ? 6.707   -9.208  -7.213  1.00 23.30 ? 153 HIS X CG    1 
ATOM   1245 N ND1   . HIS A 1 153 ? 7.624   -9.214  -8.246  1.00 23.70 ? 153 HIS X ND1   1 
ATOM   1246 C CD2   . HIS A 1 153 ? 5.695   -8.399  -7.612  1.00 18.64 ? 153 HIS X CD2   1 
ATOM   1247 C CE1   . HIS A 1 153 ? 7.179   -8.448  -9.229  1.00 26.54 ? 153 HIS X CE1   1 
ATOM   1248 N NE2   . HIS A 1 153 ? 6.018   -7.931  -8.864  1.00 22.51 ? 153 HIS X NE2   1 
ATOM   1249 N N     . LEU A 1 154 ? 3.449   -10.818 -6.214  1.00 17.01 ? 154 LEU X N     1 
ATOM   1250 C CA    . LEU A 1 154 ? 2.476   -11.596 -6.981  1.00 20.73 ? 154 LEU X CA    1 
ATOM   1251 C C     . LEU A 1 154 ? 2.228   -10.931 -8.331  1.00 21.95 ? 154 LEU X C     1 
ATOM   1252 O O     . LEU A 1 154 ? 2.109   -9.713  -8.402  1.00 22.06 ? 154 LEU X O     1 
ATOM   1253 C CB    . LEU A 1 154 ? 1.153   -11.704 -6.222  1.00 22.74 ? 154 LEU X CB    1 
ATOM   1254 C CG    . LEU A 1 154 ? 1.210   -12.264 -4.809  1.00 24.88 ? 154 LEU X CG    1 
ATOM   1255 C CD1   . LEU A 1 154 ? -0.211  -12.349 -4.261  1.00 24.25 ? 154 LEU X CD1   1 
ATOM   1256 C CD2   . LEU A 1 154 ? 1.885   -13.638 -4.781  1.00 22.71 ? 154 LEU X CD2   1 
ATOM   1257 N N     . ILE A 1 155 ? 2.152   -11.721 -9.402  1.00 22.67 ? 155 ILE X N     1 
ATOM   1258 C CA    . ILE A 1 155 ? 1.916   -11.148 -10.723 1.00 21.24 ? 155 ILE X CA    1 
ATOM   1259 C C     . ILE A 1 155 ? 0.642   -11.769 -11.282 1.00 25.53 ? 155 ILE X C     1 
ATOM   1260 O O     . ILE A 1 155 ? 0.425   -12.965 -11.149 1.00 27.63 ? 155 ILE X O     1 
ATOM   1261 C CB    . ILE A 1 155 ? 3.102   -11.385 -11.672 1.00 23.49 ? 155 ILE X CB    1 
ATOM   1262 C CG1   . ILE A 1 155 ? 4.361   -10.695 -11.137 1.00 24.38 ? 155 ILE X CG1   1 
ATOM   1263 C CG2   . ILE A 1 155 ? 2.780   -10.837 -13.060 1.00 31.43 ? 155 ILE X CG2   1 
ATOM   1264 C CD1   . ILE A 1 155 ? 5.540   -10.896 -12.019 1.00 32.58 ? 155 ILE X CD1   1 
ATOM   1265 N N     . ARG A 1 156 ? -0.223  -10.950 -11.867 1.00 28.61 ? 156 ARG X N     1 
ATOM   1266 C CA    . ARG A 1 156 ? -1.507  -11.452 -12.346 1.00 32.95 ? 156 ARG X CA    1 
ATOM   1267 C C     . ARG A 1 156 ? -1.310  -12.497 -13.447 1.00 34.16 ? 156 ARG X C     1 
ATOM   1268 O O     . ARG A 1 156 ? -0.572  -12.257 -14.387 1.00 33.59 ? 156 ARG X O     1 
ATOM   1269 C CB    . ARG A 1 156 ? -2.353  -10.287 -12.852 1.00 30.52 ? 156 ARG X CB    1 
ATOM   1270 C CG    . ARG A 1 156 ? -3.738  -10.668 -13.306 1.00 41.63 ? 156 ARG X CG    1 
ATOM   1271 C CD    . ARG A 1 156 ? -4.415  -9.483  -13.978 1.00 34.36 ? 156 ARG X CD    1 
ATOM   1272 N NE    . ARG A 1 156 ? -4.469  -8.312  -13.106 1.00 28.58 ? 156 ARG X NE    1 
ATOM   1273 C CZ    . ARG A 1 156 ? -5.341  -8.166  -12.111 1.00 32.92 ? 156 ARG X CZ    1 
ATOM   1274 N NH1   . ARG A 1 156 ? -6.214  -9.125  -11.842 1.00 27.73 ? 156 ARG X NH1   1 
ATOM   1275 N NH2   . ARG A 1 156 ? -5.323  -7.064  -11.375 1.00 30.65 ? 156 ARG X NH2   1 
ATOM   1276 N N     . LYS A 1 157 ? -1.951  -13.658 -13.329 1.00 32.74 ? 157 LYS X N     1 
ATOM   1277 C CA    . LYS A 1 157 ? -1.829  -14.672 -14.380 1.00 40.56 ? 157 LYS X CA    1 
ATOM   1278 C C     . LYS A 1 157 ? -2.579  -14.272 -15.659 1.00 46.43 ? 157 LYS X C     1 
ATOM   1279 O O     . LYS A 1 157 ? -2.089  -14.447 -16.787 1.00 48.18 ? 157 LYS X O     1 
ATOM   1280 C CB    . LYS A 1 157 ? -2.339  -16.023 -13.893 1.00 35.78 ? 157 LYS X CB    1 
ATOM   1281 C CG    . LYS A 1 157 ? -1.515  -16.658 -12.801 1.00 35.36 ? 157 LYS X CG    1 
ATOM   1282 C CD    . LYS A 1 157 ? -2.110  -17.998 -12.415 1.00 35.23 ? 157 LYS X CD    1 
ATOM   1283 C CE    . LYS A 1 157 ? -1.372  -18.615 -11.258 1.00 37.10 ? 157 LYS X CE    1 
ATOM   1284 N NZ    . LYS A 1 157 ? -2.055  -19.867 -10.832 1.00 48.43 ? 157 LYS X NZ    1 
ATOM   1285 O OXT   . LYS A 1 157 ? -3.696  -13.755 -15.599 1.00 49.01 ? 157 LYS X OXT   1 
HETATM 1286 O "O3'" . XNP B 2 .   ? -9.672  4.700   8.738   1.00 23.70 ? 201 XNP X "O3'" 1 
HETATM 1287 C "C3'" . XNP B 2 .   ? -9.040  4.846   7.438   1.00 27.66 ? 201 XNP X "C3'" 1 
HETATM 1288 C "C2'" . XNP B 2 .   ? -7.532  5.031   7.490   1.00 28.81 ? 201 XNP X "C2'" 1 
HETATM 1289 O "O2'" . XNP B 2 .   ? -6.802  4.600   8.666   1.00 26.94 ? 201 XNP X "O2'" 1 
HETATM 1290 C CAA   . XNP B 2 .   ? -5.886  3.559   8.084   1.00 25.79 ? 201 XNP X CAA   1 
HETATM 1291 C CAB   . XNP B 2 .   ? -4.518  3.398   8.685   1.00 27.11 ? 201 XNP X CAB   1 
HETATM 1292 C CAC   . XNP B 2 .   ? -3.907  2.212   7.910   1.00 21.35 ? 201 XNP X CAC   1 
HETATM 1293 C CAD   . XNP B 2 .   ? -4.055  2.332   6.507   1.00 25.71 ? 201 XNP X CAD   1 
HETATM 1294 C CBT   . XNP B 2 .   ? -3.278  1.590   5.609   1.00 21.66 ? 201 XNP X CBT   1 
HETATM 1295 O OBV   . XNP B 2 .   ? -3.391  1.754   4.384   1.00 26.55 ? 201 XNP X OBV   1 
HETATM 1296 N NBU   . XNP B 2 .   ? -2.402  0.749   6.159   1.00 24.82 ? 201 XNP X NBU   1 
HETATM 1297 C CAE   . XNP B 2 .   ? -5.024  3.156   5.944   1.00 23.82 ? 201 XNP X CAE   1 
HETATM 1298 N NAF   . XNP B 2 .   ? -5.764  3.978   6.682   1.00 25.72 ? 201 XNP X NAF   1 
HETATM 1299 C "C1'" . XNP B 2 .   ? -7.183  3.783   6.639   1.00 34.65 ? 201 XNP X "C1'" 1 
HETATM 1300 O "O4'" . XNP B 2 .   ? -8.076  3.813   5.593   1.00 25.52 ? 201 XNP X "O4'" 1 
HETATM 1301 C "C4'" . XNP B 2 .   ? -9.107  3.554   6.584   1.00 25.24 ? 201 XNP X "C4'" 1 
HETATM 1302 C "C5'" . XNP B 2 .   ? -10.495 3.314   6.033   1.00 27.88 ? 201 XNP X "C5'" 1 
HETATM 1303 O "O5'" . XNP B 2 .   ? -10.761 4.323   5.090   1.00 22.15 ? 201 XNP X "O5'" 1 
HETATM 1304 P PAN   . XNP B 2 .   ? -10.483 4.127   3.521   1.00 24.37 ? 201 XNP X PAN   1 
HETATM 1305 O OBP   . XNP B 2 .   ? -11.878 4.609   2.821   1.00 25.21 ? 201 XNP X OBP   1 
HETATM 1306 O OBO   . XNP B 2 .   ? -10.127 2.746   3.142   1.00 22.61 ? 201 XNP X OBO   1 
HETATM 1307 O OAO   . XNP B 2 .   ? -9.435  5.289   3.231   1.00 24.84 ? 201 XNP X OAO   1 
HETATM 1308 P PAP   . XNP B 2 .   ? -8.609  5.395   1.872   1.00 21.20 ? 201 XNP X PAP   1 
HETATM 1309 O OBQ   . XNP B 2 .   ? -7.265  6.186   2.018   1.00 22.92 ? 201 XNP X OBQ   1 
HETATM 1310 O OBR   . XNP B 2 .   ? -9.184  4.921   0.598   1.00 24.71 ? 201 XNP X OBR   1 
HETATM 1311 O OAQ   . XNP B 2 .   ? -9.288  6.895   1.675   1.00 19.13 ? 201 XNP X OAQ   1 
HETATM 1312 C CAR   . XNP B 2 .   ? -10.694 7.105   1.299   1.00 20.61 ? 201 XNP X CAR   1 
HETATM 1313 C CAS   . XNP B 2 .   ? -10.898 8.486   0.603   1.00 22.45 ? 201 XNP X CAS   1 
HETATM 1314 O OAW   . XNP B 2 .   ? -10.241 8.545   -0.696  1.00 22.58 ? 201 XNP X OAW   1 
HETATM 1315 C CAT   . XNP B 2 .   ? -12.347 8.733   0.202   1.00 22.33 ? 201 XNP X CAT   1 
HETATM 1316 O OAZ   . XNP B 2 .   ? -13.148 9.128   1.327   1.00 20.92 ? 201 XNP X OAZ   1 
HETATM 1317 C CAU   . XNP B 2 .   ? -12.148 9.893   -0.763  1.00 22.45 ? 201 XNP X CAU   1 
HETATM 1318 O OAY   . XNP B 2 .   ? -11.610 11.029  -0.135  1.00 21.88 ? 201 XNP X OAY   1 
HETATM 1319 P PBA   . XNP B 2 .   ? -12.689 12.251  0.120   1.00 22.49 ? 201 XNP X PBA   1 
HETATM 1320 O OBB   . XNP B 2 .   ? -11.802 13.395  0.782   1.00 23.38 ? 201 XNP X OBB   1 
HETATM 1321 O OBC   . XNP B 2 .   ? -13.688 11.702  1.228   1.00 20.95 ? 201 XNP X OBC   1 
HETATM 1322 O OBD   . XNP B 2 .   ? -13.353 12.642  -1.148  1.00 25.81 ? 201 XNP X OBD   1 
HETATM 1323 C CAV   . XNP B 2 .   ? -11.110 9.267   -1.630  1.00 22.87 ? 201 XNP X CAV   1 
HETATM 1324 N NAX   . XNP B 2 .   ? -11.858 8.428   -2.571  1.00 29.07 ? 201 XNP X NAX   1 
HETATM 1325 C CBE   . XNP B 2 .   ? -11.277 7.106   -2.801  1.00 20.84 ? 201 XNP X CBE   1 
HETATM 1326 N NBF   . XNP B 2 .   ? -11.879 6.802   -4.140  1.00 24.64 ? 201 XNP X NBF   1 
HETATM 1327 C CBG   . XNP B 2 .   ? -12.160 7.960   -4.755  1.00 25.60 ? 201 XNP X CBG   1 
HETATM 1328 C CBH   . XNP B 2 .   ? -11.664 8.940   -3.910  1.00 25.18 ? 201 XNP X CBH   1 
HETATM 1329 N NBL   . XNP B 2 .   ? -12.039 10.329  -4.272  1.00 27.23 ? 201 XNP X NBL   1 
HETATM 1330 C CBK   . XNP B 2 .   ? -12.502 10.600  -5.558  1.00 25.94 ? 201 XNP X CBK   1 
HETATM 1331 N NBJ   . XNP B 2 .   ? -12.830 9.523   -6.399  1.00 28.72 ? 201 XNP X NBJ   1 
HETATM 1332 C CBI   . XNP B 2 .   ? -12.639 8.262   -5.963  1.00 29.01 ? 201 XNP X CBI   1 
HETATM 1333 N NBM   . XNP B 2 .   ? -12.938 7.230   -6.735  1.00 28.12 ? 201 XNP X NBM   1 
HETATM 1334 C C4    . U75 C 3 .   ? 2.907   -0.210  4.637   1.00 18.81 ? 202 U75 X C4    1 
HETATM 1335 C C5    . U75 C 3 .   ? 1.984   0.336   3.754   1.00 18.46 ? 202 U75 X C5    1 
HETATM 1336 C C6    . U75 C 3 .   ? 1.833   -0.262  2.505   1.00 20.32 ? 202 U75 X C6    1 
HETATM 1337 N N1    . U75 C 3 .   ? 2.553   -1.335  2.181   1.00 18.99 ? 202 U75 X N1    1 
HETATM 1338 N N3    . U75 C 3 .   ? 3.605   -1.290  4.272   1.00 18.46 ? 202 U75 X N3    1 
HETATM 1339 C CAI   . U75 C 3 .   ? 4.336   1.243   5.842   1.00 25.53 ? 202 U75 X CAI   1 
HETATM 1340 C CAH   . U75 C 3 .   ? 3.114   0.323   5.903   1.00 19.63 ? 202 U75 X CAH   1 
HETATM 1341 C C2    . U75 C 3 .   ? 3.435   -1.844  3.059   1.00 19.60 ? 202 U75 X C2    1 
HETATM 1342 N NAJ   . U75 C 3 .   ? 4.161   -2.911  2.717   1.00 18.08 ? 202 U75 X NAJ   1 
HETATM 1343 N NAG   . U75 C 3 .   ? 0.932   0.250   1.668   1.00 18.70 ? 202 U75 X NAG   1 
HETATM 1344 C CAK   . U75 C 3 .   ? 1.198   1.492   4.133   1.00 21.49 ? 202 U75 X CAK   1 
HETATM 1345 C CAL   . U75 C 3 .   ? 0.589   2.423   4.463   1.00 24.85 ? 202 U75 X CAL   1 
HETATM 1346 C CAM   . U75 C 3 .   ? -0.171  3.606   4.917   1.00 24.00 ? 202 U75 X CAM   1 
HETATM 1347 C CAN   . U75 C 3 .   ? 0.375   4.114   6.100   1.00 23.19 ? 202 U75 X CAN   1 
HETATM 1348 C CAO   . U75 C 3 .   ? 1.745   4.269   6.244   1.00 21.03 ? 202 U75 X CAO   1 
HETATM 1349 C CAS   . U75 C 3 .   ? -0.470  4.491   7.151   1.00 26.70 ? 202 U75 X CAS   1 
HETATM 1350 C CAR   . U75 C 3 .   ? 0.035   5.013   8.339   1.00 28.63 ? 202 U75 X CAR   1 
HETATM 1351 O OBB   . U75 C 3 .   ? -0.852  5.356   9.342   1.00 28.35 ? 202 U75 X OBB   1 
HETATM 1352 C CBC   . U75 C 3 .   ? -0.277  5.620   10.624  1.00 26.41 ? 202 U75 X CBC   1 
HETATM 1353 C CAQ   . U75 C 3 .   ? 1.419   5.153   8.482   1.00 24.32 ? 202 U75 X CAQ   1 
HETATM 1354 C CAP   . U75 C 3 .   ? 2.272   4.796   7.431   1.00 23.14 ? 202 U75 X CAP   1 
HETATM 1355 C CAT   . U75 C 3 .   ? 3.669   4.925   7.549   1.00 25.49 ? 202 U75 X CAT   1 
HETATM 1356 C CAU   . U75 C 3 .   ? 4.301   4.789   8.779   1.00 22.89 ? 202 U75 X CAU   1 
HETATM 1357 C CAV   . U75 C 3 .   ? 5.687   4.907   8.881   1.00 32.69 ? 202 U75 X CAV   1 
HETATM 1358 C CAW   . U75 C 3 .   ? 6.462   5.155   7.745   1.00 34.20 ? 202 U75 X CAW   1 
HETATM 1359 C CAZ   . U75 C 3 .   ? 7.859   5.267   7.848   1.00 40.54 ? 202 U75 X CAZ   1 
HETATM 1360 O OBD   . U75 C 3 .   ? 8.401   5.538   8.952   1.00 33.36 ? 202 U75 X OBD   1 
HETATM 1361 O OBA   . U75 C 3 .   ? 8.577   5.072   6.837   1.00 33.30 ? 202 U75 X OBA   1 
HETATM 1362 C CAX   . U75 C 3 .   ? 5.831   5.282   6.507   1.00 29.04 ? 202 U75 X CAX   1 
HETATM 1363 C CAY   . U75 C 3 .   ? 4.440   5.169   6.408   1.00 27.58 ? 202 U75 X CAY   1 
HETATM 1364 C C1    . GOL D 4 .   ? -5.218  -14.682 1.610   1.00 44.95 ? 203 GOL X C1    1 
HETATM 1365 O O1    . GOL D 4 .   ? -5.097  -15.017 0.244   1.00 46.04 ? 203 GOL X O1    1 
HETATM 1366 C C2    . GOL D 4 .   ? -6.410  -13.744 1.786   1.00 38.73 ? 203 GOL X C2    1 
HETATM 1367 O O2    . GOL D 4 .   ? -7.254  -14.149 2.844   1.00 40.95 ? 203 GOL X O2    1 
HETATM 1368 C C3    . GOL D 4 .   ? -7.174  -13.587 0.475   1.00 33.06 ? 203 GOL X C3    1 
HETATM 1369 O O3    . GOL D 4 .   ? -8.559  -13.876 0.575   1.00 37.84 ? 203 GOL X O3    1 
HETATM 1370 O O     . HOH E 5 .   ? -8.795  17.138  4.694   1.00 40.61 ? 301 HOH X O     1 
HETATM 1371 O O     . HOH E 5 .   ? 13.495  2.907   -5.487  1.00 37.10 ? 302 HOH X O     1 
HETATM 1372 O O     . HOH E 5 .   ? -10.115 20.498  3.012   1.00 32.45 ? 303 HOH X O     1 
HETATM 1373 O O     . HOH E 5 .   ? -12.524 15.338  2.196   1.00 26.72 ? 304 HOH X O     1 
HETATM 1374 O O     . HOH E 5 .   ? -14.008 5.540   3.771   1.00 29.92 ? 305 HOH X O     1 
HETATM 1375 O O     . HOH E 5 .   ? -8.373  -9.253  -9.699  1.00 32.86 ? 306 HOH X O     1 
HETATM 1376 O O     . HOH E 5 .   ? 8.360   -5.528  15.869  1.00 38.84 ? 307 HOH X O     1 
HETATM 1377 O O     . HOH E 5 .   ? 14.834  -3.168  10.214  1.00 45.17 ? 308 HOH X O     1 
HETATM 1378 O O     . HOH E 5 .   ? 8.301   -17.822 1.760   1.00 37.23 ? 309 HOH X O     1 
HETATM 1379 O O     . HOH E 5 .   ? 11.019  -0.163  -7.136  1.00 28.44 ? 310 HOH X O     1 
HETATM 1380 O O     . HOH E 5 .   ? 14.498  -3.113  12.553  1.00 39.46 ? 311 HOH X O     1 
HETATM 1381 O O     . HOH E 5 .   ? 13.796  1.814   -8.208  1.00 39.28 ? 312 HOH X O     1 
HETATM 1382 O O     . HOH E 5 .   ? 12.555  -5.461  0.879   1.00 40.14 ? 313 HOH X O     1 
HETATM 1383 O O     . HOH E 5 .   ? 9.191   5.661   -11.720 1.00 34.49 ? 314 HOH X O     1 
HETATM 1384 O O     . HOH E 5 .   ? -6.345  -10.439 17.688  1.00 32.47 ? 315 HOH X O     1 
HETATM 1385 O O     . HOH E 5 .   ? -2.569  8.206   12.338  1.00 31.27 ? 316 HOH X O     1 
HETATM 1386 O O     . HOH E 5 .   ? -4.903  18.157  5.078   1.00 42.37 ? 317 HOH X O     1 
HETATM 1387 O O     . HOH E 5 .   ? 1.721   0.899   19.653  1.00 47.32 ? 318 HOH X O     1 
HETATM 1388 O O     . HOH E 5 .   ? -2.175  0.050   2.805   1.00 19.97 ? 319 HOH X O     1 
HETATM 1389 O O     . HOH E 5 .   ? -10.322 16.717  2.607   1.00 33.00 ? 320 HOH X O     1 
HETATM 1390 O O     . HOH E 5 .   ? 6.657   7.177   -10.915 1.00 31.96 ? 321 HOH X O     1 
HETATM 1391 O O     . HOH E 5 .   ? -12.562 1.274   14.637  1.00 27.15 ? 322 HOH X O     1 
HETATM 1392 O O     . HOH E 5 .   ? -15.474 -0.527  1.427   1.00 37.82 ? 323 HOH X O     1 
HETATM 1393 O O     . HOH E 5 .   ? -13.268 -2.370  7.088   1.00 29.75 ? 324 HOH X O     1 
HETATM 1394 O O     . HOH E 5 .   ? 3.646   19.060  3.375   1.00 40.03 ? 325 HOH X O     1 
HETATM 1395 O O     . HOH E 5 .   ? -12.097 -9.236  -3.467  1.00 38.53 ? 326 HOH X O     1 
HETATM 1396 O O     . HOH E 5 .   ? 10.378  -6.410  -8.431  1.00 40.87 ? 327 HOH X O     1 
HETATM 1397 O O     . HOH E 5 .   ? 8.144   3.357   4.838   1.00 30.55 ? 328 HOH X O     1 
HETATM 1398 O O     . HOH E 5 .   ? 9.201   5.057   2.913   1.00 32.87 ? 329 HOH X O     1 
HETATM 1399 O O     . HOH E 5 .   ? 4.871   -17.941 0.184   1.00 35.33 ? 330 HOH X O     1 
HETATM 1400 O O     . HOH E 5 .   ? 6.602   -4.193  -10.531 1.00 28.01 ? 331 HOH X O     1 
HETATM 1401 O O     . HOH E 5 .   ? -14.208 10.099  -8.632  1.00 31.78 ? 332 HOH X O     1 
HETATM 1402 O O     . HOH E 5 .   ? -13.992 13.755  -7.448  1.00 36.92 ? 333 HOH X O     1 
HETATM 1403 O O     . HOH E 5 .   ? 7.824   5.500   11.584  1.00 40.30 ? 334 HOH X O     1 
HETATM 1404 O O     . HOH E 5 .   ? 9.391   -11.108 -2.520  1.00 23.19 ? 335 HOH X O     1 
HETATM 1405 O O     . HOH E 5 .   ? 10.457  0.437   -10.005 1.00 30.31 ? 336 HOH X O     1 
HETATM 1406 O O     . HOH E 5 .   ? -5.244  -3.636  16.689  1.00 32.07 ? 337 HOH X O     1 
HETATM 1407 O O     . HOH E 5 .   ? 4.315   -2.132  8.542   1.00 25.05 ? 338 HOH X O     1 
HETATM 1408 O O     . HOH E 5 .   ? -9.581  -9.889  -5.635  1.00 37.73 ? 339 HOH X O     1 
HETATM 1409 O O     . HOH E 5 .   ? -12.606 -4.149  14.970  1.00 29.45 ? 340 HOH X O     1 
HETATM 1410 O O     . HOH E 5 .   ? 14.679  -14.896 4.276   1.00 30.35 ? 341 HOH X O     1 
HETATM 1411 O O     . HOH E 5 .   ? -6.976  -10.076 12.047  1.00 23.40 ? 342 HOH X O     1 
HETATM 1412 O O     . HOH E 5 .   ? -2.111  18.964  -6.817  1.00 38.78 ? 343 HOH X O     1 
HETATM 1413 O O     . HOH E 5 .   ? -4.601  -6.333  17.688  1.00 28.29 ? 344 HOH X O     1 
HETATM 1414 O O     . HOH E 5 .   ? 4.038   9.687   -11.655 1.00 32.74 ? 345 HOH X O     1 
HETATM 1415 O O     . HOH E 5 .   ? -7.340  9.361   8.280   1.00 27.34 ? 346 HOH X O     1 
HETATM 1416 O O     . HOH E 5 .   ? -15.094 7.422   2.299   1.00 36.00 ? 347 HOH X O     1 
HETATM 1417 O O     . HOH E 5 .   ? -12.616 24.689  -4.004  1.00 37.58 ? 348 HOH X O     1 
HETATM 1418 O O     . HOH E 5 .   ? 12.545  1.070   9.107   1.00 41.45 ? 349 HOH X O     1 
HETATM 1419 O O     . HOH E 5 .   ? -8.103  -12.790 -6.968  1.00 31.43 ? 350 HOH X O     1 
HETATM 1420 O O     . HOH E 5 .   ? -12.969 -4.983  -5.565  1.00 41.73 ? 351 HOH X O     1 
HETATM 1421 O O     . HOH E 5 .   ? -1.888  -14.188 1.372   1.00 36.78 ? 352 HOH X O     1 
HETATM 1422 O O     . HOH E 5 .   ? 0.701   -17.125 5.751   1.00 45.68 ? 353 HOH X O     1 
HETATM 1423 O O     . HOH E 5 .   ? -1.686  19.475  -2.917  1.00 42.53 ? 354 HOH X O     1 
HETATM 1424 O O     . HOH E 5 .   ? -0.278  -19.299 -7.556  1.00 41.18 ? 355 HOH X O     1 
HETATM 1425 O O     . HOH E 5 .   ? -13.487 21.507  1.260   1.00 32.29 ? 356 HOH X O     1 
HETATM 1426 O O     . HOH E 5 .   ? 5.614   5.922   -17.876 1.00 42.48 ? 357 HOH X O     1 
HETATM 1427 O O     . HOH E 5 .   ? -14.493 0.690   -2.596  1.00 36.49 ? 358 HOH X O     1 
HETATM 1428 O O     . HOH E 5 .   ? -10.944 -11.440 7.565   1.00 23.68 ? 359 HOH X O     1 
HETATM 1429 O O     . HOH E 5 .   ? -8.344  2.960   10.623  1.00 27.34 ? 360 HOH X O     1 
HETATM 1430 O O     . HOH E 5 .   ? 0.384   20.837  -3.991  1.00 37.23 ? 361 HOH X O     1 
HETATM 1431 O O     . HOH E 5 .   ? -11.553 -4.855  1.349   1.00 23.23 ? 362 HOH X O     1 
HETATM 1432 O O     . HOH E 5 .   ? -4.511  1.653   16.599  1.00 42.10 ? 363 HOH X O     1 
HETATM 1433 O O     . HOH E 5 .   ? -1.012  -1.939  6.483   1.00 30.62 ? 364 HOH X O     1 
HETATM 1434 O O     . HOH E 5 .   ? 13.564  7.027   -10.389 1.00 35.53 ? 365 HOH X O     1 
HETATM 1435 O O     . HOH E 5 .   ? 14.632  14.709  0.691   1.00 44.59 ? 366 HOH X O     1 
HETATM 1436 O O     . HOH E 5 .   ? 6.489   -7.463  -1.225  1.00 19.64 ? 367 HOH X O     1 
HETATM 1437 O O     . HOH E 5 .   ? 10.072  -10.577 -7.651  1.00 29.98 ? 368 HOH X O     1 
HETATM 1438 O O     . HOH E 5 .   ? 2.787   -19.343 -8.175  1.00 37.12 ? 369 HOH X O     1 
HETATM 1439 O O     . HOH E 5 .   ? -15.421 9.541   6.258   1.00 31.31 ? 370 HOH X O     1 
HETATM 1440 O O     . HOH E 5 .   ? -13.206 7.972   -9.815  1.00 31.56 ? 371 HOH X O     1 
HETATM 1441 O O     . HOH E 5 .   ? 11.437  14.731  -0.731  1.00 35.74 ? 372 HOH X O     1 
HETATM 1442 O O     . HOH E 5 .   ? -7.994  19.816  -4.504  1.00 39.09 ? 373 HOH X O     1 
HETATM 1443 O O     . HOH E 5 .   ? 9.376   -13.882 9.506   1.00 22.07 ? 374 HOH X O     1 
HETATM 1444 O O     . HOH E 5 .   ? -10.921 -3.520  -8.452  1.00 29.82 ? 375 HOH X O     1 
HETATM 1445 O O     . HOH E 5 .   ? 13.815  7.583   0.699   1.00 33.16 ? 376 HOH X O     1 
HETATM 1446 O O     . HOH E 5 .   ? 2.788   1.126   14.119  1.00 40.06 ? 377 HOH X O     1 
HETATM 1447 O O     . HOH E 5 .   ? 4.815   -5.008  0.619   1.00 18.07 ? 378 HOH X O     1 
HETATM 1448 O O     . HOH E 5 .   ? -0.570  -1.656  4.231   1.00 18.90 ? 379 HOH X O     1 
HETATM 1449 O O     . HOH E 5 .   ? 4.872   -0.966  11.165  1.00 26.17 ? 380 HOH X O     1 
HETATM 1450 O O     . HOH E 5 .   ? -14.275 0.797   9.677   1.00 42.20 ? 381 HOH X O     1 
HETATM 1451 O O     . HOH E 5 .   ? 10.637  -12.829 -9.315  1.00 26.20 ? 382 HOH X O     1 
HETATM 1452 O O     . HOH E 5 .   ? 8.909   10.136  -8.864  1.00 37.81 ? 383 HOH X O     1 
HETATM 1453 O O     . HOH E 5 .   ? 14.634  -10.985 4.730   1.00 39.92 ? 384 HOH X O     1 
HETATM 1454 O O     . HOH E 5 .   ? 0.956   3.363   12.928  1.00 30.78 ? 385 HOH X O     1 
HETATM 1455 O O     . HOH E 5 .   ? 15.251  0.913   2.786   1.00 39.00 ? 386 HOH X O     1 
HETATM 1456 O O     . HOH E 5 .   ? 13.543  -4.936  4.525   1.00 36.50 ? 387 HOH X O     1 
HETATM 1457 O O     . HOH E 5 .   ? -10.776 -7.325  13.196  1.00 26.22 ? 388 HOH X O     1 
HETATM 1458 O O     . HOH E 5 .   ? 9.584   -2.654  -8.459  1.00 35.11 ? 389 HOH X O     1 
HETATM 1459 O O     . HOH E 5 .   ? 12.450  8.280   2.885   1.00 42.34 ? 390 HOH X O     1 
HETATM 1460 O O     . HOH E 5 .   ? 7.856   -15.661 7.632   1.00 33.70 ? 391 HOH X O     1 
HETATM 1461 O O     . HOH E 5 .   ? 6.807   -17.805 4.420   1.00 42.27 ? 392 HOH X O     1 
HETATM 1462 O O     . HOH E 5 .   ? -7.717  -10.458 -7.172  1.00 38.70 ? 393 HOH X O     1 
HETATM 1463 O O     . HOH E 5 .   ? 14.571  -8.842  6.687   1.00 39.12 ? 394 HOH X O     1 
HETATM 1464 O O     . HOH E 5 .   ? -0.305  4.376   -14.399 1.00 43.01 ? 395 HOH X O     1 
HETATM 1465 O O     . HOH E 5 .   ? -15.045 7.991   -2.559  1.00 38.57 ? 396 HOH X O     1 
HETATM 1466 O O     . HOH E 5 .   ? -9.764  -9.551  11.754  1.00 26.49 ? 397 HOH X O     1 
HETATM 1467 O O     . HOH E 5 .   ? 16.516  8.054   -0.076  1.00 46.53 ? 398 HOH X O     1 
HETATM 1468 O O     . HOH E 5 .   ? 11.050  6.959   4.166   1.00 34.18 ? 399 HOH X O     1 
HETATM 1469 O O     . HOH E 5 .   ? 5.545   -7.034  -13.131 1.00 40.65 ? 400 HOH X O     1 
HETATM 1470 O O     . HOH E 5 .   ? -15.100 19.882  -2.108  1.00 32.54 ? 401 HOH X O     1 
HETATM 1471 O O     . HOH E 5 .   ? 1.264   13.113  -14.492 1.00 39.38 ? 402 HOH X O     1 
HETATM 1472 O O     . HOH E 5 .   ? 10.517  -19.117 2.217   1.00 37.59 ? 403 HOH X O     1 
HETATM 1473 O O     . HOH E 5 .   ? 12.021  -10.208 -3.226  1.00 40.27 ? 404 HOH X O     1 
HETATM 1474 O O     . HOH E 5 .   ? 12.917  2.720   6.748   1.00 32.95 ? 405 HOH X O     1 
HETATM 1475 O O     . HOH E 5 .   ? 8.066   -3.738  -12.586 1.00 43.05 ? 406 HOH X O     1 
HETATM 1476 O O     . HOH E 5 .   ? 10.106  4.060   -13.943 1.00 43.91 ? 407 HOH X O     1 
HETATM 1477 O O     . HOH E 5 .   ? 8.570   -8.372  -2.771  1.00 25.00 ? 408 HOH X O     1 
HETATM 1478 O O     . HOH E 5 .   ? -12.701 -12.915 11.643  1.00 38.44 ? 409 HOH X O     1 
HETATM 1479 O O     . HOH E 5 .   ? -15.836 6.744   -4.382  1.00 40.51 ? 410 HOH X O     1 
HETATM 1480 O O     . HOH E 5 .   ? 8.549   0.023   15.474  1.00 42.20 ? 411 HOH X O     1 
HETATM 1481 O O     . HOH E 5 .   ? 15.641  7.776   -6.134  1.00 40.47 ? 412 HOH X O     1 
HETATM 1482 O O     . HOH E 5 .   ? -11.478 -10.882 10.102  1.00 25.35 ? 413 HOH X O     1 
HETATM 1483 O O     . HOH E 5 .   ? 5.353   1.369   12.360  1.00 36.00 ? 414 HOH X O     1 
HETATM 1484 O O     . HOH E 5 .   ? -4.778  -7.054  20.393  1.00 31.40 ? 415 HOH X O     1 
HETATM 1485 O O     . HOH E 5 .   ? -14.713 0.771   5.605   1.00 43.50 ? 416 HOH X O     1 
HETATM 1486 O O     . HOH E 5 .   ? -15.195 -0.342  -5.741  1.00 44.89 ? 417 HOH X O     1 
HETATM 1487 O O     . HOH E 5 .   ? 14.757  -16.459 6.721   1.00 34.68 ? 418 HOH X O     1 
HETATM 1488 O O     . HOH E 5 .   ? 10.838  -7.129  -3.349  1.00 41.71 ? 419 HOH X O     1 
HETATM 1489 O O     . HOH E 5 .   ? 3.004   4.746   11.926  1.00 35.79 ? 420 HOH X O     1 
# 
